data_1I2X
# 
_entry.id   1I2X 
# 
_audit_conform.dict_name       mmcif_pdbx.dic 
_audit_conform.dict_version    5.386 
_audit_conform.dict_location   http://mmcif.pdb.org/dictionaries/ascii/mmcif_pdbx.dic 
# 
loop_
_database_2.database_id 
_database_2.database_code 
_database_2.pdbx_database_accession 
_database_2.pdbx_DOI 
PDB   1I2X         pdb_00001i2x 10.2210/pdb1i2x/pdb 
NDB   AH0013       ?            ?                   
RCSB  RCSB012836   ?            ?                   
WWPDB D_1000012836 ?            ?                   
# 
loop_
_pdbx_audit_revision_history.ordinal 
_pdbx_audit_revision_history.data_content_type 
_pdbx_audit_revision_history.major_revision 
_pdbx_audit_revision_history.minor_revision 
_pdbx_audit_revision_history.revision_date 
1 'Structure model' 1 0 2001-04-21 
2 'Structure model' 1 1 2008-04-27 
3 'Structure model' 1 2 2011-07-13 
4 'Structure model' 1 3 2024-02-07 
# 
_pdbx_audit_revision_details.ordinal             1 
_pdbx_audit_revision_details.revision_ordinal    1 
_pdbx_audit_revision_details.data_content_type   'Structure model' 
_pdbx_audit_revision_details.provider            repository 
_pdbx_audit_revision_details.type                'Initial release' 
_pdbx_audit_revision_details.description         ? 
_pdbx_audit_revision_details.details             ? 
# 
loop_
_pdbx_audit_revision_group.ordinal 
_pdbx_audit_revision_group.revision_ordinal 
_pdbx_audit_revision_group.data_content_type 
_pdbx_audit_revision_group.group 
1 2 'Structure model' 'Version format compliance' 
2 3 'Structure model' 'Version format compliance' 
3 4 'Structure model' 'Data collection'           
4 4 'Structure model' 'Database references'       
5 4 'Structure model' 'Derived calculations'      
# 
loop_
_pdbx_audit_revision_category.ordinal 
_pdbx_audit_revision_category.revision_ordinal 
_pdbx_audit_revision_category.data_content_type 
_pdbx_audit_revision_category.category 
1 4 'Structure model' chem_comp_atom 
2 4 'Structure model' chem_comp_bond 
3 4 'Structure model' database_2     
4 4 'Structure model' struct_site    
# 
loop_
_pdbx_audit_revision_item.ordinal 
_pdbx_audit_revision_item.revision_ordinal 
_pdbx_audit_revision_item.data_content_type 
_pdbx_audit_revision_item.item 
1 4 'Structure model' '_database_2.pdbx_DOI'                
2 4 'Structure model' '_database_2.pdbx_database_accession' 
3 4 'Structure model' '_struct_site.pdbx_auth_asym_id'      
4 4 'Structure model' '_struct_site.pdbx_auth_comp_id'      
5 4 'Structure model' '_struct_site.pdbx_auth_seq_id'       
# 
_pdbx_database_status.status_code                     REL 
_pdbx_database_status.entry_id                        1I2X 
_pdbx_database_status.recvd_initial_deposition_date   2001-02-12 
_pdbx_database_status.deposit_site                    RCSB 
_pdbx_database_status.process_site                    RCSB 
_pdbx_database_status.status_code_sf                  REL 
_pdbx_database_status.SG_entry                        . 
_pdbx_database_status.status_code_mr                  ? 
_pdbx_database_status.pdb_format_compatible           Y 
_pdbx_database_status.status_code_cs                  ? 
_pdbx_database_status.status_code_nmr_data            ? 
_pdbx_database_status.methods_development_category    ? 
# 
loop_
_audit_author.name 
_audit_author.pdbx_ordinal 
'Tereshko, V.' 1 
'Wallace, S.'  2 
'Usman, N.'    3 
'Wincott, F.'  4 
'Egli, M.'     5 
# 
_citation.id                        primary 
_citation.title                     
;X-ray crystallographic observation of "in-line" and "adjacent" conformations in a bulged self-cleaving RNA/DNA hybrid.
;
_citation.journal_abbrev            RNA 
_citation.journal_volume            7 
_citation.page_first                405 
_citation.page_last                 420 
_citation.year                      2001 
_citation.journal_id_ASTM           RNARFU 
_citation.country                   UK 
_citation.journal_id_ISSN           1355-8382 
_citation.journal_id_CSD            2122 
_citation.book_publisher            ? 
_citation.pdbx_database_id_PubMed   11333021 
_citation.pdbx_database_id_DOI      10.1017/S1355838201001935 
# 
loop_
_citation_author.citation_id 
_citation_author.name 
_citation_author.ordinal 
_citation_author.identifier_ORCID 
primary 'Tereshko, V.'  1 ? 
primary 'Wallace, S.T.' 2 ? 
primary 'Usman, N.'     3 ? 
primary 'Wincott, F.E.' 4 ? 
primary 'Egli, M.'      5 ? 
# 
loop_
_entity.id 
_entity.type 
_entity.src_method 
_entity.pdbx_description 
_entity.formula_weight 
_entity.pdbx_number_of_molecules 
_entity.pdbx_ec 
_entity.pdbx_mutation 
_entity.pdbx_fragment 
_entity.details 
1 polymer     syn 
;DNA/RNA (5'-R(*GP*CP*G)-D(P*AP*TP*AP*T)-R(P*AP*CP*GP*U)-3')
;
3471.194 4  ? ? ? ? 
2 non-polymer syn SPERMIDINE                                                    145.246  1  ? ? ? ? 
3 water       nat water                                                         18.015   79 ? ? ? ? 
# 
_entity_poly.entity_id                      1 
_entity_poly.type                           'polydeoxyribonucleotide/polyribonucleotide hybrid' 
_entity_poly.nstd_linkage                   no 
_entity_poly.nstd_monomer                   no 
_entity_poly.pdbx_seq_one_letter_code       'GCG(DA)(DT)(DA)(DT)ACGU' 
_entity_poly.pdbx_seq_one_letter_code_can   GCGATATACGU 
_entity_poly.pdbx_strand_id                 A,B,D,C 
_entity_poly.pdbx_target_identifier         ? 
# 
loop_
_pdbx_entity_nonpoly.entity_id 
_pdbx_entity_nonpoly.name 
_pdbx_entity_nonpoly.comp_id 
2 SPERMIDINE SPD 
3 water      HOH 
# 
loop_
_entity_poly_seq.entity_id 
_entity_poly_seq.num 
_entity_poly_seq.mon_id 
_entity_poly_seq.hetero 
1 1  G  n 
1 2  C  n 
1 3  G  n 
1 4  DA n 
1 5  DT n 
1 6  DA n 
1 7  DT n 
1 8  A  n 
1 9  C  n 
1 10 G  n 
1 11 U  n 
# 
loop_
_chem_comp.id 
_chem_comp.type 
_chem_comp.mon_nstd_flag 
_chem_comp.name 
_chem_comp.pdbx_synonyms 
_chem_comp.formula 
_chem_comp.formula_weight 
A   'RNA linking' y "ADENOSINE-5'-MONOPHOSPHATE"         ?                                              'C10 H14 N5 O7 P' 347.221 
C   'RNA linking' y "CYTIDINE-5'-MONOPHOSPHATE"          ?                                              'C9 H14 N3 O8 P'  323.197 
DA  'DNA linking' y "2'-DEOXYADENOSINE-5'-MONOPHOSPHATE" ?                                              'C10 H14 N5 O6 P' 331.222 
DT  'DNA linking' y "THYMIDINE-5'-MONOPHOSPHATE"         ?                                              'C10 H15 N2 O8 P' 322.208 
G   'RNA linking' y "GUANOSINE-5'-MONOPHOSPHATE"         ?                                              'C10 H14 N5 O8 P' 363.221 
HOH non-polymer   . WATER                                ?                                              'H2 O'            18.015  
SPD non-polymer   . SPERMIDINE                           'N-(2-AMINO-PROPYL)-1,4-DIAMINOBUTANE; PA(34)' 'C7 H19 N3'       145.246 
U   'RNA linking' y "URIDINE-5'-MONOPHOSPHATE"           ?                                              'C9 H13 N2 O9 P'  324.181 
# 
loop_
_pdbx_poly_seq_scheme.asym_id 
_pdbx_poly_seq_scheme.entity_id 
_pdbx_poly_seq_scheme.seq_id 
_pdbx_poly_seq_scheme.mon_id 
_pdbx_poly_seq_scheme.ndb_seq_num 
_pdbx_poly_seq_scheme.pdb_seq_num 
_pdbx_poly_seq_scheme.auth_seq_num 
_pdbx_poly_seq_scheme.pdb_mon_id 
_pdbx_poly_seq_scheme.auth_mon_id 
_pdbx_poly_seq_scheme.pdb_strand_id 
_pdbx_poly_seq_scheme.pdb_ins_code 
_pdbx_poly_seq_scheme.hetero 
A 1 1  G  1  1   1   G  G A . n 
A 1 2  C  2  2   2   C  C A . n 
A 1 3  G  3  3   3   G  G A . n 
A 1 4  DA 4  4   4   DA A A . n 
A 1 5  DT 5  5   5   DT T A . n 
A 1 6  DA 6  6   6   DA A A . n 
A 1 7  DT 7  7   7   DT T A . n 
A 1 8  A  8  8   8   A  A A . n 
A 1 9  C  9  9   9   C  C A . n 
A 1 10 G  10 10  10  G  G A . n 
A 1 11 U  11 11  11  U  U A . n 
B 1 1  G  1  21  21  G  G B . n 
B 1 2  C  2  22  22  C  C B . n 
B 1 3  G  3  23  23  G  G B . n 
B 1 4  DA 4  24  24  DA A B . n 
B 1 5  DT 5  25  25  DT T B . n 
B 1 6  DA 6  26  26  DA A B . n 
B 1 7  DT 7  27  27  DT T B . n 
B 1 8  A  8  28  28  A  A B . n 
B 1 9  C  9  29  29  C  C B . n 
B 1 10 G  10 30  30  G  G B . n 
B 1 11 U  11 31  31  U  U B . n 
C 1 1  G  1  101 101 G  G D . n 
C 1 2  C  2  102 102 C  C D . n 
C 1 3  G  3  103 103 G  G D . n 
C 1 4  DA 4  104 104 DA A D . n 
C 1 5  DT 5  105 105 DT T D . n 
C 1 6  DA 6  106 106 DA A D . n 
C 1 7  DT 7  107 107 DT T D . n 
C 1 8  A  8  108 108 A  A D . n 
C 1 9  C  9  109 109 C  C D . n 
C 1 10 G  10 110 110 G  G D . n 
C 1 11 U  11 111 111 U  U D . n 
D 1 1  G  1  121 121 G  G C . n 
D 1 2  C  2  122 122 C  C C . n 
D 1 3  G  3  123 123 G  G C . n 
D 1 4  DA 4  124 124 DA A C . n 
D 1 5  DT 5  125 125 DT T C . n 
D 1 6  DA 6  126 126 DA A C . n 
D 1 7  DT 7  127 127 DT T C . n 
D 1 8  A  8  128 128 A  A C . n 
D 1 9  C  9  129 129 C  C C . n 
D 1 10 G  10 130 130 G  G C . n 
D 1 11 U  11 131 131 U  U C . n 
# 
loop_
_pdbx_nonpoly_scheme.asym_id 
_pdbx_nonpoly_scheme.entity_id 
_pdbx_nonpoly_scheme.mon_id 
_pdbx_nonpoly_scheme.ndb_seq_num 
_pdbx_nonpoly_scheme.pdb_seq_num 
_pdbx_nonpoly_scheme.auth_seq_num 
_pdbx_nonpoly_scheme.pdb_mon_id 
_pdbx_nonpoly_scheme.auth_mon_id 
_pdbx_nonpoly_scheme.pdb_strand_id 
_pdbx_nonpoly_scheme.pdb_ins_code 
E 2 SPD 1  200 200 SPD SPD D . 
F 3 HOH 1  205 205 HOH HOH A . 
F 3 HOH 2  208 208 HOH HOH A . 
F 3 HOH 3  214 214 HOH HOH A . 
F 3 HOH 4  215 215 HOH HOH A . 
F 3 HOH 5  219 219 HOH HOH A . 
F 3 HOH 6  221 221 HOH HOH A . 
F 3 HOH 7  222 222 HOH HOH A . 
F 3 HOH 8  224 224 HOH HOH A . 
F 3 HOH 9  227 227 HOH HOH A . 
F 3 HOH 10 231 231 HOH HOH A . 
F 3 HOH 11 239 239 HOH HOH A . 
F 3 HOH 12 241 241 HOH HOH A . 
F 3 HOH 13 242 242 HOH HOH A . 
F 3 HOH 14 246 246 HOH HOH A . 
F 3 HOH 15 252 252 HOH HOH A . 
F 3 HOH 16 253 253 HOH HOH A . 
F 3 HOH 17 257 257 HOH HOH A . 
F 3 HOH 18 258 258 HOH HOH A . 
F 3 HOH 19 260 260 HOH HOH A . 
F 3 HOH 20 281 281 HOH HOH A . 
G 3 HOH 1  201 201 HOH HOH B . 
G 3 HOH 2  207 207 HOH HOH B . 
G 3 HOH 3  209 209 HOH HOH B . 
G 3 HOH 4  211 211 HOH HOH B . 
G 3 HOH 5  216 216 HOH HOH B . 
G 3 HOH 6  218 218 HOH HOH B . 
G 3 HOH 7  229 229 HOH HOH B . 
G 3 HOH 8  237 237 HOH HOH B . 
G 3 HOH 9  240 240 HOH HOH B . 
G 3 HOH 10 243 243 HOH HOH B . 
G 3 HOH 11 248 248 HOH HOH B . 
G 3 HOH 12 249 249 HOH HOH B . 
G 3 HOH 13 259 259 HOH HOH B . 
G 3 HOH 14 265 265 HOH HOH B . 
G 3 HOH 15 279 279 HOH HOH B . 
H 3 HOH 1  202 202 HOH HOH D . 
H 3 HOH 2  203 203 HOH HOH D . 
H 3 HOH 3  204 204 HOH HOH D . 
H 3 HOH 4  206 206 HOH HOH D . 
H 3 HOH 5  217 217 HOH HOH D . 
H 3 HOH 6  228 228 HOH HOH D . 
H 3 HOH 7  234 234 HOH HOH D . 
H 3 HOH 8  235 235 HOH HOH D . 
H 3 HOH 9  238 238 HOH HOH D . 
H 3 HOH 10 244 244 HOH HOH D . 
H 3 HOH 11 245 245 HOH HOH D . 
H 3 HOH 12 247 247 HOH HOH D . 
H 3 HOH 13 263 263 HOH HOH D . 
H 3 HOH 14 264 264 HOH HOH D . 
H 3 HOH 15 266 266 HOH HOH D . 
H 3 HOH 16 268 268 HOH HOH D . 
H 3 HOH 17 272 272 HOH HOH D . 
H 3 HOH 18 273 273 HOH HOH D . 
H 3 HOH 19 276 276 HOH HOH D . 
H 3 HOH 20 278 278 HOH HOH D . 
I 3 HOH 1  210 210 HOH HOH C . 
I 3 HOH 2  212 212 HOH HOH C . 
I 3 HOH 3  213 213 HOH HOH C . 
I 3 HOH 4  223 223 HOH HOH C . 
I 3 HOH 5  225 225 HOH HOH C . 
I 3 HOH 6  226 226 HOH HOH C . 
I 3 HOH 7  232 232 HOH HOH C . 
I 3 HOH 8  233 233 HOH HOH C . 
I 3 HOH 9  236 236 HOH HOH C . 
I 3 HOH 10 250 250 HOH HOH C . 
I 3 HOH 11 251 251 HOH HOH C . 
I 3 HOH 12 254 254 HOH HOH C . 
I 3 HOH 13 255 255 HOH HOH C . 
I 3 HOH 14 256 256 HOH HOH C . 
I 3 HOH 15 261 261 HOH HOH C . 
I 3 HOH 16 262 262 HOH HOH C . 
I 3 HOH 17 267 267 HOH HOH C . 
I 3 HOH 18 269 269 HOH HOH C . 
I 3 HOH 19 270 270 HOH HOH C . 
I 3 HOH 20 271 271 HOH HOH C . 
I 3 HOH 21 274 274 HOH HOH C . 
I 3 HOH 22 275 275 HOH HOH C . 
I 3 HOH 23 277 277 HOH HOH C . 
I 3 HOH 24 280 280 HOH HOH C . 
# 
loop_
_software.name 
_software.classification 
_software.version 
_software.citation_id 
_software.pdbx_ordinal 
DENZO     'data reduction' .   ? 1 
SCALEPACK 'data scaling'   .   ? 2 
AMoRE     phasing          .   ? 3 
CNS       refinement       1.0 ? 4 
# 
_cell.entry_id           1I2X 
_cell.length_a           27.69 
_cell.length_b           47.71 
_cell.length_c           113.62 
_cell.angle_alpha        90 
_cell.angle_beta         90 
_cell.angle_gamma        90 
_cell.Z_PDB              16 
_cell.pdbx_unique_axis   ? 
_cell.length_a_esd       ? 
_cell.length_b_esd       ? 
_cell.length_c_esd       ? 
_cell.angle_alpha_esd    ? 
_cell.angle_beta_esd     ? 
_cell.angle_gamma_esd    ? 
# 
_symmetry.entry_id                         1I2X 
_symmetry.space_group_name_H-M             'P 21 21 21' 
_symmetry.pdbx_full_space_group_name_H-M   ? 
_symmetry.cell_setting                     orthorhombic 
_symmetry.Int_Tables_number                19 
_symmetry.space_group_name_Hall            ? 
# 
_exptl.entry_id          1I2X 
_exptl.method            'X-RAY DIFFRACTION' 
_exptl.crystals_number   1 
# 
_exptl_crystal.id                    1 
_exptl_crystal.density_meas          ? 
_exptl_crystal.density_Matthews      2.68 
_exptl_crystal.density_percent_sol   54.07 
_exptl_crystal.description           ? 
_exptl_crystal.F_000                 ? 
_exptl_crystal.preparation           ? 
# 
_exptl_crystal_grow.crystal_id      1 
_exptl_crystal_grow.method          'VAPOR DIFFUSION, SITTING DROP' 
_exptl_crystal_grow.temp            298 
_exptl_crystal_grow.temp_details    ? 
_exptl_crystal_grow.pH              6.0 
_exptl_crystal_grow.pdbx_details    'spermidine, MPD. pH 6.0,  VAPOR DIFFUSION, SITTING DROP at 298' 
_exptl_crystal_grow.pdbx_pH_range   ? 
# 
loop_
_exptl_crystal_grow_comp.crystal_id 
_exptl_crystal_grow_comp.id 
_exptl_crystal_grow_comp.sol_id 
_exptl_crystal_grow_comp.name 
_exptl_crystal_grow_comp.volume 
_exptl_crystal_grow_comp.conc 
_exptl_crystal_grow_comp.details 
1 1 1 spermidine ? ? ? 
1 2 1 MPD        ? ? ? 
1 3 2 MPD        ? ? ? 
# 
_diffrn.id                     1 
_diffrn.ambient_temp           100 
_diffrn.ambient_temp_details   ? 
_diffrn.crystal_id             1 
# 
_diffrn_detector.diffrn_id              1 
_diffrn_detector.detector               'IMAGE PLATE' 
_diffrn_detector.type                   'RIGAKU RAXIS IIC' 
_diffrn_detector.pdbx_collection_date   1998-11-26 
_diffrn_detector.details                ? 
# 
_diffrn_radiation.diffrn_id                        1 
_diffrn_radiation.wavelength_id                    1 
_diffrn_radiation.pdbx_monochromatic_or_laue_m_l   M 
_diffrn_radiation.monochromator                    ? 
_diffrn_radiation.pdbx_diffrn_protocol             'SINGLE WAVELENGTH' 
_diffrn_radiation.pdbx_scattering_type             x-ray 
# 
_diffrn_radiation_wavelength.id           1 
_diffrn_radiation_wavelength.wavelength   1.5418 
_diffrn_radiation_wavelength.wt           1.0 
# 
_diffrn_source.diffrn_id                   1 
_diffrn_source.source                      'ROTATING ANODE' 
_diffrn_source.type                        RIGAKU 
_diffrn_source.pdbx_synchrotron_site       ? 
_diffrn_source.pdbx_synchrotron_beamline   ? 
_diffrn_source.pdbx_wavelength             ? 
_diffrn_source.pdbx_wavelength_list        1.5418 
# 
_reflns.entry_id                     1I2X 
_reflns.observed_criterion_sigma_I   0 
_reflns.observed_criterion_sigma_F   0 
_reflns.d_resolution_low             20 
_reflns.d_resolution_high            2.4 
_reflns.number_obs                   6220 
_reflns.number_all                   6220 
_reflns.percent_possible_obs         95.7 
_reflns.pdbx_Rmerge_I_obs            ? 
_reflns.pdbx_Rsym_value              ? 
_reflns.pdbx_netI_over_sigmaI        ? 
_reflns.B_iso_Wilson_estimate        ? 
_reflns.pdbx_redundancy              ? 
_reflns.R_free_details               ? 
_reflns.pdbx_chi_squared             ? 
_reflns.pdbx_scaling_rejects         ? 
_reflns.pdbx_diffrn_id               1 
_reflns.pdbx_ordinal                 1 
# 
_refine.entry_id                                 1I2X 
_refine.ls_number_reflns_obs                     6220 
_refine.ls_number_reflns_all                     6220 
_refine.pdbx_ls_sigma_I                          0 
_refine.pdbx_ls_sigma_F                          0 
_refine.pdbx_data_cutoff_high_absF               ? 
_refine.pdbx_data_cutoff_low_absF                ? 
_refine.ls_d_res_low                             10 
_refine.ls_d_res_high                            2.4 
_refine.ls_percent_reflns_obs                    95.7 
_refine.ls_R_factor_obs                          ? 
_refine.ls_R_factor_all                          ? 
_refine.ls_R_factor_R_work                       0.2495 
_refine.ls_R_factor_R_free                       0.2782 
_refine.ls_R_factor_R_free_error                 ? 
_refine.ls_R_factor_R_free_error_details         ? 
_refine.ls_percent_reflns_R_free                 7.3 
_refine.ls_number_reflns_R_free                  453 
_refine.ls_number_parameters                     ? 
_refine.ls_number_restraints                     ? 
_refine.occupancy_min                            ? 
_refine.occupancy_max                            ? 
_refine.B_iso_mean                               ? 
_refine.aniso_B[1][1]                            ? 
_refine.aniso_B[2][2]                            ? 
_refine.aniso_B[3][3]                            ? 
_refine.aniso_B[1][2]                            ? 
_refine.aniso_B[1][3]                            ? 
_refine.aniso_B[2][3]                            ? 
_refine.solvent_model_details                    ? 
_refine.solvent_model_param_ksol                 ? 
_refine.solvent_model_param_bsol                 ? 
_refine.pdbx_ls_cross_valid_method               THROUGHOUT 
_refine.details                                  ? 
_refine.pdbx_starting_model                      ? 
_refine.pdbx_method_to_determine_struct          'MOLECULAR REPLACEMENT' 
_refine.pdbx_isotropic_thermal_model             ? 
_refine.pdbx_stereochemistry_target_values       ? 
_refine.pdbx_stereochem_target_val_spec_case     ? 
_refine.pdbx_R_Free_selection_details            random 
_refine.pdbx_overall_ESU_R_Free                  ? 
_refine.overall_SU_B                             ? 
_refine.ls_redundancy_reflns_obs                 ? 
_refine.overall_SU_ML                            ? 
_refine.pdbx_overall_ESU_R                       ? 
_refine.pdbx_data_cutoff_high_rms_absF           ? 
_refine.correlation_coeff_Fo_to_Fc               ? 
_refine.correlation_coeff_Fo_to_Fc_free          ? 
_refine.overall_SU_R_Cruickshank_DPI             ? 
_refine.overall_SU_R_free                        ? 
_refine.pdbx_refine_id                           'X-RAY DIFFRACTION' 
_refine.pdbx_overall_phase_error                 ? 
_refine.pdbx_solvent_vdw_probe_radii             ? 
_refine.pdbx_solvent_ion_probe_radii             ? 
_refine.pdbx_solvent_shrinkage_radii             ? 
_refine.ls_wR_factor_R_free                      ? 
_refine.ls_wR_factor_R_work                      ? 
_refine.overall_FOM_free_R_set                   ? 
_refine.overall_FOM_work_R_set                   ? 
_refine.pdbx_diffrn_id                           1 
_refine.pdbx_TLS_residual_ADP_flag               ? 
_refine.pdbx_overall_SU_R_free_Cruickshank_DPI   ? 
_refine.pdbx_overall_SU_R_Blow_DPI               ? 
_refine.pdbx_overall_SU_R_free_Blow_DPI          ? 
# 
_refine_hist.pdbx_refine_id                   'X-RAY DIFFRACTION' 
_refine_hist.cycle_id                         LAST 
_refine_hist.pdbx_number_atoms_protein        0 
_refine_hist.pdbx_number_atoms_nucleic_acid   920 
_refine_hist.pdbx_number_atoms_ligand         10 
_refine_hist.number_atoms_solvent             81 
_refine_hist.number_atoms_total               1011 
_refine_hist.d_res_high                       2.4 
_refine_hist.d_res_low                        10 
# 
_struct.entry_id                  1I2X 
_struct.title                     '2.4 A STRUCTURE OF A-DUPLEX WITH BULGED ADENOSINE, SPERMIDINE FORM' 
_struct.pdbx_model_details        ? 
_struct.pdbx_CASP_flag            ? 
_struct.pdbx_model_type_details   ? 
# 
_struct_keywords.entry_id        1I2X 
_struct_keywords.pdbx_keywords   'DNA-RNA HYBRID' 
_struct_keywords.text            
;'adenine bulge, A-type NA, DNA/RNA hybrid', DNA-RNA HYBRID
;
# 
loop_
_struct_asym.id 
_struct_asym.pdbx_blank_PDB_chainid_flag 
_struct_asym.pdbx_modified 
_struct_asym.entity_id 
_struct_asym.details 
A N N 1 ? 
B N N 1 ? 
C N N 1 ? 
D N N 1 ? 
E N N 2 ? 
F N N 3 ? 
G N N 3 ? 
H N N 3 ? 
I N N 3 ? 
# 
_struct_ref.id                         1 
_struct_ref.entity_id                  1 
_struct_ref.db_name                    PDB 
_struct_ref.db_code                    1I2X 
_struct_ref.pdbx_db_accession          1I2X 
_struct_ref.pdbx_align_begin           ? 
_struct_ref.pdbx_seq_one_letter_code   ? 
_struct_ref.pdbx_db_isoform            ? 
# 
loop_
_struct_ref_seq.align_id 
_struct_ref_seq.ref_id 
_struct_ref_seq.pdbx_PDB_id_code 
_struct_ref_seq.pdbx_strand_id 
_struct_ref_seq.seq_align_beg 
_struct_ref_seq.pdbx_seq_align_beg_ins_code 
_struct_ref_seq.seq_align_end 
_struct_ref_seq.pdbx_seq_align_end_ins_code 
_struct_ref_seq.pdbx_db_accession 
_struct_ref_seq.db_align_beg 
_struct_ref_seq.pdbx_db_align_beg_ins_code 
_struct_ref_seq.db_align_end 
_struct_ref_seq.pdbx_db_align_end_ins_code 
_struct_ref_seq.pdbx_auth_seq_align_beg 
_struct_ref_seq.pdbx_auth_seq_align_end 
1 1 1I2X A 1 ? 11 ? 1I2X 1   ? 11  ? 1   11  
2 1 1I2X B 1 ? 11 ? 1I2X 21  ? 31  ? 21  31  
3 1 1I2X D 1 ? 11 ? 1I2X 101 ? 111 ? 101 111 
4 1 1I2X C 1 ? 11 ? 1I2X 121 ? 131 ? 121 131 
# 
loop_
_pdbx_struct_assembly.id 
_pdbx_struct_assembly.details 
_pdbx_struct_assembly.method_details 
_pdbx_struct_assembly.oligomeric_details 
_pdbx_struct_assembly.oligomeric_count 
1 author_defined_assembly ? dimeric 2 
2 author_defined_assembly ? dimeric 2 
# 
loop_
_pdbx_struct_assembly_gen.assembly_id 
_pdbx_struct_assembly_gen.oper_expression 
_pdbx_struct_assembly_gen.asym_id_list 
1 1 A,B,F,G   
2 1 C,D,E,H,I 
# 
_pdbx_struct_oper_list.id                   1 
_pdbx_struct_oper_list.type                 'identity operation' 
_pdbx_struct_oper_list.name                 1_555 
_pdbx_struct_oper_list.symmetry_operation   x,y,z 
_pdbx_struct_oper_list.matrix[1][1]         1.0000000000 
_pdbx_struct_oper_list.matrix[1][2]         0.0000000000 
_pdbx_struct_oper_list.matrix[1][3]         0.0000000000 
_pdbx_struct_oper_list.vector[1]            0.0000000000 
_pdbx_struct_oper_list.matrix[2][1]         0.0000000000 
_pdbx_struct_oper_list.matrix[2][2]         1.0000000000 
_pdbx_struct_oper_list.matrix[2][3]         0.0000000000 
_pdbx_struct_oper_list.vector[2]            0.0000000000 
_pdbx_struct_oper_list.matrix[3][1]         0.0000000000 
_pdbx_struct_oper_list.matrix[3][2]         0.0000000000 
_pdbx_struct_oper_list.matrix[3][3]         1.0000000000 
_pdbx_struct_oper_list.vector[3]            0.0000000000 
# 
loop_
_struct_biol.id 
_struct_biol.pdbx_parent_biol_id 
_struct_biol.details 
1 ? ? 
2 ? ? 
# 
loop_
_struct_conn.id 
_struct_conn.conn_type_id 
_struct_conn.pdbx_leaving_atom_flag 
_struct_conn.pdbx_PDB_id 
_struct_conn.ptnr1_label_asym_id 
_struct_conn.ptnr1_label_comp_id 
_struct_conn.ptnr1_label_seq_id 
_struct_conn.ptnr1_label_atom_id 
_struct_conn.pdbx_ptnr1_label_alt_id 
_struct_conn.pdbx_ptnr1_PDB_ins_code 
_struct_conn.pdbx_ptnr1_standard_comp_id 
_struct_conn.ptnr1_symmetry 
_struct_conn.ptnr2_label_asym_id 
_struct_conn.ptnr2_label_comp_id 
_struct_conn.ptnr2_label_seq_id 
_struct_conn.ptnr2_label_atom_id 
_struct_conn.pdbx_ptnr2_label_alt_id 
_struct_conn.pdbx_ptnr2_PDB_ins_code 
_struct_conn.ptnr1_auth_asym_id 
_struct_conn.ptnr1_auth_comp_id 
_struct_conn.ptnr1_auth_seq_id 
_struct_conn.ptnr2_auth_asym_id 
_struct_conn.ptnr2_auth_comp_id 
_struct_conn.ptnr2_auth_seq_id 
_struct_conn.ptnr2_symmetry 
_struct_conn.pdbx_ptnr3_label_atom_id 
_struct_conn.pdbx_ptnr3_label_seq_id 
_struct_conn.pdbx_ptnr3_label_comp_id 
_struct_conn.pdbx_ptnr3_label_asym_id 
_struct_conn.pdbx_ptnr3_label_alt_id 
_struct_conn.pdbx_ptnr3_PDB_ins_code 
_struct_conn.details 
_struct_conn.pdbx_dist_value 
_struct_conn.pdbx_value_order 
_struct_conn.pdbx_role 
hydrog1  hydrog ? ? A G  1  N1 ? ? ? 1_555 B U  11 O2 ? ? A G  1   B U  31  1_555 ? ? ? ? ? ? TYPE_28_PAIR ? ? ? 
hydrog2  hydrog ? ? A G  1  O6 ? ? ? 1_555 B U  11 N3 ? ? A G  1   B U  31  1_555 ? ? ? ? ? ? TYPE_28_PAIR ? ? ? 
hydrog3  hydrog ? ? A C  2  N3 ? ? ? 1_555 B G  10 N1 ? ? A C  2   B G  30  1_555 ? ? ? ? ? ? WATSON-CRICK ? ? ? 
hydrog4  hydrog ? ? A C  2  N4 ? ? ? 1_555 B G  10 O6 ? ? A C  2   B G  30  1_555 ? ? ? ? ? ? WATSON-CRICK ? ? ? 
hydrog5  hydrog ? ? A C  2  O2 ? ? ? 1_555 B G  10 N2 ? ? A C  2   B G  30  1_555 ? ? ? ? ? ? WATSON-CRICK ? ? ? 
hydrog6  hydrog ? ? A G  3  N1 ? ? ? 1_555 B C  9  N3 ? ? A G  3   B C  29  1_555 ? ? ? ? ? ? WATSON-CRICK ? ? ? 
hydrog7  hydrog ? ? A G  3  N2 ? ? ? 1_555 B C  9  O2 ? ? A G  3   B C  29  1_555 ? ? ? ? ? ? WATSON-CRICK ? ? ? 
hydrog8  hydrog ? ? A G  3  O6 ? ? ? 1_555 B C  9  N4 ? ? A G  3   B C  29  1_555 ? ? ? ? ? ? WATSON-CRICK ? ? ? 
hydrog9  hydrog ? ? A DA 4  N1 ? ? ? 1_555 B DT 7  N3 ? ? A DA 4   B DT 27  1_555 ? ? ? ? ? ? WATSON-CRICK ? ? ? 
hydrog10 hydrog ? ? A DA 4  N6 ? ? ? 1_555 B DT 7  O4 ? ? A DA 4   B DT 27  1_555 ? ? ? ? ? ? WATSON-CRICK ? ? ? 
hydrog11 hydrog ? ? A DT 5  N3 ? ? ? 1_555 B DA 6  N1 ? ? A DT 5   B DA 26  1_555 ? ? ? ? ? ? WATSON-CRICK ? ? ? 
hydrog12 hydrog ? ? A DT 5  O4 ? ? ? 1_555 B DA 6  N6 ? ? A DT 5   B DA 26  1_555 ? ? ? ? ? ? WATSON-CRICK ? ? ? 
hydrog13 hydrog ? ? A DA 6  N1 ? ? ? 1_555 B DT 5  N3 ? ? A DA 6   B DT 25  1_555 ? ? ? ? ? ? WATSON-CRICK ? ? ? 
hydrog14 hydrog ? ? A DA 6  N6 ? ? ? 1_555 B DT 5  O4 ? ? A DA 6   B DT 25  1_555 ? ? ? ? ? ? WATSON-CRICK ? ? ? 
hydrog15 hydrog ? ? A DT 7  N3 ? ? ? 1_555 B DA 4  N1 ? ? A DT 7   B DA 24  1_555 ? ? ? ? ? ? 'DT-DA PAIR' ? ? ? 
hydrog16 hydrog ? ? A C  9  N3 ? ? ? 1_555 B G  3  N1 ? ? A C  9   B G  23  1_555 ? ? ? ? ? ? WATSON-CRICK ? ? ? 
hydrog17 hydrog ? ? A C  9  N4 ? ? ? 1_555 B G  3  O6 ? ? A C  9   B G  23  1_555 ? ? ? ? ? ? WATSON-CRICK ? ? ? 
hydrog18 hydrog ? ? A C  9  O2 ? ? ? 1_555 B G  3  N2 ? ? A C  9   B G  23  1_555 ? ? ? ? ? ? WATSON-CRICK ? ? ? 
hydrog19 hydrog ? ? A G  10 N1 ? ? ? 1_555 B C  2  N3 ? ? A G  10  B C  22  1_555 ? ? ? ? ? ? WATSON-CRICK ? ? ? 
hydrog20 hydrog ? ? A G  10 N2 ? ? ? 1_555 B C  2  O2 ? ? A G  10  B C  22  1_555 ? ? ? ? ? ? WATSON-CRICK ? ? ? 
hydrog21 hydrog ? ? A G  10 O6 ? ? ? 1_555 B C  2  N4 ? ? A G  10  B C  22  1_555 ? ? ? ? ? ? WATSON-CRICK ? ? ? 
hydrog22 hydrog ? ? A U  11 N3 ? ? ? 1_555 B G  1  O6 ? ? A U  11  B G  21  1_555 ? ? ? ? ? ? TYPE_28_PAIR ? ? ? 
hydrog23 hydrog ? ? A U  11 O2 ? ? ? 1_555 B G  1  N1 ? ? A U  11  B G  21  1_555 ? ? ? ? ? ? TYPE_28_PAIR ? ? ? 
hydrog24 hydrog ? ? C G  1  N1 ? ? ? 1_555 D U  11 O2 ? ? D G  101 C U  131 1_555 ? ? ? ? ? ? TYPE_28_PAIR ? ? ? 
hydrog25 hydrog ? ? C G  1  O6 ? ? ? 1_555 D U  11 N3 ? ? D G  101 C U  131 1_555 ? ? ? ? ? ? TYPE_28_PAIR ? ? ? 
hydrog26 hydrog ? ? C C  2  N3 ? ? ? 1_555 D G  10 N1 ? ? D C  102 C G  130 1_555 ? ? ? ? ? ? WATSON-CRICK ? ? ? 
hydrog27 hydrog ? ? C C  2  N4 ? ? ? 1_555 D G  10 O6 ? ? D C  102 C G  130 1_555 ? ? ? ? ? ? WATSON-CRICK ? ? ? 
hydrog28 hydrog ? ? C C  2  O2 ? ? ? 1_555 D G  10 N2 ? ? D C  102 C G  130 1_555 ? ? ? ? ? ? WATSON-CRICK ? ? ? 
hydrog29 hydrog ? ? C G  3  N1 ? ? ? 1_555 D C  9  N3 ? ? D G  103 C C  129 1_555 ? ? ? ? ? ? WATSON-CRICK ? ? ? 
hydrog30 hydrog ? ? C G  3  N2 ? ? ? 1_555 D C  9  O2 ? ? D G  103 C C  129 1_555 ? ? ? ? ? ? WATSON-CRICK ? ? ? 
hydrog31 hydrog ? ? C G  3  O6 ? ? ? 1_555 D C  9  N4 ? ? D G  103 C C  129 1_555 ? ? ? ? ? ? WATSON-CRICK ? ? ? 
hydrog32 hydrog ? ? C DA 4  N1 ? ? ? 1_555 D DT 7  N3 ? ? D DA 104 C DT 127 1_555 ? ? ? ? ? ? WATSON-CRICK ? ? ? 
hydrog33 hydrog ? ? C DA 4  N6 ? ? ? 1_555 D DT 7  O4 ? ? D DA 104 C DT 127 1_555 ? ? ? ? ? ? WATSON-CRICK ? ? ? 
hydrog34 hydrog ? ? C DT 5  N3 ? ? ? 1_555 D DA 6  N1 ? ? D DT 105 C DA 126 1_555 ? ? ? ? ? ? WATSON-CRICK ? ? ? 
hydrog35 hydrog ? ? C DT 5  O4 ? ? ? 1_555 D DA 6  N6 ? ? D DT 105 C DA 126 1_555 ? ? ? ? ? ? WATSON-CRICK ? ? ? 
hydrog36 hydrog ? ? C DA 6  N1 ? ? ? 1_555 D DT 5  N3 ? ? D DA 106 C DT 125 1_555 ? ? ? ? ? ? WATSON-CRICK ? ? ? 
hydrog37 hydrog ? ? C DA 6  N6 ? ? ? 1_555 D DT 5  O4 ? ? D DA 106 C DT 125 1_555 ? ? ? ? ? ? WATSON-CRICK ? ? ? 
hydrog38 hydrog ? ? C DT 7  N3 ? ? ? 1_555 D DA 4  N1 ? ? D DT 107 C DA 124 1_555 ? ? ? ? ? ? WATSON-CRICK ? ? ? 
hydrog39 hydrog ? ? C DT 7  O4 ? ? ? 1_555 D DA 4  N6 ? ? D DT 107 C DA 124 1_555 ? ? ? ? ? ? WATSON-CRICK ? ? ? 
hydrog40 hydrog ? ? C C  9  N3 ? ? ? 1_555 D G  3  N1 ? ? D C  109 C G  123 1_555 ? ? ? ? ? ? WATSON-CRICK ? ? ? 
hydrog41 hydrog ? ? C C  9  N4 ? ? ? 1_555 D G  3  O6 ? ? D C  109 C G  123 1_555 ? ? ? ? ? ? WATSON-CRICK ? ? ? 
hydrog42 hydrog ? ? C C  9  O2 ? ? ? 1_555 D G  3  N2 ? ? D C  109 C G  123 1_555 ? ? ? ? ? ? WATSON-CRICK ? ? ? 
hydrog43 hydrog ? ? C G  10 N1 ? ? ? 1_555 D C  2  N3 ? ? D G  110 C C  122 1_555 ? ? ? ? ? ? WATSON-CRICK ? ? ? 
hydrog44 hydrog ? ? C G  10 N2 ? ? ? 1_555 D C  2  O2 ? ? D G  110 C C  122 1_555 ? ? ? ? ? ? WATSON-CRICK ? ? ? 
hydrog45 hydrog ? ? C G  10 O6 ? ? ? 1_555 D C  2  N4 ? ? D G  110 C C  122 1_555 ? ? ? ? ? ? WATSON-CRICK ? ? ? 
hydrog46 hydrog ? ? C U  11 N3 ? ? ? 1_555 D G  1  O6 ? ? D U  111 C G  121 1_555 ? ? ? ? ? ? TYPE_28_PAIR ? ? ? 
hydrog47 hydrog ? ? C U  11 O2 ? ? ? 1_555 D G  1  N1 ? ? D U  111 C G  121 1_555 ? ? ? ? ? ? TYPE_28_PAIR ? ? ? 
# 
_struct_conn_type.id          hydrog 
_struct_conn_type.criteria    ? 
_struct_conn_type.reference   ? 
# 
_struct_site.id                   AC1 
_struct_site.pdbx_evidence_code   Software 
_struct_site.pdbx_auth_asym_id    D 
_struct_site.pdbx_auth_comp_id    SPD 
_struct_site.pdbx_auth_seq_id     200 
_struct_site.pdbx_auth_ins_code   ? 
_struct_site.pdbx_num_residues    3 
_struct_site.details              'BINDING SITE FOR RESIDUE SPD D 200' 
# 
loop_
_struct_site_gen.id 
_struct_site_gen.site_id 
_struct_site_gen.pdbx_num_res 
_struct_site_gen.label_comp_id 
_struct_site_gen.label_asym_id 
_struct_site_gen.label_seq_id 
_struct_site_gen.pdbx_auth_ins_code 
_struct_site_gen.auth_comp_id 
_struct_site_gen.auth_asym_id 
_struct_site_gen.auth_seq_id 
_struct_site_gen.label_atom_id 
_struct_site_gen.label_alt_id 
_struct_site_gen.symmetry 
_struct_site_gen.details 
1 AC1 3 A A 8 ? A A 8   . ? 3_545 ? 
2 AC1 3 C C 2 ? C D 102 . ? 1_555 ? 
3 AC1 3 G C 3 ? G D 103 . ? 1_555 ? 
# 
_pdbx_validate_rmsd_angle.id                         1 
_pdbx_validate_rmsd_angle.PDB_model_num              1 
_pdbx_validate_rmsd_angle.auth_atom_id_1             "C4'" 
_pdbx_validate_rmsd_angle.auth_asym_id_1             A 
_pdbx_validate_rmsd_angle.auth_comp_id_1             U 
_pdbx_validate_rmsd_angle.auth_seq_id_1              11 
_pdbx_validate_rmsd_angle.PDB_ins_code_1             ? 
_pdbx_validate_rmsd_angle.label_alt_id_1             ? 
_pdbx_validate_rmsd_angle.auth_atom_id_2             "C3'" 
_pdbx_validate_rmsd_angle.auth_asym_id_2             A 
_pdbx_validate_rmsd_angle.auth_comp_id_2             U 
_pdbx_validate_rmsd_angle.auth_seq_id_2              11 
_pdbx_validate_rmsd_angle.PDB_ins_code_2             ? 
_pdbx_validate_rmsd_angle.label_alt_id_2             ? 
_pdbx_validate_rmsd_angle.auth_atom_id_3             "O3'" 
_pdbx_validate_rmsd_angle.auth_asym_id_3             A 
_pdbx_validate_rmsd_angle.auth_comp_id_3             U 
_pdbx_validate_rmsd_angle.auth_seq_id_3              11 
_pdbx_validate_rmsd_angle.PDB_ins_code_3             ? 
_pdbx_validate_rmsd_angle.label_alt_id_3             ? 
_pdbx_validate_rmsd_angle.angle_value                126.15 
_pdbx_validate_rmsd_angle.angle_target_value         113.00 
_pdbx_validate_rmsd_angle.angle_deviation            13.15 
_pdbx_validate_rmsd_angle.angle_standard_deviation   2.00 
_pdbx_validate_rmsd_angle.linker_flag                N 
# 
loop_
_pdbx_validate_planes.id 
_pdbx_validate_planes.PDB_model_num 
_pdbx_validate_planes.auth_comp_id 
_pdbx_validate_planes.auth_asym_id 
_pdbx_validate_planes.auth_seq_id 
_pdbx_validate_planes.PDB_ins_code 
_pdbx_validate_planes.label_alt_id 
_pdbx_validate_planes.rmsd 
_pdbx_validate_planes.type 
1 1 G  A 1   ? ? 0.060 'SIDE CHAIN' 
2 1 G  B 21  ? ? 0.054 'SIDE CHAIN' 
3 1 A  B 28  ? ? 0.056 'SIDE CHAIN' 
4 1 DT D 105 ? ? 0.070 'SIDE CHAIN' 
5 1 C  C 129 ? ? 0.066 'SIDE CHAIN' 
# 
loop_
_chem_comp_atom.comp_id 
_chem_comp_atom.atom_id 
_chem_comp_atom.type_symbol 
_chem_comp_atom.pdbx_aromatic_flag 
_chem_comp_atom.pdbx_stereo_config 
_chem_comp_atom.pdbx_ordinal 
A   OP3    O N N 1   
A   P      P N N 2   
A   OP1    O N N 3   
A   OP2    O N N 4   
A   "O5'"  O N N 5   
A   "C5'"  C N N 6   
A   "C4'"  C N R 7   
A   "O4'"  O N N 8   
A   "C3'"  C N S 9   
A   "O3'"  O N N 10  
A   "C2'"  C N R 11  
A   "O2'"  O N N 12  
A   "C1'"  C N R 13  
A   N9     N Y N 14  
A   C8     C Y N 15  
A   N7     N Y N 16  
A   C5     C Y N 17  
A   C6     C Y N 18  
A   N6     N N N 19  
A   N1     N Y N 20  
A   C2     C Y N 21  
A   N3     N Y N 22  
A   C4     C Y N 23  
A   HOP3   H N N 24  
A   HOP2   H N N 25  
A   "H5'"  H N N 26  
A   "H5''" H N N 27  
A   "H4'"  H N N 28  
A   "H3'"  H N N 29  
A   "HO3'" H N N 30  
A   "H2'"  H N N 31  
A   "HO2'" H N N 32  
A   "H1'"  H N N 33  
A   H8     H N N 34  
A   H61    H N N 35  
A   H62    H N N 36  
A   H2     H N N 37  
C   OP3    O N N 38  
C   P      P N N 39  
C   OP1    O N N 40  
C   OP2    O N N 41  
C   "O5'"  O N N 42  
C   "C5'"  C N N 43  
C   "C4'"  C N R 44  
C   "O4'"  O N N 45  
C   "C3'"  C N S 46  
C   "O3'"  O N N 47  
C   "C2'"  C N R 48  
C   "O2'"  O N N 49  
C   "C1'"  C N R 50  
C   N1     N N N 51  
C   C2     C N N 52  
C   O2     O N N 53  
C   N3     N N N 54  
C   C4     C N N 55  
C   N4     N N N 56  
C   C5     C N N 57  
C   C6     C N N 58  
C   HOP3   H N N 59  
C   HOP2   H N N 60  
C   "H5'"  H N N 61  
C   "H5''" H N N 62  
C   "H4'"  H N N 63  
C   "H3'"  H N N 64  
C   "HO3'" H N N 65  
C   "H2'"  H N N 66  
C   "HO2'" H N N 67  
C   "H1'"  H N N 68  
C   H41    H N N 69  
C   H42    H N N 70  
C   H5     H N N 71  
C   H6     H N N 72  
DA  OP3    O N N 73  
DA  P      P N N 74  
DA  OP1    O N N 75  
DA  OP2    O N N 76  
DA  "O5'"  O N N 77  
DA  "C5'"  C N N 78  
DA  "C4'"  C N R 79  
DA  "O4'"  O N N 80  
DA  "C3'"  C N S 81  
DA  "O3'"  O N N 82  
DA  "C2'"  C N N 83  
DA  "C1'"  C N R 84  
DA  N9     N Y N 85  
DA  C8     C Y N 86  
DA  N7     N Y N 87  
DA  C5     C Y N 88  
DA  C6     C Y N 89  
DA  N6     N N N 90  
DA  N1     N Y N 91  
DA  C2     C Y N 92  
DA  N3     N Y N 93  
DA  C4     C Y N 94  
DA  HOP3   H N N 95  
DA  HOP2   H N N 96  
DA  "H5'"  H N N 97  
DA  "H5''" H N N 98  
DA  "H4'"  H N N 99  
DA  "H3'"  H N N 100 
DA  "HO3'" H N N 101 
DA  "H2'"  H N N 102 
DA  "H2''" H N N 103 
DA  "H1'"  H N N 104 
DA  H8     H N N 105 
DA  H61    H N N 106 
DA  H62    H N N 107 
DA  H2     H N N 108 
DT  OP3    O N N 109 
DT  P      P N N 110 
DT  OP1    O N N 111 
DT  OP2    O N N 112 
DT  "O5'"  O N N 113 
DT  "C5'"  C N N 114 
DT  "C4'"  C N R 115 
DT  "O4'"  O N N 116 
DT  "C3'"  C N S 117 
DT  "O3'"  O N N 118 
DT  "C2'"  C N N 119 
DT  "C1'"  C N R 120 
DT  N1     N N N 121 
DT  C2     C N N 122 
DT  O2     O N N 123 
DT  N3     N N N 124 
DT  C4     C N N 125 
DT  O4     O N N 126 
DT  C5     C N N 127 
DT  C7     C N N 128 
DT  C6     C N N 129 
DT  HOP3   H N N 130 
DT  HOP2   H N N 131 
DT  "H5'"  H N N 132 
DT  "H5''" H N N 133 
DT  "H4'"  H N N 134 
DT  "H3'"  H N N 135 
DT  "HO3'" H N N 136 
DT  "H2'"  H N N 137 
DT  "H2''" H N N 138 
DT  "H1'"  H N N 139 
DT  H3     H N N 140 
DT  H71    H N N 141 
DT  H72    H N N 142 
DT  H73    H N N 143 
DT  H6     H N N 144 
G   OP3    O N N 145 
G   P      P N N 146 
G   OP1    O N N 147 
G   OP2    O N N 148 
G   "O5'"  O N N 149 
G   "C5'"  C N N 150 
G   "C4'"  C N R 151 
G   "O4'"  O N N 152 
G   "C3'"  C N S 153 
G   "O3'"  O N N 154 
G   "C2'"  C N R 155 
G   "O2'"  O N N 156 
G   "C1'"  C N R 157 
G   N9     N Y N 158 
G   C8     C Y N 159 
G   N7     N Y N 160 
G   C5     C Y N 161 
G   C6     C N N 162 
G   O6     O N N 163 
G   N1     N N N 164 
G   C2     C N N 165 
G   N2     N N N 166 
G   N3     N N N 167 
G   C4     C Y N 168 
G   HOP3   H N N 169 
G   HOP2   H N N 170 
G   "H5'"  H N N 171 
G   "H5''" H N N 172 
G   "H4'"  H N N 173 
G   "H3'"  H N N 174 
G   "HO3'" H N N 175 
G   "H2'"  H N N 176 
G   "HO2'" H N N 177 
G   "H1'"  H N N 178 
G   H8     H N N 179 
G   H1     H N N 180 
G   H21    H N N 181 
G   H22    H N N 182 
HOH O      O N N 183 
HOH H1     H N N 184 
HOH H2     H N N 185 
SPD N1     N N N 186 
SPD C2     C N N 187 
SPD C3     C N N 188 
SPD C4     C N N 189 
SPD C5     C N N 190 
SPD N6     N N N 191 
SPD C7     C N N 192 
SPD C8     C N N 193 
SPD C9     C N N 194 
SPD N10    N N N 195 
SPD HN11   H N N 196 
SPD HN12   H N N 197 
SPD H21    H N N 198 
SPD H22    H N N 199 
SPD H31    H N N 200 
SPD H32    H N N 201 
SPD H41    H N N 202 
SPD H42    H N N 203 
SPD H51    H N N 204 
SPD H52    H N N 205 
SPD HN6    H N N 206 
SPD H71    H N N 207 
SPD H72    H N N 208 
SPD H81    H N N 209 
SPD H82    H N N 210 
SPD H91    H N N 211 
SPD H92    H N N 212 
SPD H101   H N N 213 
SPD H102   H N N 214 
U   OP3    O N N 215 
U   P      P N N 216 
U   OP1    O N N 217 
U   OP2    O N N 218 
U   "O5'"  O N N 219 
U   "C5'"  C N N 220 
U   "C4'"  C N R 221 
U   "O4'"  O N N 222 
U   "C3'"  C N S 223 
U   "O3'"  O N N 224 
U   "C2'"  C N R 225 
U   "O2'"  O N N 226 
U   "C1'"  C N R 227 
U   N1     N N N 228 
U   C2     C N N 229 
U   O2     O N N 230 
U   N3     N N N 231 
U   C4     C N N 232 
U   O4     O N N 233 
U   C5     C N N 234 
U   C6     C N N 235 
U   HOP3   H N N 236 
U   HOP2   H N N 237 
U   "H5'"  H N N 238 
U   "H5''" H N N 239 
U   "H4'"  H N N 240 
U   "H3'"  H N N 241 
U   "HO3'" H N N 242 
U   "H2'"  H N N 243 
U   "HO2'" H N N 244 
U   "H1'"  H N N 245 
U   H3     H N N 246 
U   H5     H N N 247 
U   H6     H N N 248 
# 
loop_
_chem_comp_bond.comp_id 
_chem_comp_bond.atom_id_1 
_chem_comp_bond.atom_id_2 
_chem_comp_bond.value_order 
_chem_comp_bond.pdbx_aromatic_flag 
_chem_comp_bond.pdbx_stereo_config 
_chem_comp_bond.pdbx_ordinal 
A   OP3   P      sing N N 1   
A   OP3   HOP3   sing N N 2   
A   P     OP1    doub N N 3   
A   P     OP2    sing N N 4   
A   P     "O5'"  sing N N 5   
A   OP2   HOP2   sing N N 6   
A   "O5'" "C5'"  sing N N 7   
A   "C5'" "C4'"  sing N N 8   
A   "C5'" "H5'"  sing N N 9   
A   "C5'" "H5''" sing N N 10  
A   "C4'" "O4'"  sing N N 11  
A   "C4'" "C3'"  sing N N 12  
A   "C4'" "H4'"  sing N N 13  
A   "O4'" "C1'"  sing N N 14  
A   "C3'" "O3'"  sing N N 15  
A   "C3'" "C2'"  sing N N 16  
A   "C3'" "H3'"  sing N N 17  
A   "O3'" "HO3'" sing N N 18  
A   "C2'" "O2'"  sing N N 19  
A   "C2'" "C1'"  sing N N 20  
A   "C2'" "H2'"  sing N N 21  
A   "O2'" "HO2'" sing N N 22  
A   "C1'" N9     sing N N 23  
A   "C1'" "H1'"  sing N N 24  
A   N9    C8     sing Y N 25  
A   N9    C4     sing Y N 26  
A   C8    N7     doub Y N 27  
A   C8    H8     sing N N 28  
A   N7    C5     sing Y N 29  
A   C5    C6     sing Y N 30  
A   C5    C4     doub Y N 31  
A   C6    N6     sing N N 32  
A   C6    N1     doub Y N 33  
A   N6    H61    sing N N 34  
A   N6    H62    sing N N 35  
A   N1    C2     sing Y N 36  
A   C2    N3     doub Y N 37  
A   C2    H2     sing N N 38  
A   N3    C4     sing Y N 39  
C   OP3   P      sing N N 40  
C   OP3   HOP3   sing N N 41  
C   P     OP1    doub N N 42  
C   P     OP2    sing N N 43  
C   P     "O5'"  sing N N 44  
C   OP2   HOP2   sing N N 45  
C   "O5'" "C5'"  sing N N 46  
C   "C5'" "C4'"  sing N N 47  
C   "C5'" "H5'"  sing N N 48  
C   "C5'" "H5''" sing N N 49  
C   "C4'" "O4'"  sing N N 50  
C   "C4'" "C3'"  sing N N 51  
C   "C4'" "H4'"  sing N N 52  
C   "O4'" "C1'"  sing N N 53  
C   "C3'" "O3'"  sing N N 54  
C   "C3'" "C2'"  sing N N 55  
C   "C3'" "H3'"  sing N N 56  
C   "O3'" "HO3'" sing N N 57  
C   "C2'" "O2'"  sing N N 58  
C   "C2'" "C1'"  sing N N 59  
C   "C2'" "H2'"  sing N N 60  
C   "O2'" "HO2'" sing N N 61  
C   "C1'" N1     sing N N 62  
C   "C1'" "H1'"  sing N N 63  
C   N1    C2     sing N N 64  
C   N1    C6     sing N N 65  
C   C2    O2     doub N N 66  
C   C2    N3     sing N N 67  
C   N3    C4     doub N N 68  
C   C4    N4     sing N N 69  
C   C4    C5     sing N N 70  
C   N4    H41    sing N N 71  
C   N4    H42    sing N N 72  
C   C5    C6     doub N N 73  
C   C5    H5     sing N N 74  
C   C6    H6     sing N N 75  
DA  OP3   P      sing N N 76  
DA  OP3   HOP3   sing N N 77  
DA  P     OP1    doub N N 78  
DA  P     OP2    sing N N 79  
DA  P     "O5'"  sing N N 80  
DA  OP2   HOP2   sing N N 81  
DA  "O5'" "C5'"  sing N N 82  
DA  "C5'" "C4'"  sing N N 83  
DA  "C5'" "H5'"  sing N N 84  
DA  "C5'" "H5''" sing N N 85  
DA  "C4'" "O4'"  sing N N 86  
DA  "C4'" "C3'"  sing N N 87  
DA  "C4'" "H4'"  sing N N 88  
DA  "O4'" "C1'"  sing N N 89  
DA  "C3'" "O3'"  sing N N 90  
DA  "C3'" "C2'"  sing N N 91  
DA  "C3'" "H3'"  sing N N 92  
DA  "O3'" "HO3'" sing N N 93  
DA  "C2'" "C1'"  sing N N 94  
DA  "C2'" "H2'"  sing N N 95  
DA  "C2'" "H2''" sing N N 96  
DA  "C1'" N9     sing N N 97  
DA  "C1'" "H1'"  sing N N 98  
DA  N9    C8     sing Y N 99  
DA  N9    C4     sing Y N 100 
DA  C8    N7     doub Y N 101 
DA  C8    H8     sing N N 102 
DA  N7    C5     sing Y N 103 
DA  C5    C6     sing Y N 104 
DA  C5    C4     doub Y N 105 
DA  C6    N6     sing N N 106 
DA  C6    N1     doub Y N 107 
DA  N6    H61    sing N N 108 
DA  N6    H62    sing N N 109 
DA  N1    C2     sing Y N 110 
DA  C2    N3     doub Y N 111 
DA  C2    H2     sing N N 112 
DA  N3    C4     sing Y N 113 
DT  OP3   P      sing N N 114 
DT  OP3   HOP3   sing N N 115 
DT  P     OP1    doub N N 116 
DT  P     OP2    sing N N 117 
DT  P     "O5'"  sing N N 118 
DT  OP2   HOP2   sing N N 119 
DT  "O5'" "C5'"  sing N N 120 
DT  "C5'" "C4'"  sing N N 121 
DT  "C5'" "H5'"  sing N N 122 
DT  "C5'" "H5''" sing N N 123 
DT  "C4'" "O4'"  sing N N 124 
DT  "C4'" "C3'"  sing N N 125 
DT  "C4'" "H4'"  sing N N 126 
DT  "O4'" "C1'"  sing N N 127 
DT  "C3'" "O3'"  sing N N 128 
DT  "C3'" "C2'"  sing N N 129 
DT  "C3'" "H3'"  sing N N 130 
DT  "O3'" "HO3'" sing N N 131 
DT  "C2'" "C1'"  sing N N 132 
DT  "C2'" "H2'"  sing N N 133 
DT  "C2'" "H2''" sing N N 134 
DT  "C1'" N1     sing N N 135 
DT  "C1'" "H1'"  sing N N 136 
DT  N1    C2     sing N N 137 
DT  N1    C6     sing N N 138 
DT  C2    O2     doub N N 139 
DT  C2    N3     sing N N 140 
DT  N3    C4     sing N N 141 
DT  N3    H3     sing N N 142 
DT  C4    O4     doub N N 143 
DT  C4    C5     sing N N 144 
DT  C5    C7     sing N N 145 
DT  C5    C6     doub N N 146 
DT  C7    H71    sing N N 147 
DT  C7    H72    sing N N 148 
DT  C7    H73    sing N N 149 
DT  C6    H6     sing N N 150 
G   OP3   P      sing N N 151 
G   OP3   HOP3   sing N N 152 
G   P     OP1    doub N N 153 
G   P     OP2    sing N N 154 
G   P     "O5'"  sing N N 155 
G   OP2   HOP2   sing N N 156 
G   "O5'" "C5'"  sing N N 157 
G   "C5'" "C4'"  sing N N 158 
G   "C5'" "H5'"  sing N N 159 
G   "C5'" "H5''" sing N N 160 
G   "C4'" "O4'"  sing N N 161 
G   "C4'" "C3'"  sing N N 162 
G   "C4'" "H4'"  sing N N 163 
G   "O4'" "C1'"  sing N N 164 
G   "C3'" "O3'"  sing N N 165 
G   "C3'" "C2'"  sing N N 166 
G   "C3'" "H3'"  sing N N 167 
G   "O3'" "HO3'" sing N N 168 
G   "C2'" "O2'"  sing N N 169 
G   "C2'" "C1'"  sing N N 170 
G   "C2'" "H2'"  sing N N 171 
G   "O2'" "HO2'" sing N N 172 
G   "C1'" N9     sing N N 173 
G   "C1'" "H1'"  sing N N 174 
G   N9    C8     sing Y N 175 
G   N9    C4     sing Y N 176 
G   C8    N7     doub Y N 177 
G   C8    H8     sing N N 178 
G   N7    C5     sing Y N 179 
G   C5    C6     sing N N 180 
G   C5    C4     doub Y N 181 
G   C6    O6     doub N N 182 
G   C6    N1     sing N N 183 
G   N1    C2     sing N N 184 
G   N1    H1     sing N N 185 
G   C2    N2     sing N N 186 
G   C2    N3     doub N N 187 
G   N2    H21    sing N N 188 
G   N2    H22    sing N N 189 
G   N3    C4     sing N N 190 
HOH O     H1     sing N N 191 
HOH O     H2     sing N N 192 
SPD N1    C2     sing N N 193 
SPD N1    HN11   sing N N 194 
SPD N1    HN12   sing N N 195 
SPD C2    C3     sing N N 196 
SPD C2    H21    sing N N 197 
SPD C2    H22    sing N N 198 
SPD C3    C4     sing N N 199 
SPD C3    H31    sing N N 200 
SPD C3    H32    sing N N 201 
SPD C4    C5     sing N N 202 
SPD C4    H41    sing N N 203 
SPD C4    H42    sing N N 204 
SPD C5    N6     sing N N 205 
SPD C5    H51    sing N N 206 
SPD C5    H52    sing N N 207 
SPD N6    C7     sing N N 208 
SPD N6    HN6    sing N N 209 
SPD C7    C8     sing N N 210 
SPD C7    H71    sing N N 211 
SPD C7    H72    sing N N 212 
SPD C8    C9     sing N N 213 
SPD C8    H81    sing N N 214 
SPD C8    H82    sing N N 215 
SPD C9    N10    sing N N 216 
SPD C9    H91    sing N N 217 
SPD C9    H92    sing N N 218 
SPD N10   H101   sing N N 219 
SPD N10   H102   sing N N 220 
U   OP3   P      sing N N 221 
U   OP3   HOP3   sing N N 222 
U   P     OP1    doub N N 223 
U   P     OP2    sing N N 224 
U   P     "O5'"  sing N N 225 
U   OP2   HOP2   sing N N 226 
U   "O5'" "C5'"  sing N N 227 
U   "C5'" "C4'"  sing N N 228 
U   "C5'" "H5'"  sing N N 229 
U   "C5'" "H5''" sing N N 230 
U   "C4'" "O4'"  sing N N 231 
U   "C4'" "C3'"  sing N N 232 
U   "C4'" "H4'"  sing N N 233 
U   "O4'" "C1'"  sing N N 234 
U   "C3'" "O3'"  sing N N 235 
U   "C3'" "C2'"  sing N N 236 
U   "C3'" "H3'"  sing N N 237 
U   "O3'" "HO3'" sing N N 238 
U   "C2'" "O2'"  sing N N 239 
U   "C2'" "C1'"  sing N N 240 
U   "C2'" "H2'"  sing N N 241 
U   "O2'" "HO2'" sing N N 242 
U   "C1'" N1     sing N N 243 
U   "C1'" "H1'"  sing N N 244 
U   N1    C2     sing N N 245 
U   N1    C6     sing N N 246 
U   C2    O2     doub N N 247 
U   C2    N3     sing N N 248 
U   N3    C4     sing N N 249 
U   N3    H3     sing N N 250 
U   C4    O4     doub N N 251 
U   C4    C5     sing N N 252 
U   C5    C6     doub N N 253 
U   C5    H5     sing N N 254 
U   C6    H6     sing N N 255 
# 
loop_
_ndb_struct_conf_na.entry_id 
_ndb_struct_conf_na.feature 
1I2X 'double helix'         
1I2X 'a-form double helix'  
1I2X 'b-form double helix'  
1I2X 'bulge loop'           
1I2X 'mismatched base pair' 
# 
loop_
_ndb_struct_na_base_pair.model_number 
_ndb_struct_na_base_pair.i_label_asym_id 
_ndb_struct_na_base_pair.i_label_comp_id 
_ndb_struct_na_base_pair.i_label_seq_id 
_ndb_struct_na_base_pair.i_symmetry 
_ndb_struct_na_base_pair.j_label_asym_id 
_ndb_struct_na_base_pair.j_label_comp_id 
_ndb_struct_na_base_pair.j_label_seq_id 
_ndb_struct_na_base_pair.j_symmetry 
_ndb_struct_na_base_pair.shear 
_ndb_struct_na_base_pair.stretch 
_ndb_struct_na_base_pair.stagger 
_ndb_struct_na_base_pair.buckle 
_ndb_struct_na_base_pair.propeller 
_ndb_struct_na_base_pair.opening 
_ndb_struct_na_base_pair.pair_number 
_ndb_struct_na_base_pair.pair_name 
_ndb_struct_na_base_pair.i_auth_asym_id 
_ndb_struct_na_base_pair.i_auth_seq_id 
_ndb_struct_na_base_pair.i_PDB_ins_code 
_ndb_struct_na_base_pair.j_auth_asym_id 
_ndb_struct_na_base_pair.j_auth_seq_id 
_ndb_struct_na_base_pair.j_PDB_ins_code 
_ndb_struct_na_base_pair.hbond_type_28 
_ndb_struct_na_base_pair.hbond_type_12 
1 B G  1  1_555 A U  11 1_555 -2.559 -0.524 0.555  8.302   1.591   -2.685 1  B_G21:U11_A     B 21  ? A 11  ? 28 ? 
1 B C  2  1_555 A G  10 1_555 0.009  0.084  -0.174 10.228  -26.596 5.634  2  B_C22:G10_A     B 22  ? A 10  ? 19 1 
1 B G  3  1_555 A C  9  1_555 -0.110 -0.121 -0.529 -17.693 -26.512 1.736  3  B_G23:C9_A      B 23  ? A 9   ? 19 1 
1 B DA 4  1_555 A DT 7  1_555 -0.012 0.134  0.065  -10.364 -18.296 11.254 4  B_DA24:DT7_A    B 24  ? A 7   ? ?  1 
1 B DT 5  1_555 A DA 6  1_555 0.114  -0.376 -0.572 7.189   -10.675 -0.363 5  B_DT25:DA6_A    B 25  ? A 6   ? 20 1 
1 B DA 6  1_555 A DT 5  1_555 -0.763 -0.597 -0.755 -8.521  -8.529  -1.719 6  B_DA26:DT5_A    B 26  ? A 5   ? 20 1 
1 B DT 7  1_555 A DA 4  1_555 -0.377 -0.502 -0.262 6.270   -9.029  1.330  7  B_DT27:DA4_A    B 27  ? A 4   ? 20 1 
1 B C  9  1_555 A G  3  1_555 -0.015 -0.343 -0.113 8.789   -18.341 -8.424 8  B_C29:G3_A      B 29  ? A 3   ? 19 1 
1 B G  10 1_555 A C  2  1_555 0.244  0.061  0.353  1.153   -15.922 -8.308 9  B_G30:C2_A      B 30  ? A 2   ? 19 1 
1 B U  11 1_555 A G  1  1_555 2.538  -0.841 0.139  -2.664  0.739   -3.908 10 B_U31:G1_A      B 31  ? A 1   ? 28 ? 
1 D G  1  1_555 C U  11 1_555 -2.139 -0.372 1.008  9.918   -7.615  4.146  11 C_G121:U111_D   C 121 ? D 111 ? 28 1 
1 D C  2  1_555 C G  10 1_555 -0.023 -0.347 0.232  5.076   -16.927 1.551  12 C_C122:G110_D   C 122 ? D 110 ? 19 1 
1 D G  3  1_555 C C  9  1_555 0.866  -0.083 -0.331 -19.547 -15.974 -4.449 13 C_G123:C109_D   C 123 ? D 109 ? 19 1 
1 D DA 4  1_555 C DT 7  1_555 -0.582 -0.129 -0.042 -17.696 -16.203 14.206 14 C_DA124:DT107_D C 124 ? D 107 ? 20 1 
1 D DT 5  1_555 C DA 6  1_555 -0.708 -0.297 -0.008 2.402   -17.759 13.491 15 C_DT125:DA106_D C 125 ? D 106 ? 20 1 
1 D DA 6  1_555 C DT 5  1_555 -0.001 -0.002 0.025  6.334   -18.333 -0.415 16 C_DA126:DT105_D C 126 ? D 105 ? 20 1 
1 D DT 7  1_555 C DA 4  1_555 -0.688 0.062  -0.351 10.987  -9.669  -5.041 17 C_DT127:DA104_D C 127 ? D 104 ? 20 1 
1 D C  9  1_555 C G  3  1_555 -0.240 -0.331 -0.286 17.167  -18.987 2.707  18 C_C129:G103_D   C 129 ? D 103 ? 19 1 
1 D G  10 1_555 C C  2  1_555 -0.575 -0.068 0.052  -5.956  -24.246 1.541  19 C_G130:C102_D   C 130 ? D 102 ? 19 1 
1 D U  11 1_555 C G  1  1_555 2.754  -0.561 0.822  -8.989  -5.020  2.414  20 C_U131:G101_D   C 131 ? D 101 ? 28 ? 
# 
loop_
_ndb_struct_na_base_pair_step.model_number 
_ndb_struct_na_base_pair_step.i_label_asym_id_1 
_ndb_struct_na_base_pair_step.i_label_comp_id_1 
_ndb_struct_na_base_pair_step.i_label_seq_id_1 
_ndb_struct_na_base_pair_step.i_symmetry_1 
_ndb_struct_na_base_pair_step.j_label_asym_id_1 
_ndb_struct_na_base_pair_step.j_label_comp_id_1 
_ndb_struct_na_base_pair_step.j_label_seq_id_1 
_ndb_struct_na_base_pair_step.j_symmetry_1 
_ndb_struct_na_base_pair_step.i_label_asym_id_2 
_ndb_struct_na_base_pair_step.i_label_comp_id_2 
_ndb_struct_na_base_pair_step.i_label_seq_id_2 
_ndb_struct_na_base_pair_step.i_symmetry_2 
_ndb_struct_na_base_pair_step.j_label_asym_id_2 
_ndb_struct_na_base_pair_step.j_label_comp_id_2 
_ndb_struct_na_base_pair_step.j_label_seq_id_2 
_ndb_struct_na_base_pair_step.j_symmetry_2 
_ndb_struct_na_base_pair_step.shift 
_ndb_struct_na_base_pair_step.slide 
_ndb_struct_na_base_pair_step.rise 
_ndb_struct_na_base_pair_step.tilt 
_ndb_struct_na_base_pair_step.roll 
_ndb_struct_na_base_pair_step.twist 
_ndb_struct_na_base_pair_step.x_displacement 
_ndb_struct_na_base_pair_step.y_displacement 
_ndb_struct_na_base_pair_step.helical_rise 
_ndb_struct_na_base_pair_step.inclination 
_ndb_struct_na_base_pair_step.tip 
_ndb_struct_na_base_pair_step.helical_twist 
_ndb_struct_na_base_pair_step.step_number 
_ndb_struct_na_base_pair_step.step_name 
_ndb_struct_na_base_pair_step.i_auth_asym_id_1 
_ndb_struct_na_base_pair_step.i_auth_seq_id_1 
_ndb_struct_na_base_pair_step.i_PDB_ins_code_1 
_ndb_struct_na_base_pair_step.j_auth_asym_id_1 
_ndb_struct_na_base_pair_step.j_auth_seq_id_1 
_ndb_struct_na_base_pair_step.j_PDB_ins_code_1 
_ndb_struct_na_base_pair_step.i_auth_asym_id_2 
_ndb_struct_na_base_pair_step.i_auth_seq_id_2 
_ndb_struct_na_base_pair_step.i_PDB_ins_code_2 
_ndb_struct_na_base_pair_step.j_auth_asym_id_2 
_ndb_struct_na_base_pair_step.j_auth_seq_id_2 
_ndb_struct_na_base_pair_step.j_PDB_ins_code_2 
1 B G  1  1_555 A U  11 1_555 B C  2  1_555 A G  10 1_555 0.147  -1.137 3.203 4.596  6.827  42.890  -2.156 0.224  2.996 9.235   
-6.217 43.636  1  BB_G21C22:G10U11_AA         B 21  ? A 11  ? B 22  ? A 10  ? 
1 B C  2  1_555 A G  10 1_555 B G  3  1_555 A C  9  1_555 -0.223 -1.618 3.838 1.614  19.705 34.624  -4.800 0.526  2.575 30.252  
-2.478 39.720  2  BB_C22G23:C9G10_AA          B 22  ? A 10  ? B 23  ? A 9   ? 
1 B G  3  1_555 A C  9  1_555 B DA 4  1_555 A DT 7  1_555 -0.756 -1.178 3.108 -6.184 5.568  22.777  -4.463 -0.041 2.847 13.532  
15.030 24.230  3  BB_G23DA24:DT7C9_AA         B 23  ? A 9   ? B 24  ? A 7   ? 
1 B DA 4  1_555 A DT 7  1_555 B DT 5  1_555 A DA 6  1_555 -0.210 -0.310 2.735 4.419  3.276  32.806  -0.995 0.978  2.642 5.751   
-7.756 33.251  4  BB_DA24DT25:DA6DT7_AA       B 24  ? A 7   ? B 25  ? A 6   ? 
1 B DT 5  1_555 A DA 6  1_555 B DA 6  1_555 A DT 5  1_555 0.194  -0.518 3.903 3.156  9.012  31.329  -2.751 0.297  3.620 16.222  
-5.681 32.717  5  BB_DT25DA26:DT5DA6_AA       B 25  ? A 6   ? B 26  ? A 5   ? 
1 B DA 6  1_555 A DT 5  1_555 B DT 7  1_555 A DA 4  1_555 0.203  -0.594 2.850 -4.251 5.502  33.805  -1.731 -0.906 2.678 9.339   
7.216  34.493  6  BB_DA26DT27:DA4DT5_AA       B 26  ? A 5   ? B 27  ? A 4   ? 
1 B DT 7  1_555 A DA 4  1_555 B C  9  1_555 A G  3  1_555 0.877  -1.045 3.239 -0.348 0.086  22.212  -2.744 -2.405 3.221 0.222   
0.904  22.215  7  BB_DT27C29:G3DA4_AA         B 27  ? A 4   ? B 29  ? A 3   ? 
1 B C  9  1_555 A G  3  1_555 B G  10 1_555 A C  2  1_555 -0.111 -1.978 3.293 -3.822 12.347 38.071  -4.178 -0.239 2.555 18.296  
5.663  40.128  8  BB_C29G30:C2G3_AA           B 29  ? A 3   ? B 30  ? A 2   ? 
1 B G  10 1_555 A C  2  1_555 B U  11 1_555 A G  1  1_555 0.492  -1.427 3.347 3.588  2.719  42.936  -2.211 -0.311 3.284 3.703   
-4.885 43.160  9  BB_G30U31:G1C2_AA           B 30  ? A 2   ? B 31  ? A 1   ? 
1 B U  11 1_555 A G  1  1_555 D G  1  1_555 C U  11 1_555 0.064  -4.422 2.325 -6.025 12.678 -37.011 5.152  -0.567 3.563 -19.149 
-9.099 -39.496 10 BC_U31G121:U111G1_DA        B 31  ? A 1   ? C 121 ? D 111 ? 
1 D G  1  1_555 C U  11 1_555 D C  2  1_555 C G  10 1_555 -0.214 -1.120 3.495 4.486  3.169  40.473  -1.972 0.826  3.360 4.556   
-6.449 40.828  11 CC_G121C122:G110U111_DD     C 121 ? D 111 ? C 122 ? D 110 ? 
1 D C  2  1_555 C G  10 1_555 D G  3  1_555 C C  9  1_555 0.064  -2.071 3.508 2.835  22.283 43.768  -4.087 0.124  2.263 27.822  
-3.539 48.942  12 CC_C122G123:C109G110_DD     C 122 ? D 110 ? C 123 ? D 109 ? 
1 D G  3  1_555 C C  9  1_555 D DA 4  1_555 C DT 7  1_555 -0.166 -1.128 3.367 -0.438 -2.087 17.144  -2.384 0.265  3.481 -6.966  
1.463  17.275  13 CC_G123DA124:DT107C109_DD   C 123 ? D 109 ? C 124 ? D 107 ? 
1 D DA 4  1_555 C DT 7  1_555 D DT 5  1_555 C DA 6  1_555 -0.112 -0.321 2.834 0.736  -0.367 34.903  -0.487 0.284  2.834 -0.611  
-1.227 34.913  14 CC_DA124DT125:DA106DT107_DD C 124 ? D 107 ? C 125 ? D 106 ? 
1 D DT 5  1_555 C DA 6  1_555 D DA 6  1_555 C DT 5  1_555 -0.440 -0.049 3.219 0.908  7.101  36.413  -1.010 0.811  3.143 11.230  
-1.435 37.087  15 CC_DT125DA126:DT105DA106_DD C 125 ? D 106 ? C 126 ? D 105 ? 
1 D DA 6  1_555 C DT 5  1_555 D DT 7  1_555 C DA 4  1_555 0.570  -1.268 3.116 0.599  8.955  22.831  -5.438 -1.179 2.462 21.582  
-1.444 24.510  16 CC_DA126DT127:DA104DT105_DD C 126 ? D 105 ? C 127 ? D 104 ? 
1 D DT 7  1_555 C DA 4  1_555 D C  9  1_555 C G  3  1_555 1.465  -1.642 3.223 1.602  -2.752 28.762  -2.665 -2.570 3.436 -5.519  
-3.212 28.935  17 CC_DT127C129:G103DA104_DD   C 127 ? D 104 ? C 129 ? D 103 ? 
1 D C  9  1_555 C G  3  1_555 D G  10 1_555 C C  2  1_555 -0.679 -1.876 3.642 -3.076 17.126 32.180  -5.346 0.663  2.424 28.449  
5.110  36.473  18 CC_C129G130:C102G103_DD     C 129 ? D 103 ? C 130 ? D 102 ? 
1 D G  10 1_555 C C  2  1_555 D U  11 1_555 C G  1  1_555 0.062  -1.095 3.507 -5.951 1.903  44.352  -1.622 -0.658 3.424 2.506   
7.836  44.768  19 CC_G130U131:G101C102_DD     C 130 ? D 102 ? C 131 ? D 101 ? 
# 
_atom_sites.entry_id                    1I2X 
_atom_sites.Cartn_transform_axes        ? 
_atom_sites.fract_transf_matrix[1][1]   0.02139893 
_atom_sites.fract_transf_matrix[1][2]   0.02909132 
_atom_sites.fract_transf_matrix[1][3]   -0.00004550 
_atom_sites.fract_transf_matrix[2][1]   0.00099602 
_atom_sites.fract_transf_matrix[2][2]   -0.00076537 
_atom_sites.fract_transf_matrix[2][3]   -0.02092233 
_atom_sites.fract_transf_matrix[3][1]   -0.00707723 
_atom_sites.fract_transf_matrix[3][2]   0.00520503 
_atom_sites.fract_transf_matrix[3][3]   -0.00052732 
_atom_sites.fract_transf_vector[1]      0.217775 
_atom_sites.fract_transf_vector[2]      0.057313 
_atom_sites.fract_transf_vector[3]      0.251222 
# 
loop_
_atom_type.symbol 
C 
N 
O 
P 
# 
loop_
_atom_site.group_PDB 
_atom_site.id 
_atom_site.type_symbol 
_atom_site.label_atom_id 
_atom_site.label_alt_id 
_atom_site.label_comp_id 
_atom_site.label_asym_id 
_atom_site.label_entity_id 
_atom_site.label_seq_id 
_atom_site.pdbx_PDB_ins_code 
_atom_site.Cartn_x 
_atom_site.Cartn_y 
_atom_site.Cartn_z 
_atom_site.occupancy 
_atom_site.B_iso_or_equiv 
_atom_site.pdbx_formal_charge 
_atom_site.auth_seq_id 
_atom_site.auth_comp_id 
_atom_site.auth_asym_id 
_atom_site.auth_atom_id 
_atom_site.pdbx_PDB_model_num 
ATOM   1    O "O5'" . G   A 1 1  ? 7.040   4.365   -0.858  1.00 32.07 ? 1   G   A "O5'" 1 
ATOM   2    C "C5'" . G   A 1 1  ? 7.712   5.626   -0.831  1.00 30.85 ? 1   G   A "C5'" 1 
ATOM   3    C "C4'" . G   A 1 1  ? 7.989   6.096   0.573   1.00 23.13 ? 1   G   A "C4'" 1 
ATOM   4    O "O4'" . G   A 1 1  ? 6.739   6.251   1.288   1.00 30.96 ? 1   G   A "O4'" 1 
ATOM   5    C "C3'" . G   A 1 1  ? 8.800   5.156   1.435   1.00 25.86 ? 1   G   A "C3'" 1 
ATOM   6    O "O3'" . G   A 1 1  ? 10.193  5.319   1.231   1.00 20.08 ? 1   G   A "O3'" 1 
ATOM   7    C "C2'" . G   A 1 1  ? 8.380   5.584   2.828   1.00 25.80 ? 1   G   A "C2'" 1 
ATOM   8    O "O2'" . G   A 1 1  ? 8.915   6.843   3.169   1.00 25.23 ? 1   G   A "O2'" 1 
ATOM   9    C "C1'" . G   A 1 1  ? 6.907   5.862   2.626   1.00 26.28 ? 1   G   A "C1'" 1 
ATOM   10   N N9    . G   A 1 1  ? 6.070   4.699   2.866   1.00 34.11 ? 1   G   A N9    1 
ATOM   11   C C8    . G   A 1 1  ? 5.314   4.024   1.935   1.00 35.81 ? 1   G   A C8    1 
ATOM   12   N N7    . G   A 1 1  ? 4.573   3.087   2.456   1.00 32.91 ? 1   G   A N7    1 
ATOM   13   C C5    . G   A 1 1  ? 4.870   3.131   3.811   1.00 36.25 ? 1   G   A C5    1 
ATOM   14   C C6    . G   A 1 1  ? 4.346   2.374   4.888   1.00 36.81 ? 1   G   A C6    1 
ATOM   15   O O6    . G   A 1 1  ? 3.451   1.522   4.862   1.00 36.05 ? 1   G   A O6    1 
ATOM   16   N N1    . G   A 1 1  ? 4.957   2.717   6.097   1.00 34.05 ? 1   G   A N1    1 
ATOM   17   C C2    . G   A 1 1  ? 5.935   3.677   6.243   1.00 35.38 ? 1   G   A C2    1 
ATOM   18   N N2    . G   A 1 1  ? 6.426   3.841   7.474   1.00 30.13 ? 1   G   A N2    1 
ATOM   19   N N3    . G   A 1 1  ? 6.400   4.415   5.252   1.00 35.40 ? 1   G   A N3    1 
ATOM   20   C C4    . G   A 1 1  ? 5.829   4.093   4.073   1.00 35.38 ? 1   G   A C4    1 
ATOM   21   P P     . C   A 1 2  ? 11.143  4.053   1.336   1.00 27.09 ? 2   C   A P     1 
ATOM   22   O OP1   . C   A 1 2  ? 12.530  4.396   1.016   1.00 35.14 ? 2   C   A OP1   1 
ATOM   23   O OP2   . C   A 1 2  ? 10.454  2.999   0.550   1.00 35.64 ? 2   C   A OP2   1 
ATOM   24   O "O5'" . C   A 1 2  ? 11.124  3.650   2.865   1.00 32.94 ? 2   C   A "O5'" 1 
ATOM   25   C "C5'" . C   A 1 2  ? 11.907  4.376   3.801   1.00 30.34 ? 2   C   A "C5'" 1 
ATOM   26   C "C4'" . C   A 1 2  ? 11.514  4.016   5.197   1.00 27.59 ? 2   C   A "C4'" 1 
ATOM   27   O "O4'" . C   A 1 2  ? 10.078  4.154   5.358   1.00 35.28 ? 2   C   A "O4'" 1 
ATOM   28   C "C3'" . C   A 1 2  ? 11.756  2.577   5.564   1.00 30.93 ? 2   C   A "C3'" 1 
ATOM   29   O "O3'" . C   A 1 2  ? 13.097  2.335   5.878   1.00 27.08 ? 2   C   A "O3'" 1 
ATOM   30   C "C2'" . C   A 1 2  ? 10.814  2.399   6.735   1.00 33.10 ? 2   C   A "C2'" 1 
ATOM   31   O "O2'" . C   A 1 2  ? 11.287  3.083   7.874   1.00 33.56 ? 2   C   A "O2'" 1 
ATOM   32   C "C1'" . C   A 1 2  ? 9.597   3.153   6.236   1.00 31.28 ? 2   C   A "C1'" 1 
ATOM   33   N N1    . C   A 1 2  ? 8.746   2.222   5.485   1.00 35.17 ? 2   C   A N1    1 
ATOM   34   C C2    . C   A 1 2  ? 8.071   1.207   6.193   1.00 35.96 ? 2   C   A C2    1 
ATOM   35   O O2    . C   A 1 2  ? 8.228   1.122   7.419   1.00 38.59 ? 2   C   A O2    1 
ATOM   36   N N3    . C   A 1 2  ? 7.281   0.340   5.524   1.00 34.59 ? 2   C   A N3    1 
ATOM   37   C C4    . C   A 1 2  ? 7.153   0.444   4.202   1.00 34.26 ? 2   C   A C4    1 
ATOM   38   N N4    . C   A 1 2  ? 6.356   -0.428  3.590   1.00 26.68 ? 2   C   A N4    1 
ATOM   39   C C5    . C   A 1 2  ? 7.838   1.459   3.448   1.00 36.94 ? 2   C   A C5    1 
ATOM   40   C C6    . C   A 1 2  ? 8.614   2.321   4.128   1.00 35.00 ? 2   C   A C6    1 
ATOM   41   P P     . G   A 1 3  ? 13.732  0.952   5.443   1.00 33.71 ? 3   G   A P     1 
ATOM   42   O OP1   . G   A 1 3  ? 15.183  0.930   5.682   1.00 28.25 ? 3   G   A OP1   1 
ATOM   43   O OP2   . G   A 1 3  ? 13.218  0.717   4.071   1.00 37.67 ? 3   G   A OP2   1 
ATOM   44   O "O5'" . G   A 1 3  ? 13.023  -0.091  6.420   1.00 38.60 ? 3   G   A "O5'" 1 
ATOM   45   C "C5'" . G   A 1 3  ? 12.940  0.156   7.838   1.00 35.20 ? 3   G   A "C5'" 1 
ATOM   46   C "C4'" . G   A 1 3  ? 12.302  -1.018  8.540   1.00 31.20 ? 3   G   A "C4'" 1 
ATOM   47   O "O4'" . G   A 1 3  ? 10.862  -1.028  8.358   1.00 35.43 ? 3   G   A "O4'" 1 
ATOM   48   C "C3'" . G   A 1 3  ? 12.765  -2.367  8.039   1.00 34.77 ? 3   G   A "C3'" 1 
ATOM   49   O "O3'" . G   A 1 3  ? 13.978  -2.731  8.660   1.00 33.53 ? 3   G   A "O3'" 1 
ATOM   50   C "C2'" . G   A 1 3  ? 11.613  -3.285  8.422   1.00 33.16 ? 3   G   A "C2'" 1 
ATOM   51   O "O2'" . G   A 1 3  ? 11.704  -3.684  9.764   1.00 39.75 ? 3   G   A "O2'" 1 
ATOM   52   C "C1'" . G   A 1 3  ? 10.403  -2.366  8.272   1.00 29.13 ? 3   G   A "C1'" 1 
ATOM   53   N N9    . G   A 1 3  ? 9.754   -2.525  6.981   1.00 33.83 ? 3   G   A N9    1 
ATOM   54   C C8    . G   A 1 3  ? 10.008  -1.791  5.842   1.00 30.54 ? 3   G   A C8    1 
ATOM   55   N N7    . G   A 1 3  ? 9.256   -2.129  4.834   1.00 28.68 ? 3   G   A N7    1 
ATOM   56   C C5    . G   A 1 3  ? 8.466   -3.160  5.328   1.00 34.00 ? 3   G   A C5    1 
ATOM   57   C C6    . G   A 1 3  ? 7.460   -3.926  4.687   1.00 35.28 ? 3   G   A C6    1 
ATOM   58   O O6    . G   A 1 3  ? 7.060   -3.841  3.514   1.00 33.59 ? 3   G   A O6    1 
ATOM   59   N N1    . G   A 1 3  ? 6.900   -4.869  5.551   1.00 36.83 ? 3   G   A N1    1 
ATOM   60   C C2    . G   A 1 3  ? 7.265   -5.058  6.867   1.00 38.25 ? 3   G   A C2    1 
ATOM   61   N N2    . G   A 1 3  ? 6.595   -6.034  7.547   1.00 34.32 ? 3   G   A N2    1 
ATOM   62   N N3    . G   A 1 3  ? 8.216   -4.346  7.477   1.00 37.67 ? 3   G   A N3    1 
ATOM   63   C C4    . G   A 1 3  ? 8.763   -3.421  6.652   1.00 34.26 ? 3   G   A C4    1 
ATOM   64   P P     . DA  A 1 4  ? 14.680  -4.118  8.281   1.00 46.05 ? 4   DA  A P     1 
ATOM   65   O OP1   . DA  A 1 4  ? 15.753  -4.301  9.285   1.00 44.75 ? 4   DA  A OP1   1 
ATOM   66   O OP2   . DA  A 1 4  ? 15.022  -4.175  6.843   1.00 46.69 ? 4   DA  A OP2   1 
ATOM   67   O "O5'" . DA  A 1 4  ? 13.531  -5.201  8.512   1.00 44.64 ? 4   DA  A "O5'" 1 
ATOM   68   C "C5'" . DA  A 1 4  ? 13.263  -5.716  9.820   1.00 39.38 ? 4   DA  A "C5'" 1 
ATOM   69   C "C4'" . DA  A 1 4  ? 12.324  -6.894  9.735   1.00 35.87 ? 4   DA  A "C4'" 1 
ATOM   70   O "O4'" . DA  A 1 4  ? 11.114  -6.517  9.054   1.00 34.34 ? 4   DA  A "O4'" 1 
ATOM   71   C "C3'" . DA  A 1 4  ? 12.852  -8.097  8.970   1.00 37.11 ? 4   DA  A "C3'" 1 
ATOM   72   O "O3'" . DA  A 1 4  ? 13.603  -8.925  9.874   1.00 34.50 ? 4   DA  A "O3'" 1 
ATOM   73   C "C2'" . DA  A 1 4  ? 11.574  -8.767  8.491   1.00 37.81 ? 4   DA  A "C2'" 1 
ATOM   74   C "C1'" . DA  A 1 4  ? 10.597  -7.607  8.325   1.00 36.05 ? 4   DA  A "C1'" 1 
ATOM   75   N N9    . DA  A 1 4  ? 10.370  -7.144  6.961   1.00 39.55 ? 4   DA  A N9    1 
ATOM   76   C C8    . DA  A 1 4  ? 11.022  -6.155  6.257   1.00 37.34 ? 4   DA  A C8    1 
ATOM   77   N N7    . DA  A 1 4  ? 10.535  -5.958  5.058   1.00 35.87 ? 4   DA  A N7    1 
ATOM   78   C C5    . DA  A 1 4  ? 9.508   -6.891  4.958   1.00 37.05 ? 4   DA  A C5    1 
ATOM   79   C C6    . DA  A 1 4  ? 8.609   -7.204  3.933   1.00 37.48 ? 4   DA  A C6    1 
ATOM   80   N N6    . DA  A 1 4  ? 8.600   -6.604  2.736   1.00 38.98 ? 4   DA  A N6    1 
ATOM   81   N N1    . DA  A 1 4  ? 7.704   -8.175  4.171   1.00 36.85 ? 4   DA  A N1    1 
ATOM   82   C C2    . DA  A 1 4  ? 7.724   -8.793  5.340   1.00 36.91 ? 4   DA  A C2    1 
ATOM   83   N N3    . DA  A 1 4  ? 8.525   -8.605  6.374   1.00 37.81 ? 4   DA  A N3    1 
ATOM   84   C C4    . DA  A 1 4  ? 9.401   -7.625  6.118   1.00 38.21 ? 4   DA  A C4    1 
ATOM   85   P P     . DT  A 1 5  ? 14.439  -10.151 9.306   1.00 35.93 ? 5   DT  A P     1 
ATOM   86   O OP1   . DT  A 1 5  ? 15.101  -10.889 10.403  1.00 37.73 ? 5   DT  A OP1   1 
ATOM   87   O OP2   . DT  A 1 5  ? 15.257  -9.611  8.199   1.00 42.04 ? 5   DT  A OP2   1 
ATOM   88   O "O5'" . DT  A 1 5  ? 13.287  -11.082 8.707   1.00 42.89 ? 5   DT  A "O5'" 1 
ATOM   89   C "C5'" . DT  A 1 5  ? 12.134  -11.433 9.507   1.00 37.07 ? 5   DT  A "C5'" 1 
ATOM   90   C "C4'" . DT  A 1 5  ? 11.241  -12.406 8.770   1.00 32.30 ? 5   DT  A "C4'" 1 
ATOM   91   O "O4'" . DT  A 1 5  ? 10.503  -11.743 7.721   1.00 34.29 ? 5   DT  A "O4'" 1 
ATOM   92   C "C3'" . DT  A 1 5  ? 11.951  -13.586 8.118   1.00 34.21 ? 5   DT  A "C3'" 1 
ATOM   93   O "O3'" . DT  A 1 5  ? 11.166  -14.762 8.328   1.00 41.17 ? 5   DT  A "O3'" 1 
ATOM   94   C "C2'" . DT  A 1 5  ? 11.969  -13.229 6.641   1.00 29.77 ? 5   DT  A "C2'" 1 
ATOM   95   C "C1'" . DT  A 1 5  ? 10.713  -12.389 6.466   1.00 29.61 ? 5   DT  A "C1'" 1 
ATOM   96   N N1    . DT  A 1 5  ? 10.859  -11.328 5.453   1.00 30.77 ? 5   DT  A N1    1 
ATOM   97   C C2    . DT  A 1 5  ? 9.901   -11.178 4.476   1.00 31.37 ? 5   DT  A C2    1 
ATOM   98   O O2    . DT  A 1 5  ? 8.907   -11.871 4.404   1.00 35.06 ? 5   DT  A O2    1 
ATOM   99   N N3    . DT  A 1 5  ? 10.139  -10.159 3.591   1.00 30.00 ? 5   DT  A N3    1 
ATOM   100  C C4    . DT  A 1 5  ? 11.196  -9.274  3.605   1.00 29.93 ? 5   DT  A C4    1 
ATOM   101  O O4    . DT  A 1 5  ? 11.274  -8.402  2.752   1.00 32.16 ? 5   DT  A O4    1 
ATOM   102  C C5    . DT  A 1 5  ? 12.142  -9.465  4.672   1.00 29.77 ? 5   DT  A C5    1 
ATOM   103  C C7    . DT  A 1 5  ? 13.278  -8.501  4.812   1.00 29.32 ? 5   DT  A C7    1 
ATOM   104  C C6    . DT  A 1 5  ? 11.947  -10.485 5.516   1.00 29.51 ? 5   DT  A C6    1 
ATOM   105  P P     . DA  A 1 6  ? 11.736  -16.197 7.878   1.00 44.85 ? 6   DA  A P     1 
ATOM   106  O OP1   . DA  A 1 6  ? 11.299  -17.176 8.910   1.00 46.42 ? 6   DA  A OP1   1 
ATOM   107  O OP2   . DA  A 1 6  ? 13.182  -16.098 7.536   1.00 38.58 ? 6   DA  A OP2   1 
ATOM   108  O "O5'" . DA  A 1 6  ? 10.921  -16.467 6.541   1.00 42.24 ? 6   DA  A "O5'" 1 
ATOM   109  C "C5'" . DA  A 1 6  ? 9.510   -16.332 6.522   1.00 35.06 ? 6   DA  A "C5'" 1 
ATOM   110  C "C4'" . DA  A 1 6  ? 8.985   -16.766 5.180   1.00 36.65 ? 6   DA  A "C4'" 1 
ATOM   111  O "O4'" . DA  A 1 6  ? 9.147   -15.710 4.209   1.00 35.40 ? 6   DA  A "O4'" 1 
ATOM   112  C "C3'" . DA  A 1 6  ? 9.715   -17.981 4.612   1.00 38.85 ? 6   DA  A "C3'" 1 
ATOM   113  O "O3'" . DA  A 1 6  ? 8.732   -18.786 3.921   1.00 38.96 ? 6   DA  A "O3'" 1 
ATOM   114  C "C2'" . DA  A 1 6  ? 10.729  -17.349 3.666   1.00 30.19 ? 6   DA  A "C2'" 1 
ATOM   115  C "C1'" . DA  A 1 6  ? 9.969   -16.138 3.139   1.00 32.09 ? 6   DA  A "C1'" 1 
ATOM   116  N N9    . DA  A 1 6  ? 10.754  -14.983 2.718   1.00 28.02 ? 6   DA  A N9    1 
ATOM   117  C C8    . DA  A 1 6  ? 11.782  -14.361 3.399   1.00 28.33 ? 6   DA  A C8    1 
ATOM   118  N N7    . DA  A 1 6  ? 12.243  -13.293 2.794   1.00 25.86 ? 6   DA  A N7    1 
ATOM   119  C C5    . DA  A 1 6  ? 11.484  -13.215 1.631   1.00 23.91 ? 6   DA  A C5    1 
ATOM   120  C C6    . DA  A 1 6  ? 11.494  -12.305 0.551   1.00 23.22 ? 6   DA  A C6    1 
ATOM   121  N N6    . DA  A 1 6  ? 12.324  -11.262 0.479   1.00 16.59 ? 6   DA  A N6    1 
ATOM   122  N N1    . DA  A 1 6  ? 10.605  -12.515 -0.469  1.00 19.95 ? 6   DA  A N1    1 
ATOM   123  C C2    . DA  A 1 6  ? 9.780   -13.573 -0.385  1.00 19.66 ? 6   DA  A C2    1 
ATOM   124  N N3    . DA  A 1 6  ? 9.684   -14.501 0.586   1.00 21.31 ? 6   DA  A N3    1 
ATOM   125  C C4    . DA  A 1 6  ? 10.574  -14.259 1.568   1.00 24.28 ? 6   DA  A C4    1 
ATOM   126  P P     . DT  A 1 7  ? 9.199   -19.985 2.956   1.00 40.12 ? 7   DT  A P     1 
ATOM   127  O OP1   . DT  A 1 7  ? 8.067   -20.962 2.913   1.00 40.39 ? 7   DT  A OP1   1 
ATOM   128  O OP2   . DT  A 1 7  ? 10.568  -20.440 3.374   1.00 34.98 ? 7   DT  A OP2   1 
ATOM   129  O "O5'" . DT  A 1 7  ? 9.303   -19.306 1.510   1.00 39.27 ? 7   DT  A "O5'" 1 
ATOM   130  C "C5'" . DT  A 1 7  ? 8.130   -18.824 0.829   1.00 33.23 ? 7   DT  A "C5'" 1 
ATOM   131  C "C4'" . DT  A 1 7  ? 8.382   -18.817 -0.663  1.00 33.89 ? 7   DT  A "C4'" 1 
ATOM   132  O "O4'" . DT  A 1 7  ? 9.219   -17.690 -1.002  1.00 32.21 ? 7   DT  A "O4'" 1 
ATOM   133  C "C3'" . DT  A 1 7  ? 9.126   -20.065 -1.131  1.00 30.95 ? 7   DT  A "C3'" 1 
ATOM   134  O "O3'" . DT  A 1 7  ? 8.603   -20.481 -2.403  1.00 30.98 ? 7   DT  A "O3'" 1 
ATOM   135  C "C2'" . DT  A 1 7  ? 10.577  -19.609 -1.201  1.00 29.86 ? 7   DT  A "C2'" 1 
ATOM   136  C "C1'" . DT  A 1 7  ? 10.455  -18.125 -1.538  1.00 27.50 ? 7   DT  A "C1'" 1 
ATOM   137  N N1    . DT  A 1 7  ? 11.517  -17.219 -1.013  1.00 24.05 ? 7   DT  A N1    1 
ATOM   138  C C2    . DT  A 1 7  ? 11.724  -16.042 -1.722  1.00 21.27 ? 7   DT  A C2    1 
ATOM   139  O O2    . DT  A 1 7  ? 11.074  -15.768 -2.732  1.00 18.33 ? 7   DT  A O2    1 
ATOM   140  N N3    . DT  A 1 7  ? 12.712  -15.204 -1.208  1.00 15.49 ? 7   DT  A N3    1 
ATOM   141  C C4    . DT  A 1 7  ? 13.513  -15.450 -0.097  1.00 21.19 ? 7   DT  A C4    1 
ATOM   142  O O4    . DT  A 1 7  ? 14.415  -14.630 0.221   1.00 17.38 ? 7   DT  A O4    1 
ATOM   143  C C5    . DT  A 1 7  ? 13.221  -16.708 0.613   1.00 22.20 ? 7   DT  A C5    1 
ATOM   144  C C7    . DT  A 1 7  ? 13.991  -17.032 1.855   1.00 23.11 ? 7   DT  A C7    1 
ATOM   145  C C6    . DT  A 1 7  ? 12.258  -17.514 0.117   1.00 21.49 ? 7   DT  A C6    1 
ATOM   146  P P     . A   A 1 8  ? 7.225   -21.327 -2.445  1.00 34.51 ? 8   A   A P     1 
ATOM   147  O OP1   . A   A 1 8  ? 6.420   -20.925 -3.627  1.00 29.09 ? 8   A   A OP1   1 
ATOM   148  O OP2   . A   A 1 8  ? 6.623   -21.246 -1.089  1.00 39.44 ? 8   A   A OP2   1 
ATOM   149  O "O5'" . A   A 1 8  ? 7.699   -22.826 -2.675  1.00 28.57 ? 8   A   A "O5'" 1 
ATOM   150  C "C5'" . A   A 1 8  ? 8.412   -23.522 -1.674  1.00 22.97 ? 8   A   A "C5'" 1 
ATOM   151  C "C4'" . A   A 1 8  ? 9.624   -24.142 -2.294  1.00 26.55 ? 8   A   A "C4'" 1 
ATOM   152  O "O4'" . A   A 1 8  ? 9.217   -25.174 -3.236  1.00 34.25 ? 8   A   A "O4'" 1 
ATOM   153  C "C3'" . A   A 1 8  ? 10.474  -23.154 -3.098  1.00 22.22 ? 8   A   A "C3'" 1 
ATOM   154  O "O3'" . A   A 1 8  ? 11.794  -23.577 -2.978  1.00 19.38 ? 8   A   A "O3'" 1 
ATOM   155  C "C2'" . A   A 1 8  ? 10.064  -23.432 -4.533  1.00 23.82 ? 8   A   A "C2'" 1 
ATOM   156  O "O2'" . A   A 1 8  ? 11.123  -23.234 -5.421  1.00 27.44 ? 8   A   A "O2'" 1 
ATOM   157  C "C1'" . A   A 1 8  ? 9.872   -24.938 -4.462  1.00 30.16 ? 8   A   A "C1'" 1 
ATOM   158  N N9    . A   A 1 8  ? 9.154   -25.562 -5.577  1.00 24.40 ? 8   A   A N9    1 
ATOM   159  C C8    . A   A 1 8  ? 7.996   -25.191 -6.234  1.00 23.14 ? 8   A   A C8    1 
ATOM   160  N N7    . A   A 1 8  ? 7.689   -25.990 -7.231  1.00 23.52 ? 8   A   A N7    1 
ATOM   161  C C5    . A   A 1 8  ? 8.701   -26.957 -7.210  1.00 18.01 ? 8   A   A C5    1 
ATOM   162  C C6    . A   A 1 8  ? 8.940   -28.117 -7.995  1.00 16.47 ? 8   A   A C6    1 
ATOM   163  N N6    . A   A 1 8  ? 8.148   -28.493 -9.006  1.00 21.90 ? 8   A   A N6    1 
ATOM   164  N N1    . A   A 1 8  ? 10.030  -28.871 -7.706  1.00 14.10 ? 8   A   A N1    1 
ATOM   165  C C2    . A   A 1 8  ? 10.836  -28.474 -6.692  1.00 20.04 ? 8   A   A C2    1 
ATOM   166  N N3    . A   A 1 8  ? 10.712  -27.404 -5.884  1.00 19.17 ? 8   A   A N3    1 
ATOM   167  C C4    . A   A 1 8  ? 9.609   -26.697 -6.200  1.00 19.42 ? 8   A   A C4    1 
ATOM   168  P P     . C   A 1 9  ? 12.716  -22.938 -1.842  1.00 18.49 ? 9   C   A P     1 
ATOM   169  O OP1   . C   A 1 9  ? 13.953  -23.724 -1.640  1.00 5.17  ? 9   C   A OP1   1 
ATOM   170  O OP2   . C   A 1 9  ? 11.781  -22.680 -0.701  1.00 29.47 ? 9   C   A OP2   1 
ATOM   171  O "O5'" . C   A 1 9  ? 13.127  -21.506 -2.409  1.00 27.34 ? 9   C   A "O5'" 1 
ATOM   172  C "C5'" . C   A 1 9  ? 14.262  -21.363 -3.276  1.00 13.22 ? 9   C   A "C5'" 1 
ATOM   173  C "C4'" . C   A 1 9  ? 13.912  -20.442 -4.411  1.00 13.69 ? 9   C   A "C4'" 1 
ATOM   174  O "O4'" . C   A 1 9  ? 13.331  -19.258 -3.828  1.00 19.45 ? 9   C   A "O4'" 1 
ATOM   175  C "C3'" . C   A 1 9  ? 15.107  -19.948 -5.226  1.00 14.47 ? 9   C   A "C3'" 1 
ATOM   176  O "O3'" . C   A 1 9  ? 15.409  -20.765 -6.324  1.00 6.41  ? 9   C   A "O3'" 1 
ATOM   177  C "C2'" . C   A 1 9  ? 14.593  -18.623 -5.727  1.00 14.05 ? 9   C   A "C2'" 1 
ATOM   178  O "O2'" . C   A 1 9  ? 13.700  -18.819 -6.769  1.00 10.96 ? 9   C   A "O2'" 1 
ATOM   179  C "C1'" . C   A 1 9  ? 13.821  -18.110 -4.513  1.00 17.21 ? 9   C   A "C1'" 1 
ATOM   180  N N1    . C   A 1 9  ? 14.734  -17.372 -3.611  1.00 13.01 ? 9   C   A N1    1 
ATOM   181  C C2    . C   A 1 9  ? 14.960  -16.008 -3.868  1.00 13.42 ? 9   C   A C2    1 
ATOM   182  O O2    . C   A 1 9  ? 14.371  -15.490 -4.856  1.00 7.71  ? 9   C   A O2    1 
ATOM   183  N N3    . C   A 1 9  ? 15.790  -15.288 -3.050  1.00 5.25  ? 9   C   A N3    1 
ATOM   184  C C4    . C   A 1 9  ? 16.381  -15.891 -2.015  1.00 12.23 ? 9   C   A C4    1 
ATOM   185  N N4    . C   A 1 9  ? 17.150  -15.140 -1.205  1.00 5.69  ? 9   C   A N4    1 
ATOM   186  C C5    . C   A 1 9  ? 16.194  -17.307 -1.738  1.00 16.41 ? 9   C   A C5    1 
ATOM   187  C C6    . C   A 1 9  ? 15.360  -17.990 -2.550  1.00 11.44 ? 9   C   A C6    1 
ATOM   188  P P     . G   A 1 10 ? 16.904  -21.234 -6.577  1.00 21.99 ? 10  G   A P     1 
ATOM   189  O OP1   . G   A 1 10 ? 16.950  -22.338 -7.528  1.00 23.33 ? 10  G   A OP1   1 
ATOM   190  O OP2   . G   A 1 10 ? 17.474  -21.425 -5.280  1.00 9.75  ? 10  G   A OP2   1 
ATOM   191  O "O5'" . G   A 1 10 ? 17.458  -19.963 -7.349  1.00 20.30 ? 10  G   A "O5'" 1 
ATOM   192  C "C5'" . G   A 1 10 ? 16.692  -19.399 -8.422  1.00 6.83  ? 10  G   A "C5'" 1 
ATOM   193  C "C4'" . G   A 1 10 ? 17.322  -18.124 -8.895  1.00 9.95  ? 10  G   A "C4'" 1 
ATOM   194  O "O4'" . G   A 1 10 ? 16.858  -17.065 -8.035  1.00 17.31 ? 10  G   A "O4'" 1 
ATOM   195  C "C3'" . G   A 1 10 ? 18.861  -17.980 -8.858  1.00 12.19 ? 10  G   A "C3'" 1 
ATOM   196  O "O3'" . G   A 1 10 ? 19.556  -18.422 -10.016 1.00 5.31  ? 10  G   A "O3'" 1 
ATOM   197  C "C2'" . G   A 1 10 ? 19.013  -16.479 -8.810  1.00 10.37 ? 10  G   A "C2'" 1 
ATOM   198  O "O2'" . G   A 1 10 ? 18.666  -15.920 -10.045 1.00 6.33  ? 10  G   A "O2'" 1 
ATOM   199  C "C1'" . G   A 1 10 ? 17.884  -16.102 -7.874  1.00 11.81 ? 10  G   A "C1'" 1 
ATOM   200  N N9    . G   A 1 10 ? 18.353  -16.152 -6.516  1.00 15.42 ? 10  G   A N9    1 
ATOM   201  C C8    . G   A 1 10 ? 18.166  -17.143 -5.580  1.00 17.74 ? 10  G   A C8    1 
ATOM   202  N N7    . G   A 1 10 ? 18.705  -16.871 -4.432  1.00 15.61 ? 10  G   A N7    1 
ATOM   203  C C5    . G   A 1 10 ? 19.285  -15.629 -4.618  1.00 18.04 ? 10  G   A C5    1 
ATOM   204  C C6    . G   A 1 10 ? 19.995  -14.785 -3.719  1.00 15.16 ? 10  G   A C6    1 
ATOM   205  O O6    . G   A 1 10 ? 20.232  -14.977 -2.538  1.00 14.61 ? 10  G   A O6    1 
ATOM   206  N N1    . G   A 1 10 ? 20.442  -13.627 -4.338  1.00 13.41 ? 10  G   A N1    1 
ATOM   207  C C2    . G   A 1 10 ? 20.181  -13.272 -5.646  1.00 16.56 ? 10  G   A C2    1 
ATOM   208  N N2    . G   A 1 10 ? 20.665  -12.104 -6.083  1.00 17.29 ? 10  G   A N2    1 
ATOM   209  N N3    . G   A 1 10 ? 19.502  -14.030 -6.485  1.00 19.93 ? 10  G   A N3    1 
ATOM   210  C C4    . G   A 1 10 ? 19.080  -15.180 -5.897  1.00 20.04 ? 10  G   A C4    1 
ATOM   211  P P     . U   A 1 11 ? 20.872  -19.326 -9.860  1.00 14.56 ? 11  U   A P     1 
ATOM   212  O OP1   . U   A 1 11 ? 21.127  -20.046 -11.136 1.00 22.88 ? 11  U   A OP1   1 
ATOM   213  O OP2   . U   A 1 11 ? 20.787  -20.049 -8.577  1.00 11.27 ? 11  U   A OP2   1 
ATOM   214  O "O5'" . U   A 1 11 ? 22.074  -18.283 -9.780  1.00 27.20 ? 11  U   A "O5'" 1 
ATOM   215  C "C5'" . U   A 1 11 ? 22.167  -17.174 -10.676 1.00 15.33 ? 11  U   A "C5'" 1 
ATOM   216  C "C4'" . U   A 1 11 ? 23.086  -16.149 -10.086 1.00 20.16 ? 11  U   A "C4'" 1 
ATOM   217  O "O4'" . U   A 1 11 ? 22.401  -15.510 -8.970  1.00 23.16 ? 11  U   A "O4'" 1 
ATOM   218  C "C3'" . U   A 1 11 ? 24.382  -16.669 -9.472  1.00 15.45 ? 11  U   A "C3'" 1 
ATOM   219  O "O3'" . U   A 1 11 ? 25.486  -17.234 -10.186 1.00 12.29 ? 11  U   A "O3'" 1 
ATOM   220  C "C2'" . U   A 1 11 ? 24.725  -15.626 -8.418  1.00 16.38 ? 11  U   A "C2'" 1 
ATOM   221  O "O2'" . U   A 1 11 ? 25.368  -14.492 -8.944  1.00 25.28 ? 11  U   A "O2'" 1 
ATOM   222  C "C1'" . U   A 1 11 ? 23.338  -15.194 -7.946  1.00 17.17 ? 11  U   A "C1'" 1 
ATOM   223  N N1    . U   A 1 11 ? 22.948  -15.864 -6.694  1.00 20.94 ? 11  U   A N1    1 
ATOM   224  C C2    . U   A 1 11 ? 23.484  -15.364 -5.504  1.00 17.34 ? 11  U   A C2    1 
ATOM   225  O O2    . U   A 1 11 ? 24.243  -14.476 -5.474  1.00 9.96  ? 11  U   A O2    1 
ATOM   226  N N3    . U   A 1 11 ? 23.081  -15.981 -4.359  1.00 17.95 ? 11  U   A N3    1 
ATOM   227  C C4    . U   A 1 11 ? 22.228  -17.045 -4.254  1.00 19.65 ? 11  U   A C4    1 
ATOM   228  O O4    . U   A 1 11 ? 21.972  -17.480 -3.134  1.00 22.40 ? 11  U   A O4    1 
ATOM   229  C C5    . U   A 1 11 ? 21.712  -17.550 -5.522  1.00 20.82 ? 11  U   A C5    1 
ATOM   230  C C6    . U   A 1 11 ? 22.078  -16.957 -6.669  1.00 19.35 ? 11  U   A C6    1 
ATOM   231  O "O5'" . G   B 1 1  ? 24.287  -9.462  3.632   1.00 11.73 ? 21  G   B "O5'" 1 
ATOM   232  C "C5'" . G   B 1 1  ? 25.726  -9.404  3.768   1.00 9.89  ? 21  G   B "C5'" 1 
ATOM   233  C "C4'" . G   B 1 1  ? 26.417  -8.866  2.523   1.00 8.56  ? 21  G   B "C4'" 1 
ATOM   234  O "O4'" . G   B 1 1  ? 27.101  -9.969  1.880   1.00 19.38 ? 21  G   B "O4'" 1 
ATOM   235  C "C3'" . G   B 1 1  ? 25.508  -8.284  1.447   1.00 12.89 ? 21  G   B "C3'" 1 
ATOM   236  O "O3'" . G   B 1 1  ? 25.171  -6.932  1.623   1.00 13.13 ? 21  G   B "O3'" 1 
ATOM   237  C "C2'" . G   B 1 1  ? 26.267  -8.566  0.170   1.00 15.82 ? 21  G   B "C2'" 1 
ATOM   238  O "O2'" . G   B 1 1  ? 27.331  -7.713  -0.181  1.00 19.01 ? 21  G   B "O2'" 1 
ATOM   239  C "C1'" . G   B 1 1  ? 26.900  -9.900  0.498   1.00 14.63 ? 21  G   B "C1'" 1 
ATOM   240  N N9    . G   B 1 1  ? 26.005  -10.981 0.145   1.00 24.33 ? 21  G   B N9    1 
ATOM   241  C C8    . G   B 1 1  ? 25.333  -11.803 1.018   1.00 29.70 ? 21  G   B C8    1 
ATOM   242  N N7    . G   B 1 1  ? 24.698  -12.769 0.423   1.00 26.19 ? 21  G   B N7    1 
ATOM   243  C C5    . G   B 1 1  ? 24.938  -12.552 -0.922  1.00 24.40 ? 21  G   B C5    1 
ATOM   244  C C6    . G   B 1 1  ? 24.539  -13.287 -2.032  1.00 20.35 ? 21  G   B C6    1 
ATOM   245  O O6    . G   B 1 1  ? 23.903  -14.315 -2.049  1.00 16.76 ? 21  G   B O6    1 
ATOM   246  N N1    . G   B 1 1  ? 24.987  -12.711 -3.221  1.00 19.37 ? 21  G   B N1    1 
ATOM   247  C C2    . G   B 1 1  ? 25.741  -11.578 -3.310  1.00 22.05 ? 21  G   B C2    1 
ATOM   248  N N2    . G   B 1 1  ? 26.075  -11.188 -4.535  1.00 24.58 ? 21  G   B N2    1 
ATOM   249  N N3    . G   B 1 1  ? 26.138  -10.881 -2.267  1.00 22.89 ? 21  G   B N3    1 
ATOM   250  C C4    . G   B 1 1  ? 25.710  -11.425 -1.113  1.00 22.74 ? 21  G   B C4    1 
ATOM   251  P P     . C   B 1 2  ? 23.798  -6.403  1.041   1.00 15.96 ? 22  C   B P     1 
ATOM   252  O OP1   . C   B 1 2  ? 23.647  -4.934  1.106   1.00 24.02 ? 22  C   B OP1   1 
ATOM   253  O OP2   . C   B 1 2  ? 22.732  -7.276  1.618   1.00 30.69 ? 22  C   B OP2   1 
ATOM   254  O "O5'" . C   B 1 2  ? 23.912  -6.733  -0.507  1.00 29.60 ? 22  C   B "O5'" 1 
ATOM   255  C "C5'" . C   B 1 2  ? 24.460  -5.769  -1.414  1.00 27.66 ? 22  C   B "C5'" 1 
ATOM   256  C "C4'" . C   B 1 2  ? 24.356  -6.259  -2.829  1.00 21.43 ? 22  C   B "C4'" 1 
ATOM   257  O "O4'" . C   B 1 2  ? 24.797  -7.642  -2.877  1.00 23.35 ? 22  C   B "O4'" 1 
ATOM   258  C "C3'" . C   B 1 2  ? 22.943  -6.309  -3.350  1.00 22.27 ? 22  C   B "C3'" 1 
ATOM   259  O "O3'" . C   B 1 2  ? 22.458  -5.088  -3.838  1.00 20.23 ? 22  C   B "O3'" 1 
ATOM   260  C "C2'" . C   B 1 2  ? 23.021  -7.380  -4.421  1.00 24.30 ? 22  C   B "C2'" 1 
ATOM   261  O "O2'" . C   B 1 2  ? 23.552  -6.912  -5.649  1.00 32.15 ? 22  C   B "O2'" 1 
ATOM   262  C "C1'" . C   B 1 2  ? 23.971  -8.378  -3.768  1.00 24.56 ? 22  C   B "C1'" 1 
ATOM   263  N N1    . C   B 1 2  ? 23.198  -9.376  -2.993  1.00 22.78 ? 22  C   B N1    1 
ATOM   264  C C2    . C   B 1 2  ? 22.700  -10.519 -3.658  1.00 20.08 ? 22  C   B C2    1 
ATOM   265  O O2    . C   B 1 2  ? 22.875  -10.629 -4.877  1.00 13.38 ? 22  C   B O2    1 
ATOM   266  N N3    . C   B 1 2  ? 22.022  -11.464 -2.952  1.00 22.79 ? 22  C   B N3    1 
ATOM   267  C C4    . C   B 1 2  ? 21.800  -11.285 -1.653  1.00 24.47 ? 22  C   B C4    1 
ATOM   268  N N4    . C   B 1 2  ? 21.122  -12.223 -1.014  1.00 19.31 ? 22  C   B N4    1 
ATOM   269  C C5    . C   B 1 2  ? 22.275  -10.115 -0.951  1.00 23.25 ? 22  C   B C5    1 
ATOM   270  C C6    . C   B 1 2  ? 22.961  -9.206  -1.653  1.00 20.45 ? 22  C   B C6    1 
ATOM   271  P P     . G   B 1 3  ? 20.890  -4.924  -4.028  1.00 24.15 ? 23  G   B P     1 
ATOM   272  O OP1   . G   B 1 3  ? 20.493  -3.720  -4.801  1.00 28.00 ? 23  G   B OP1   1 
ATOM   273  O OP2   . G   B 1 3  ? 20.312  -5.141  -2.702  1.00 28.66 ? 23  G   B OP2   1 
ATOM   274  O "O5'" . G   B 1 3  ? 20.550  -6.149  -4.980  1.00 29.16 ? 23  G   B "O5'" 1 
ATOM   275  C "C5'" . G   B 1 3  ? 20.697  -6.012  -6.392  1.00 21.66 ? 23  G   B "C5'" 1 
ATOM   276  C "C4'" . G   B 1 3  ? 19.836  -7.002  -7.114  1.00 12.10 ? 23  G   B "C4'" 1 
ATOM   277  O "O4'" . G   B 1 3  ? 20.212  -8.348  -6.739  1.00 18.68 ? 23  G   B "O4'" 1 
ATOM   278  C "C3'" . G   B 1 3  ? 18.367  -6.953  -6.800  1.00 16.08 ? 23  G   B "C3'" 1 
ATOM   279  O "O3'" . G   B 1 3  ? 17.696  -5.998  -7.542  1.00 16.14 ? 23  G   B "O3'" 1 
ATOM   280  C "C2'" . G   B 1 3  ? 17.897  -8.336  -7.194  1.00 22.46 ? 23  G   B "C2'" 1 
ATOM   281  O "O2'" . G   B 1 3  ? 17.775  -8.484  -8.589  1.00 26.91 ? 23  G   B "O2'" 1 
ATOM   282  C "C1'" . G   B 1 3  ? 19.069  -9.180  -6.751  1.00 16.09 ? 23  G   B "C1'" 1 
ATOM   283  N N9    . G   B 1 3  ? 18.842  -9.682  -5.403  1.00 16.13 ? 23  G   B N9    1 
ATOM   284  C C8    . G   B 1 3  ? 19.275  -9.145  -4.224  1.00 13.17 ? 23  G   B C8    1 
ATOM   285  N N7    . G   B 1 3  ? 18.987  -9.882  -3.189  1.00 14.81 ? 23  G   B N7    1 
ATOM   286  C C5    . G   B 1 3  ? 18.289  -10.954 -3.717  1.00 17.18 ? 23  G   B C5    1 
ATOM   287  C C6    . G   B 1 3  ? 17.713  -12.097 -3.088  1.00 12.75 ? 23  G   B C6    1 
ATOM   288  O O6    . G   B 1 3  ? 17.719  -12.413 -1.899  1.00 19.17 ? 23  G   B O6    1 
ATOM   289  N N1    . G   B 1 3  ? 17.089  -12.918 -4.007  1.00 13.36 ? 23  G   B N1    1 
ATOM   290  C C2    . G   B 1 3  ? 16.997  -12.679 -5.344  1.00 12.69 ? 23  G   B C2    1 
ATOM   291  N N2    . G   B 1 3  ? 16.284  -13.532 -6.033  1.00 7.82  ? 23  G   B N2    1 
ATOM   292  N N3    . G   B 1 3  ? 17.553  -11.650 -5.954  1.00 16.87 ? 23  G   B N3    1 
ATOM   293  C C4    . G   B 1 3  ? 18.174  -10.829 -5.086  1.00 17.99 ? 23  G   B C4    1 
ATOM   294  P P     . DA  B 1 4  ? 16.287  -5.508  -7.030  1.00 24.73 ? 24  DA  B P     1 
ATOM   295  O OP1   . DA  B 1 4  ? 15.875  -4.352  -7.831  1.00 25.54 ? 24  DA  B OP1   1 
ATOM   296  O OP2   . DA  B 1 4  ? 16.449  -5.375  -5.556  1.00 29.66 ? 24  DA  B OP2   1 
ATOM   297  O "O5'" . DA  B 1 4  ? 15.322  -6.750  -7.307  1.00 32.94 ? 24  DA  B "O5'" 1 
ATOM   298  C "C5'" . DA  B 1 4  ? 15.029  -7.159  -8.641  1.00 28.54 ? 24  DA  B "C5'" 1 
ATOM   299  C "C4'" . DA  B 1 4  ? 14.071  -8.324  -8.630  1.00 28.11 ? 24  DA  B "C4'" 1 
ATOM   300  O "O4'" . DA  B 1 4  ? 14.661  -9.449  -7.948  1.00 32.17 ? 24  DA  B "O4'" 1 
ATOM   301  C "C3'" . DA  B 1 4  ? 12.741  -8.089  -7.928  1.00 28.81 ? 24  DA  B "C3'" 1 
ATOM   302  O "O3'" . DA  B 1 4  ? 11.823  -7.523  -8.847  1.00 26.27 ? 24  DA  B "O3'" 1 
ATOM   303  C "C2'" . DA  B 1 4  ? 12.321  -9.493  -7.539  1.00 27.34 ? 24  DA  B "C2'" 1 
ATOM   304  C "C1'" . DA  B 1 4  ? 13.645  -10.205 -7.297  1.00 17.30 ? 24  DA  B "C1'" 1 
ATOM   305  N N9    . DA  B 1 4  ? 14.003  -10.293 -5.890  1.00 24.39 ? 24  DA  B N9    1 
ATOM   306  C C8    . DA  B 1 4  ? 14.762  -9.402  -5.189  1.00 21.33 ? 24  DA  B C8    1 
ATOM   307  N N7    . DA  B 1 4  ? 14.928  -9.720  -3.941  1.00 20.11 ? 24  DA  B N7    1 
ATOM   308  C C5    . DA  B 1 4  ? 14.225  -10.913 -3.802  1.00 21.75 ? 24  DA  B C5    1 
ATOM   309  C C6    . DA  B 1 4  ? 14.013  -11.761 -2.704  1.00 19.16 ? 24  DA  B C6    1 
ATOM   310  N N6    . DA  B 1 4  ? 14.489  -11.526 -1.483  1.00 23.63 ? 24  DA  B N6    1 
ATOM   311  N N1    . DA  B 1 4  ? 13.280  -12.874 -2.909  1.00 18.23 ? 24  DA  B N1    1 
ATOM   312  C C2    . DA  B 1 4  ? 12.789  -13.101 -4.122  1.00 20.02 ? 24  DA  B C2    1 
ATOM   313  N N3    . DA  B 1 4  ? 12.902  -12.373 -5.223  1.00 20.47 ? 24  DA  B N3    1 
ATOM   314  C C4    . DA  B 1 4  ? 13.654  -11.275 -4.994  1.00 22.24 ? 24  DA  B C4    1 
ATOM   315  P P     . DT  B 1 5  ? 10.450  -6.927  -8.322  1.00 30.55 ? 25  DT  B P     1 
ATOM   316  O OP1   . DT  B 1 5  ? 9.702   -6.391  -9.479  1.00 37.18 ? 25  DT  B OP1   1 
ATOM   317  O OP2   . DT  B 1 5  ? 10.742  -6.040  -7.170  1.00 34.36 ? 25  DT  B OP2   1 
ATOM   318  O "O5'" . DT  B 1 5  ? 9.691   -8.233  -7.831  1.00 38.01 ? 25  DT  B "O5'" 1 
ATOM   319  C "C5'" . DT  B 1 5  ? 9.638   -9.394  -8.665  1.00 30.50 ? 25  DT  B "C5'" 1 
ATOM   320  C "C4'" . DT  B 1 5  ? 8.800   -10.460 -8.006  1.00 28.93 ? 25  DT  B "C4'" 1 
ATOM   321  O "O4'" . DT  B 1 5  ? 9.503   -11.038 -6.881  1.00 28.76 ? 25  DT  B "O4'" 1 
ATOM   322  C "C3'" . DT  B 1 5  ? 7.486   -9.923  -7.459  1.00 30.48 ? 25  DT  B "C3'" 1 
ATOM   323  O "O3'" . DT  B 1 5  ? 6.488   -10.917 -7.661  1.00 36.16 ? 25  DT  B "O3'" 1 
ATOM   324  C "C2'" . DT  B 1 5  ? 7.763   -9.755  -5.977  1.00 25.42 ? 25  DT  B "C2'" 1 
ATOM   325  C "C1'" . DT  B 1 5  ? 8.770   -10.853 -5.681  1.00 22.04 ? 25  DT  B "C1'" 1 
ATOM   326  N N1    . DT  B 1 5  ? 9.732   -10.511 -4.616  1.00 22.46 ? 25  DT  B N1    1 
ATOM   327  C C2    . DT  B 1 5  ? 9.985   -11.446 -3.635  1.00 21.95 ? 25  DT  B C2    1 
ATOM   328  O O2    . DT  B 1 5  ? 9.530   -12.565 -3.652  1.00 23.43 ? 25  DT  B O2    1 
ATOM   329  N N3    . DT  B 1 5  ? 10.824  -11.029 -2.644  1.00 21.39 ? 25  DT  B N3    1 
ATOM   330  C C4    . DT  B 1 5  ? 11.453  -9.808  -2.548  1.00 18.56 ? 25  DT  B C4    1 
ATOM   331  O O4    . DT  B 1 5  ? 12.170  -9.576  -1.585  1.00 19.30 ? 25  DT  B O4    1 
ATOM   332  C C5    . DT  B 1 5  ? 11.198  -8.894  -3.639  1.00 19.52 ? 25  DT  B C5    1 
ATOM   333  C C7    . DT  B 1 5  ? 11.886  -7.569  -3.654  1.00 18.19 ? 25  DT  B C7    1 
ATOM   334  C C6    . DT  B 1 5  ? 10.353  -9.281  -4.602  1.00 21.13 ? 25  DT  B C6    1 
ATOM   335  P P     . DA  B 1 6  ? 4.969   -10.618 -7.258  1.00 38.80 ? 26  DA  B P     1 
ATOM   336  O OP1   . DA  B 1 6  ? 4.140   -11.324 -8.261  1.00 42.21 ? 26  DA  B OP1   1 
ATOM   337  O OP2   . DA  B 1 6  ? 4.776   -9.159  -7.053  1.00 42.59 ? 26  DA  B OP2   1 
ATOM   338  O "O5'" . DA  B 1 6  ? 4.839   -11.330 -5.840  1.00 40.39 ? 26  DA  B "O5'" 1 
ATOM   339  C "C5'" . DA  B 1 6  ? 5.227   -12.704 -5.670  1.00 30.29 ? 26  DA  B "C5'" 1 
ATOM   340  C "C4'" . DA  B 1 6  ? 4.908   -13.170 -4.270  1.00 31.02 ? 26  DA  B "C4'" 1 
ATOM   341  O "O4'" . DA  B 1 6  ? 5.905   -12.715 -3.313  1.00 29.05 ? 26  DA  B "O4'" 1 
ATOM   342  C "C3'" . DA  B 1 6  ? 3.548   -12.730 -3.725  1.00 33.36 ? 26  DA  B "C3'" 1 
ATOM   343  O "O3'" . DA  B 1 6  ? 2.941   -13.889 -3.096  1.00 37.25 ? 26  DA  B "O3'" 1 
ATOM   344  C "C2'" . DA  B 1 6  ? 3.913   -11.609 -2.747  1.00 28.96 ? 26  DA  B "C2'" 1 
ATOM   345  C "C1'" . DA  B 1 6  ? 5.277   -12.056 -2.218  1.00 26.64 ? 26  DA  B "C1'" 1 
ATOM   346  N N9    . DA  B 1 6  ? 6.230   -11.069 -1.675  1.00 26.25 ? 26  DA  B N9    1 
ATOM   347  C C8    . DA  B 1 6  ? 6.662   -9.872  -2.211  1.00 24.74 ? 26  DA  B C8    1 
ATOM   348  N N7    . DA  B 1 6  ? 7.617   -9.293  -1.506  1.00 21.53 ? 26  DA  B N7    1 
ATOM   349  C C5    . DA  B 1 6  ? 7.802   -10.147 -0.432  1.00 19.72 ? 26  DA  B C5    1 
ATOM   350  C C6    . DA  B 1 6  ? 8.665   -10.101 0.658   1.00 18.26 ? 26  DA  B C6    1 
ATOM   351  N N6    . DA  B 1 6  ? 9.579   -9.164  0.826   1.00 16.00 ? 26  DA  B N6    1 
ATOM   352  N N1    . DA  B 1 6  ? 8.569   -11.080 1.587   1.00 21.28 ? 26  DA  B N1    1 
ATOM   353  C C2    . DA  B 1 6  ? 7.673   -12.040 1.402   1.00 20.69 ? 26  DA  B C2    1 
ATOM   354  N N3    . DA  B 1 6  ? 6.820   -12.210 0.394   1.00 26.56 ? 26  DA  B N3    1 
ATOM   355  C C4    . DA  B 1 6  ? 6.937   -11.221 -0.501  1.00 22.00 ? 26  DA  B C4    1 
ATOM   356  P P     . DT  B 1 7  ? 1.597   -13.738 -2.212  1.00 42.61 ? 27  DT  B P     1 
ATOM   357  O OP1   . DT  B 1 7  ? 0.600   -14.682 -2.738  1.00 45.98 ? 27  DT  B OP1   1 
ATOM   358  O OP2   . DT  B 1 7  ? 1.212   -12.302 -2.037  1.00 43.15 ? 27  DT  B OP2   1 
ATOM   359  O "O5'" . DT  B 1 7  ? 2.084   -14.292 -0.802  1.00 39.17 ? 27  DT  B "O5'" 1 
ATOM   360  C "C5'" . DT  B 1 7  ? 3.253   -13.738 -0.181  1.00 43.32 ? 27  DT  B "C5'" 1 
ATOM   361  C "C4'" . DT  B 1 7  ? 3.112   -13.754 1.323   1.00 44.13 ? 27  DT  B "C4'" 1 
ATOM   362  O "O4'" . DT  B 1 7  ? 4.078   -12.846 1.898   1.00 44.91 ? 27  DT  B "O4'" 1 
ATOM   363  C "C3'" . DT  B 1 7  ? 1.753   -13.277 1.818   1.00 44.21 ? 27  DT  B "C3'" 1 
ATOM   364  O "O3'" . DT  B 1 7  ? 1.511   -13.984 3.044   1.00 50.00 ? 27  DT  B "O3'" 1 
ATOM   365  C "C2'" . DT  B 1 7  ? 1.979   -11.796 2.089   1.00 41.24 ? 27  DT  B "C2'" 1 
ATOM   366  C "C1'" . DT  B 1 7  ? 3.434   -11.758 2.550   1.00 39.52 ? 27  DT  B "C1'" 1 
ATOM   367  N N1    . DT  B 1 7  ? 4.217   -10.540 2.237   1.00 31.64 ? 27  DT  B N1    1 
ATOM   368  C C2    . DT  B 1 7  ? 5.262   -10.233 3.086   1.00 31.82 ? 27  DT  B C2    1 
ATOM   369  O O2    . DT  B 1 7  ? 5.515   -10.867 4.099   1.00 35.05 ? 27  DT  B O2    1 
ATOM   370  N N3    . DT  B 1 7  ? 6.009   -9.160  2.707   1.00 28.76 ? 27  DT  B N3    1 
ATOM   371  C C4    . DT  B 1 7  ? 5.831   -8.368  1.599   1.00 28.82 ? 27  DT  B C4    1 
ATOM   372  O O4    . DT  B 1 7  ? 6.611   -7.447  1.382   1.00 29.74 ? 27  DT  B O4    1 
ATOM   373  C C5    . DT  B 1 7  ? 4.707   -8.724  0.763   1.00 26.86 ? 27  DT  B C5    1 
ATOM   374  C C7    . DT  B 1 7  ? 4.446   -7.926  -0.471  1.00 28.82 ? 27  DT  B C7    1 
ATOM   375  C C6    . DT  B 1 7  ? 3.954   -9.771  1.129   1.00 27.75 ? 27  DT  B C6    1 
ATOM   376  P P     . A   B 1 8  ? 0.985   -15.520 3.009   1.00 50.00 ? 28  A   B P     1 
ATOM   377  O OP1   . A   B 1 8  ? 1.785   -16.308 3.995   1.00 42.87 ? 28  A   B OP1   1 
ATOM   378  O OP2   . A   B 1 8  ? 0.895   -15.996 1.600   1.00 49.20 ? 28  A   B OP2   1 
ATOM   379  O "O5'" . A   B 1 8  ? -0.509  -15.370 3.527   1.00 43.19 ? 28  A   B "O5'" 1 
ATOM   380  C "C5'" . A   B 1 8  ? -1.564  -15.237 2.578   1.00 44.89 ? 28  A   B "C5'" 1 
ATOM   381  C "C4'" . A   B 1 8  ? -2.561  -14.212 3.035   1.00 44.91 ? 28  A   B "C4'" 1 
ATOM   382  O "O4'" . A   B 1 8  ? -3.539  -14.803 3.932   1.00 50.00 ? 28  A   B "O4'" 1 
ATOM   383  C "C3'" . A   B 1 8  ? -2.011  -12.963 3.715   1.00 46.95 ? 28  A   B "C3'" 1 
ATOM   384  O "O3'" . A   B 1 8  ? -2.680  -11.820 3.164   1.00 49.49 ? 28  A   B "O3'" 1 
ATOM   385  C "C2'" . A   B 1 8  ? -2.413  -13.163 5.181   1.00 47.18 ? 28  A   B "C2'" 1 
ATOM   386  O "O2'" . A   B 1 8  ? -2.673  -11.943 5.844   1.00 47.87 ? 28  A   B "O2'" 1 
ATOM   387  C "C1'" . A   B 1 8  ? -3.722  -13.946 5.037   1.00 49.10 ? 28  A   B "C1'" 1 
ATOM   388  N N9    . A   B 1 8  ? -4.155  -14.725 6.208   1.00 47.50 ? 28  A   B N9    1 
ATOM   389  C C8    . A   B 1 8  ? -3.404  -15.126 7.293   1.00 48.07 ? 28  A   B C8    1 
ATOM   390  N N7    . A   B 1 8  ? -4.111  -15.712 8.239   1.00 45.63 ? 28  A   B N7    1 
ATOM   391  C C5    . A   B 1 8  ? -5.406  -15.719 7.733   1.00 41.43 ? 28  A   B C5    1 
ATOM   392  C C6    . A   B 1 8  ? -6.629  -16.154 8.274   1.00 39.04 ? 28  A   B C6    1 
ATOM   393  N N6    . A   B 1 8  ? -6.757  -16.668 9.502   1.00 36.72 ? 28  A   B N6    1 
ATOM   394  N N1    . A   B 1 8  ? -7.736  -16.020 7.511   1.00 39.86 ? 28  A   B N1    1 
ATOM   395  C C2    . A   B 1 8  ? -7.616  -15.465 6.303   1.00 40.22 ? 28  A   B C2    1 
ATOM   396  N N3    . A   B 1 8  ? -6.526  -14.991 5.696   1.00 42.17 ? 28  A   B N3    1 
ATOM   397  C C4    . A   B 1 8  ? -5.443  -15.148 6.471   1.00 43.11 ? 28  A   B C4    1 
ATOM   398  P P     . C   B 1 9  ? -1.964  -10.946 2.007   1.00 42.37 ? 29  C   B P     1 
ATOM   399  O OP1   . C   B 1 9  ? -2.855  -9.815  1.651   1.00 40.07 ? 29  C   B OP1   1 
ATOM   400  O OP2   . C   B 1 9  ? -1.503  -11.888 0.943   1.00 39.52 ? 29  C   B OP2   1 
ATOM   401  O "O5'" . C   B 1 9  ? -0.666  -10.362 2.729   1.00 45.62 ? 29  C   B "O5'" 1 
ATOM   402  C "C5'" . C   B 1 9  ? -0.777  -9.421  3.823   1.00 42.68 ? 29  C   B "C5'" 1 
ATOM   403  C "C4'" . C   B 1 9  ? 0.302   -9.693  4.845   1.00 44.87 ? 29  C   B "C4'" 1 
ATOM   404  O "O4'" . C   B 1 9  ? 1.599   -9.686  4.186   1.00 43.45 ? 29  C   B "O4'" 1 
ATOM   405  C "C3'" . C   B 1 9  ? 0.464   -8.687  5.977   1.00 43.49 ? 29  C   B "C3'" 1 
ATOM   406  O "O3'" . C   B 1 9  ? -0.479  -8.869  7.012   1.00 48.17 ? 29  C   B "O3'" 1 
ATOM   407  C "C2'" . C   B 1 9  ? 1.903   -8.931  6.421   1.00 41.96 ? 29  C   B "C2'" 1 
ATOM   408  O "O2'" . C   B 1 9  ? 2.067   -10.096 7.210   1.00 35.73 ? 29  C   B "O2'" 1 
ATOM   409  C "C1'" . C   B 1 9  ? 2.588   -9.180  5.078   1.00 40.43 ? 29  C   B "C1'" 1 
ATOM   410  N N1    . C   B 1 9  ? 3.136   -7.947  4.494   1.00 36.17 ? 29  C   B N1    1 
ATOM   411  C C2    . C   B 1 9  ? 4.304   -7.382  5.050   1.00 35.32 ? 29  C   B C2    1 
ATOM   412  O O2    . C   B 1 9  ? 4.788   -7.887  6.080   1.00 34.24 ? 29  C   B O2    1 
ATOM   413  N N3    . C   B 1 9  ? 4.861   -6.294  4.452   1.00 32.05 ? 29  C   B N3    1 
ATOM   414  C C4    . C   B 1 9  ? 4.273   -5.756  3.370   1.00 32.50 ? 29  C   B C4    1 
ATOM   415  N N4    . C   B 1 9  ? 4.852   -4.702  2.795   1.00 32.77 ? 29  C   B N4    1 
ATOM   416  C C5    . C   B 1 9  ? 3.060   -6.281  2.823   1.00 34.15 ? 29  C   B C5    1 
ATOM   417  C C6    . C   B 1 9  ? 2.534   -7.365  3.409   1.00 34.89 ? 29  C   B C6    1 
ATOM   418  P P     . G   B 1 10 ? -1.178  -7.578  7.676   1.00 50.00 ? 30  G   B P     1 
ATOM   419  O OP1   . G   B 1 10 ? -2.258  -8.076  8.565   1.00 50.00 ? 30  G   B OP1   1 
ATOM   420  O OP2   . G   B 1 10 ? -1.514  -6.619  6.594   1.00 46.71 ? 30  G   B OP2   1 
ATOM   421  O "O5'" . G   B 1 10 ? -0.025  -6.936  8.590   1.00 50.00 ? 30  G   B "O5'" 1 
ATOM   422  C "C5'" . G   B 1 10 ? 0.380   -7.536  9.849   1.00 44.46 ? 30  G   B "C5'" 1 
ATOM   423  C "C4'" . G   B 1 10 ? 1.592   -6.819  10.424  1.00 48.39 ? 30  G   B "C4'" 1 
ATOM   424  O "O4'" . G   B 1 10 ? 2.669   -6.827  9.442   1.00 50.00 ? 30  G   B "O4'" 1 
ATOM   425  C "C3'" . G   B 1 10 ? 1.447   -5.336  10.771  1.00 49.05 ? 30  G   B "C3'" 1 
ATOM   426  O "O3'" . G   B 1 10 ? 0.904   -5.094  12.048  1.00 49.89 ? 30  G   B "O3'" 1 
ATOM   427  C "C2'" . G   B 1 10 ? 2.883   -4.839  10.742  1.00 45.01 ? 30  G   B "C2'" 1 
ATOM   428  O "O2'" . G   B 1 10 ? 3.552   -5.212  11.937  1.00 40.50 ? 30  G   B "O2'" 1 
ATOM   429  C "C1'" . G   B 1 10 ? 3.442   -5.623  9.556   1.00 48.31 ? 30  G   B "C1'" 1 
ATOM   430  N N9    . G   B 1 10 ? 3.375   -4.882  8.289   1.00 44.17 ? 30  G   B N9    1 
ATOM   431  C C8    . G   B 1 10 ? 2.519   -5.105  7.225   1.00 43.47 ? 30  G   B C8    1 
ATOM   432  N N7    . G   B 1 10 ? 2.732   -4.306  6.211   1.00 39.90 ? 30  G   B N7    1 
ATOM   433  C C5    . G   B 1 10 ? 3.789   -3.500  6.624   1.00 42.75 ? 30  G   B C5    1 
ATOM   434  C C6    . G   B 1 10 ? 4.470   -2.450  5.944   1.00 41.04 ? 30  G   B C6    1 
ATOM   435  O O6    . G   B 1 10 ? 4.290   -2.037  4.796   1.00 41.25 ? 30  G   B O6    1 
ATOM   436  N N1    . G   B 1 10 ? 5.456   -1.874  6.744   1.00 39.14 ? 30  G   B N1    1 
ATOM   437  C C2    . G   B 1 10 ? 5.766   -2.268  8.025   1.00 39.86 ? 30  G   B C2    1 
ATOM   438  N N2    . G   B 1 10 ? 6.741   -1.590  8.633   1.00 36.39 ? 30  G   B N2    1 
ATOM   439  N N3    . G   B 1 10 ? 5.158   -3.259  8.665   1.00 41.54 ? 30  G   B N3    1 
ATOM   440  C C4    . G   B 1 10 ? 4.184   -3.827  7.913   1.00 42.85 ? 30  G   B C4    1 
ATOM   441  P P     . U   B 1 11 ? -0.052  -3.827  12.255  1.00 48.14 ? 31  U   B P     1 
ATOM   442  O OP1   . U   B 1 11 ? -0.855  -4.095  13.484  1.00 50.00 ? 31  U   B OP1   1 
ATOM   443  O OP2   . U   B 1 11 ? -0.748  -3.564  10.954  1.00 42.00 ? 31  U   B OP2   1 
ATOM   444  O "O5'" . U   B 1 11 ? 0.932   -2.609  12.579  1.00 50.00 ? 31  U   B "O5'" 1 
ATOM   445  C "C5'" . U   B 1 11 ? 0.550   -1.251  12.223  1.00 48.39 ? 31  U   B "C5'" 1 
ATOM   446  C "C4'" . U   B 1 11 ? 1.773   -0.373  12.020  1.00 50.00 ? 31  U   B "C4'" 1 
ATOM   447  O "O4'" . U   B 1 11 ? 2.775   -1.051  11.200  1.00 49.13 ? 31  U   B "O4'" 1 
ATOM   448  C "C3'" . U   B 1 11 ? 1.499   0.933   11.282  1.00 47.13 ? 31  U   B "C3'" 1 
ATOM   449  O "O3'" . U   B 1 11 ? 0.678   1.954   11.863  1.00 50.00 ? 31  U   B "O3'" 1 
ATOM   450  C "C2'" . U   B 1 11 ? 2.856   1.257   10.688  1.00 46.02 ? 31  U   B "C2'" 1 
ATOM   451  O "O2'" . U   B 1 11 ? 3.757   1.737   11.659  1.00 47.18 ? 31  U   B "O2'" 1 
ATOM   452  C "C1'" . U   B 1 11 ? 3.310   -0.137  10.258  1.00 47.14 ? 31  U   B "C1'" 1 
ATOM   453  N N1    . U   B 1 11 ? 2.699   -0.450  8.960   1.00 44.57 ? 31  U   B N1    1 
ATOM   454  C C2    . U   B 1 11 ? 3.075   0.314   7.893   1.00 42.83 ? 31  U   B C2    1 
ATOM   455  O O2    . U   B 1 11 ? 3.847   1.237   7.994   1.00 39.14 ? 31  U   B O2    1 
ATOM   456  N N3    . U   B 1 11 ? 2.492   -0.025  6.705   1.00 43.82 ? 31  U   B N3    1 
ATOM   457  C C4    . U   B 1 11 ? 1.561   -1.016  6.488   1.00 45.72 ? 31  U   B C4    1 
ATOM   458  O O4    . U   B 1 11 ? 1.097   -1.175  5.349   1.00 46.65 ? 31  U   B O4    1 
ATOM   459  C C5    . U   B 1 11 ? 1.202   -1.756  7.662   1.00 44.43 ? 31  U   B C5    1 
ATOM   460  C C6    . U   B 1 11 ? 1.777   -1.459  8.825   1.00 42.69 ? 31  U   B C6    1 
ATOM   461  O "O5'" . G   C 1 1  ? -19.240 17.273  9.893   1.00 8.40  ? 101 G   D "O5'" 1 
ATOM   462  C "C5'" . G   C 1 1  ? -19.645 17.291  11.279  1.00 7.56  ? 101 G   D "C5'" 1 
ATOM   463  C "C4'" . G   C 1 1  ? -20.485 16.159  11.854  1.00 5.33  ? 101 G   D "C4'" 1 
ATOM   464  O "O4'" . G   C 1 1  ? -21.815 16.195  11.263  1.00 11.41 ? 101 G   D "O4'" 1 
ATOM   465  C "C3'" . G   C 1 1  ? -19.961 14.768  11.576  1.00 5.46  ? 101 G   D "C3'" 1 
ATOM   466  O "O3'" . G   C 1 1  ? -19.036 14.309  12.546  1.00 5.44  ? 101 G   D "O3'" 1 
ATOM   467  C "C2'" . G   C 1 1  ? -21.219 13.941  11.610  1.00 14.83 ? 101 G   D "C2'" 1 
ATOM   468  O "O2'" . G   C 1 1  ? -21.676 13.637  12.912  1.00 14.46 ? 101 G   D "O2'" 1 
ATOM   469  C "C1'" . G   C 1 1  ? -22.223 14.885  10.964  1.00 16.59 ? 101 G   D "C1'" 1 
ATOM   470  N N9    . G   C 1 1  ? -22.257 14.776  9.514   1.00 22.67 ? 101 G   D N9    1 
ATOM   471  C C8    . G   C 1 1  ? -21.735 15.686  8.635   1.00 23.37 ? 101 G   D C8    1 
ATOM   472  N N7    . G   C 1 1  ? -21.972 15.399  7.390   1.00 18.65 ? 101 G   D N7    1 
ATOM   473  C C5    . G   C 1 1  ? -22.657 14.196  7.444   1.00 21.40 ? 101 G   D C5    1 
ATOM   474  C C6    . G   C 1 1  ? -23.136 13.377  6.376   1.00 18.24 ? 101 G   D C6    1 
ATOM   475  O O6    . G   C 1 1  ? -23.059 13.576  5.168   1.00 11.65 ? 101 G   D O6    1 
ATOM   476  N N1    . G   C 1 1  ? -23.772 12.236  6.860   1.00 18.04 ? 101 G   D N1    1 
ATOM   477  C C2    . G   C 1 1  ? -23.942 11.934  8.190   1.00 22.43 ? 101 G   D C2    1 
ATOM   478  N N2    . G   C 1 1  ? -24.647 10.824  8.458   1.00 13.34 ? 101 G   D N2    1 
ATOM   479  N N3    . G   C 1 1  ? -23.471 12.686  9.190   1.00 22.47 ? 101 G   D N3    1 
ATOM   480  C C4    . G   C 1 1  ? -22.844 13.791  8.738   1.00 21.62 ? 101 G   D C4    1 
ATOM   481  P P     . C   C 1 2  ? -17.839 13.379  12.095  1.00 22.04 ? 102 C   D P     1 
ATOM   482  O OP1   . C   C 1 2  ? -17.023 13.002  13.241  1.00 14.03 ? 102 C   D OP1   1 
ATOM   483  O OP2   . C   C 1 2  ? -17.181 14.038  10.948  1.00 31.82 ? 102 C   D OP2   1 
ATOM   484  O "O5'" . C   C 1 2  ? -18.591 12.094  11.514  1.00 33.29 ? 102 C   D "O5'" 1 
ATOM   485  C "C5'" . C   C 1 2  ? -19.156 11.073  12.382  1.00 23.03 ? 102 C   D "C5'" 1 
ATOM   486  C "C4'" . C   C 1 2  ? -19.961 10.063  11.572  1.00 15.09 ? 102 C   D "C4'" 1 
ATOM   487  O "O4'" . C   C 1 2  ? -20.913 10.773  10.731  1.00 16.10 ? 102 C   D "O4'" 1 
ATOM   488  C "C3'" . C   C 1 2  ? -19.214 9.183   10.582  1.00 12.99 ? 102 C   D "C3'" 1 
ATOM   489  O "O3'" . C   C 1 2  ? -18.597 8.082   11.173  1.00 5.42  ? 102 C   D "O3'" 1 
ATOM   490  C "C2'" . C   C 1 2  ? -20.316 8.771   9.630   1.00 16.68 ? 102 C   D "C2'" 1 
ATOM   491  O "O2'" . C   C 1 2  ? -21.148 7.742   10.136  1.00 20.87 ? 102 C   D "O2'" 1 
ATOM   492  C "C1'" . C   C 1 2  ? -21.104 10.060  9.529   1.00 16.15 ? 102 C   D "C1'" 1 
ATOM   493  N N1    . C   C 1 2  ? -20.576 10.859  8.419   1.00 23.84 ? 102 C   D N1    1 
ATOM   494  C C2    . C   C 1 2  ? -21.015 10.554  7.119   1.00 25.33 ? 102 C   D C2    1 
ATOM   495  O O2    . C   C 1 2  ? -21.804 9.631   6.969   1.00 24.40 ? 102 C   D O2    1 
ATOM   496  N N3    . C   C 1 2  ? -20.577 11.281  6.072   1.00 29.35 ? 102 C   D N3    1 
ATOM   497  C C4    . C   C 1 2  ? -19.737 12.288  6.274   1.00 27.76 ? 102 C   D C4    1 
ATOM   498  N N4    . C   C 1 2  ? -19.364 13.000  5.203   1.00 28.27 ? 102 C   D N4    1 
ATOM   499  C C5    . C   C 1 2  ? -19.250 12.621  7.586   1.00 25.44 ? 102 C   D C5    1 
ATOM   500  C C6    . C   C 1 2  ? -19.689 11.884  8.621   1.00 21.57 ? 102 C   D C6    1 
ATOM   501  P P     . G   C 1 3  ? -17.187 7.622   10.652  1.00 15.96 ? 103 G   D P     1 
ATOM   502  O OP1   . G   C 1 3  ? -16.707 6.596   11.603  1.00 25.29 ? 103 G   D OP1   1 
ATOM   503  O OP2   . G   C 1 3  ? -16.347 8.840   10.402  1.00 26.80 ? 103 G   D OP2   1 
ATOM   504  O "O5'" . G   C 1 3  ? -17.462 6.979   9.213   1.00 33.76 ? 103 G   D "O5'" 1 
ATOM   505  C "C5'" . G   C 1 3  ? -18.527 6.027   9.012   1.00 35.18 ? 103 G   D "C5'" 1 
ATOM   506  C "C4'" . G   C 1 3  ? -18.785 5.785   7.532   1.00 35.25 ? 103 G   D "C4'" 1 
ATOM   507  O "O4'" . G   C 1 3  ? -19.418 6.929   6.903   1.00 34.52 ? 103 G   D "O4'" 1 
ATOM   508  C "C3'" . G   C 1 3  ? -17.582 5.511   6.650   1.00 33.57 ? 103 G   D "C3'" 1 
ATOM   509  O "O3'" . G   C 1 3  ? -17.190 4.167   6.752   1.00 34.08 ? 103 G   D "O3'" 1 
ATOM   510  C "C2'" . G   C 1 3  ? -18.093 5.838   5.248   1.00 35.58 ? 103 G   D "C2'" 1 
ATOM   511  O "O2'" . G   C 1 3  ? -18.775 4.787   4.595   1.00 41.74 ? 103 G   D "O2'" 1 
ATOM   512  C "C1'" . G   C 1 3  ? -19.094 6.952   5.529   1.00 32.16 ? 103 G   D "C1'" 1 
ATOM   513  N N9    . G   C 1 3  ? -18.547 8.255   5.196   1.00 32.76 ? 103 G   D N9    1 
ATOM   514  C C8    . G   C 1 3  ? -18.082 9.223   6.055   1.00 32.70 ? 103 G   D C8    1 
ATOM   515  N N7    . G   C 1 3  ? -17.698 10.304  5.441   1.00 31.25 ? 103 G   D N7    1 
ATOM   516  C C5    . G   C 1 3  ? -17.909 10.030  4.093   1.00 33.45 ? 103 G   D C5    1 
ATOM   517  C C6    . G   C 1 3  ? -17.697 10.841  2.929   1.00 33.57 ? 103 G   D C6    1 
ATOM   518  O O6    . G   C 1 3  ? -17.257 12.006  2.857   1.00 29.77 ? 103 G   D O6    1 
ATOM   519  N N1    . G   C 1 3  ? -18.062 10.160  1.763   1.00 33.82 ? 103 G   D N1    1 
ATOM   520  C C2    . G   C 1 3  ? -18.553 8.873   1.716   1.00 29.08 ? 103 G   D C2    1 
ATOM   521  N N2    . G   C 1 3  ? -18.845 8.390   0.497   1.00 27.39 ? 103 G   D N2    1 
ATOM   522  N N3    . G   C 1 3  ? -18.746 8.120   2.783   1.00 29.36 ? 103 G   D N3    1 
ATOM   523  C C4    . G   C 1 3  ? -18.414 8.760   3.929   1.00 32.21 ? 103 G   D C4    1 
ATOM   524  P P     . DA  C 1 4  ? -15.773 3.726   6.176   1.00 41.11 ? 104 DA  D P     1 
ATOM   525  O OP1   . DA  C 1 4  ? -15.182 2.774   7.179   1.00 31.21 ? 104 DA  D OP1   1 
ATOM   526  O OP2   . DA  C 1 4  ? -15.048 4.962   5.806   1.00 29.43 ? 104 DA  D OP2   1 
ATOM   527  O "O5'" . DA  C 1 4  ? -16.164 2.979   4.823   1.00 38.48 ? 104 DA  D "O5'" 1 
ATOM   528  C "C5'" . DA  C 1 4  ? -15.252 2.938   3.725   1.00 36.73 ? 104 DA  D "C5'" 1 
ATOM   529  C "C4'" . DA  C 1 4  ? -15.995 3.096   2.419   1.00 35.15 ? 104 DA  D "C4'" 1 
ATOM   530  O "O4'" . DA  C 1 4  ? -16.770 4.305   2.406   1.00 38.77 ? 104 DA  D "O4'" 1 
ATOM   531  C "C3'" . DA  C 1 4  ? -15.057 3.227   1.236   1.00 38.84 ? 104 DA  D "C3'" 1 
ATOM   532  O "O3'" . DA  C 1 4  ? -14.695 1.936   0.788   1.00 45.87 ? 104 DA  D "O3'" 1 
ATOM   533  C "C2'" . DA  C 1 4  ? -15.871 4.016   0.231   1.00 36.73 ? 104 DA  D "C2'" 1 
ATOM   534  C "C1'" . DA  C 1 4  ? -16.672 4.941   1.134   1.00 37.34 ? 104 DA  D "C1'" 1 
ATOM   535  N N9    . DA  C 1 4  ? -16.058 6.252   1.350   1.00 37.73 ? 104 DA  D N9    1 
ATOM   536  C C8    . DA  C 1 4  ? -15.625 6.772   2.547   1.00 36.54 ? 104 DA  D C8    1 
ATOM   537  N N7    . DA  C 1 4  ? -15.190 8.005   2.462   1.00 36.62 ? 104 DA  D N7    1 
ATOM   538  C C5    . DA  C 1 4  ? -15.321 8.312   1.115   1.00 36.18 ? 104 DA  D C5    1 
ATOM   539  C C6    . DA  C 1 4  ? -15.045 9.478   0.378   1.00 34.59 ? 104 DA  D C6    1 
ATOM   540  N N6    . DA  C 1 4  ? -14.592 10.602  0.919   1.00 35.84 ? 104 DA  D N6    1 
ATOM   541  N N1    . DA  C 1 4  ? -15.269 9.452   -0.947  1.00 38.32 ? 104 DA  D N1    1 
ATOM   542  C C2    . DA  C 1 4  ? -15.755 8.325   -1.488  1.00 39.69 ? 104 DA  D C2    1 
ATOM   543  N N3    . DA  C 1 4  ? -16.073 7.171   -0.901  1.00 36.10 ? 104 DA  D N3    1 
ATOM   544  C C4    . DA  C 1 4  ? -15.833 7.231   0.412   1.00 36.20 ? 104 DA  D C4    1 
ATOM   545  P P     . DT  C 1 5  ? -13.160 1.527   0.758   1.00 50.00 ? 105 DT  D P     1 
ATOM   546  O OP1   . DT  C 1 5  ? -13.023 0.198   1.440   1.00 47.49 ? 105 DT  D OP1   1 
ATOM   547  O OP2   . DT  C 1 5  ? -12.432 2.705   1.308   1.00 50.00 ? 105 DT  D OP2   1 
ATOM   548  O "O5'" . DT  C 1 5  ? -12.877 1.435   -0.809  1.00 46.39 ? 105 DT  D "O5'" 1 
ATOM   549  C "C5'" . DT  C 1 5  ? -13.970 1.309   -1.732  1.00 44.84 ? 105 DT  D "C5'" 1 
ATOM   550  C "C4'" . DT  C 1 5  ? -13.889 2.373   -2.805  1.00 46.12 ? 105 DT  D "C4'" 1 
ATOM   551  O "O4'" . DT  C 1 5  ? -14.087 3.684   -2.246  1.00 48.03 ? 105 DT  D "O4'" 1 
ATOM   552  C "C3'" . DT  C 1 5  ? -12.575 2.482   -3.572  1.00 48.75 ? 105 DT  D "C3'" 1 
ATOM   553  O "O3'" . DT  C 1 5  ? -12.572 1.570   -4.678  1.00 49.63 ? 105 DT  D "O3'" 1 
ATOM   554  C "C2'" . DT  C 1 5  ? -12.606 3.907   -4.100  1.00 47.39 ? 105 DT  D "C2'" 1 
ATOM   555  C "C1'" . DT  C 1 5  ? -13.522 4.651   -3.143  1.00 45.04 ? 105 DT  D "C1'" 1 
ATOM   556  N N1    . DT  C 1 5  ? -12.934 5.748   -2.342  1.00 41.55 ? 105 DT  D N1    1 
ATOM   557  C C2    . DT  C 1 5  ? -12.665 6.975   -2.950  1.00 40.11 ? 105 DT  D C2    1 
ATOM   558  O O2    . DT  C 1 5  ? -12.762 7.174   -4.156  1.00 36.67 ? 105 DT  D O2    1 
ATOM   559  N N3    . DT  C 1 5  ? -12.276 7.964   -2.080  1.00 37.94 ? 105 DT  D N3    1 
ATOM   560  C C4    . DT  C 1 5  ? -12.123 7.847   -0.710  1.00 38.08 ? 105 DT  D C4    1 
ATOM   561  O O4    . DT  C 1 5  ? -11.849 8.827   -0.047  1.00 37.32 ? 105 DT  D O4    1 
ATOM   562  C C5    . DT  C 1 5  ? -12.341 6.525   -0.167  1.00 37.03 ? 105 DT  D C5    1 
ATOM   563  C C7    . DT  C 1 5  ? -12.149 6.299   1.294   1.00 37.73 ? 105 DT  D C7    1 
ATOM   564  C C6    . DT  C 1 5  ? -12.719 5.557   -0.998  1.00 38.05 ? 105 DT  D C6    1 
ATOM   565  P P     . DA  C 1 6  ? -11.265 1.440   -5.594  1.00 48.82 ? 106 DA  D P     1 
ATOM   566  O OP1   . DA  C 1 6  ? -11.692 0.828   -6.859  1.00 50.00 ? 106 DA  D OP1   1 
ATOM   567  O OP2   . DA  C 1 6  ? -10.190 0.797   -4.799  1.00 43.05 ? 106 DA  D OP2   1 
ATOM   568  O "O5'" . DA  C 1 6  ? -10.890 2.951   -5.947  1.00 50.00 ? 106 DA  D "O5'" 1 
ATOM   569  C "C5'" . DA  C 1 6  ? -11.637 3.675   -6.956  1.00 49.81 ? 106 DA  D "C5'" 1 
ATOM   570  C "C4'" . DA  C 1 6  ? -10.856 4.880   -7.437  1.00 50.00 ? 106 DA  D "C4'" 1 
ATOM   571  O "O4'" . DA  C 1 6  ? -10.775 5.897   -6.404  1.00 50.00 ? 106 DA  D "O4'" 1 
ATOM   572  C "C3'" . DA  C 1 6  ? -9.413  4.580   -7.849  1.00 50.00 ? 106 DA  D "C3'" 1 
ATOM   573  O "O3'" . DA  C 1 6  ? -9.082  5.386   -8.989  1.00 50.00 ? 106 DA  D "O3'" 1 
ATOM   574  C "C2'" . DA  C 1 6  ? -8.597  5.042   -6.651  1.00 50.00 ? 106 DA  D "C2'" 1 
ATOM   575  C "C1'" . DA  C 1 6  ? -9.412  6.210   -6.124  1.00 47.27 ? 106 DA  D "C1'" 1 
ATOM   576  N N9    . DA  C 1 6  ? -9.286  6.416   -4.683  1.00 47.13 ? 106 DA  D N9    1 
ATOM   577  C C8    . DA  C 1 6  ? -9.359  5.481   -3.671  1.00 47.58 ? 106 DA  D C8    1 
ATOM   578  N N7    . DA  C 1 6  ? -9.226  5.990   -2.475  1.00 44.29 ? 106 DA  D N7    1 
ATOM   579  C C5    . DA  C 1 6  ? -9.051  7.350   -2.713  1.00 43.76 ? 106 DA  D C5    1 
ATOM   580  C C6    . DA  C 1 6  ? -8.863  8.442   -1.854  1.00 43.69 ? 106 DA  D C6    1 
ATOM   581  N N6    . DA  C 1 6  ? -8.821  8.334   -0.524  1.00 42.07 ? 106 DA  D N6    1 
ATOM   582  N N1    . DA  C 1 6  ? -8.721  9.666   -2.412  1.00 42.39 ? 106 DA  D N1    1 
ATOM   583  C C2    . DA  C 1 6  ? -8.764  9.769   -3.740  1.00 43.29 ? 106 DA  D C2    1 
ATOM   584  N N3    . DA  C 1 6  ? -8.939  8.819   -4.650  1.00 43.80 ? 106 DA  D N3    1 
ATOM   585  C C4    . DA  C 1 6  ? -9.078  7.621   -4.064  1.00 44.15 ? 106 DA  D C4    1 
ATOM   586  P P     . DT  C 1 7  ? -7.673  5.182   -9.742  1.00 50.00 ? 107 DT  D P     1 
ATOM   587  O OP1   . DT  C 1 7  ? -8.017  4.605   -11.084 1.00 50.00 ? 107 DT  D OP1   1 
ATOM   588  O OP2   . DT  C 1 7  ? -6.701  4.447   -8.845  1.00 49.96 ? 107 DT  D OP2   1 
ATOM   589  O "O5'" . DT  C 1 7  ? -7.148  6.682   -9.976  1.00 50.00 ? 107 DT  D "O5'" 1 
ATOM   590  C "C5'" . DT  C 1 7  ? -7.605  7.781   -9.143  1.00 48.71 ? 107 DT  D "C5'" 1 
ATOM   591  C "C4'" . DT  C 1 7  ? -6.500  8.792   -8.932  1.00 50.00 ? 107 DT  D "C4'" 1 
ATOM   592  O "O4'" . DT  C 1 7  ? -6.410  9.100   -7.515  1.00 49.27 ? 107 DT  D "O4'" 1 
ATOM   593  C "C3'" . DT  C 1 7  ? -5.098  8.336   -9.352  1.00 49.43 ? 107 DT  D "C3'" 1 
ATOM   594  O "O3'" . DT  C 1 7  ? -4.371  9.454   -9.894  1.00 50.00 ? 107 DT  D "O3'" 1 
ATOM   595  C "C2'" . DT  C 1 7  ? -4.457  7.896   -8.047  1.00 48.67 ? 107 DT  D "C2'" 1 
ATOM   596  C "C1'" . DT  C 1 7  ? -5.110  8.812   -7.017  1.00 46.52 ? 107 DT  D "C1'" 1 
ATOM   597  N N1    . DT  C 1 7  ? -5.268  8.203   -5.677  1.00 45.94 ? 107 DT  D N1    1 
ATOM   598  C C2    . DT  C 1 7  ? -5.436  9.046   -4.598  1.00 43.75 ? 107 DT  D C2    1 
ATOM   599  O O2    . DT  C 1 7  ? -5.448  10.271  -4.710  1.00 43.06 ? 107 DT  D O2    1 
ATOM   600  N N3    . DT  C 1 7  ? -5.586  8.395   -3.376  1.00 40.75 ? 107 DT  D N3    1 
ATOM   601  C C4    . DT  C 1 7  ? -5.564  7.021   -3.145  1.00 37.66 ? 107 DT  D C4    1 
ATOM   602  O O4    . DT  C 1 7  ? -5.687  6.577   -1.990  1.00 25.89 ? 107 DT  D O4    1 
ATOM   603  C C5    . DT  C 1 7  ? -5.383  6.203   -4.335  1.00 39.47 ? 107 DT  D C5    1 
ATOM   604  C C7    . DT  C 1 7  ? -5.355  4.714   -4.201  1.00 41.65 ? 107 DT  D C7    1 
ATOM   605  C C6    . DT  C 1 7  ? -5.249  6.826   -5.516  1.00 44.61 ? 107 DT  D C6    1 
ATOM   606  P P     . A   C 1 8  ? -3.215  9.200   -10.995 1.00 50.00 ? 108 A   D P     1 
ATOM   607  O OP1   . A   C 1 8  ? -2.067  10.137  -10.734 1.00 50.00 ? 108 A   D OP1   1 
ATOM   608  O OP2   . A   C 1 8  ? -3.884  9.209   -12.344 1.00 50.00 ? 108 A   D OP2   1 
ATOM   609  O "O5'" . A   C 1 8  ? -2.701  7.733   -10.645 1.00 46.54 ? 108 A   D "O5'" 1 
ATOM   610  C "C5'" . A   C 1 8  ? -2.677  6.724   -11.642 1.00 45.04 ? 108 A   D "C5'" 1 
ATOM   611  C "C4'" . A   C 1 8  ? -2.110  5.478   -11.065 1.00 42.91 ? 108 A   D "C4'" 1 
ATOM   612  O "O4'" . A   C 1 8  ? -2.133  4.435   -12.066 1.00 45.64 ? 108 A   D "O4'" 1 
ATOM   613  C "C3'" . A   C 1 8  ? -0.675  5.605   -10.586 1.00 43.85 ? 108 A   D "C3'" 1 
ATOM   614  O "O3'" . A   C 1 8  ? -0.563  4.843   -9.383  1.00 50.00 ? 108 A   D "O3'" 1 
ATOM   615  C "C2'" . A   C 1 8  ? 0.132   4.968   -11.721 1.00 46.15 ? 108 A   D "C2'" 1 
ATOM   616  O "O2'" . A   C 1 8  ? 1.322   4.351   -11.266 1.00 47.09 ? 108 A   D "O2'" 1 
ATOM   617  C "C1'" . A   C 1 8  ? -0.835  3.902   -12.232 1.00 43.85 ? 108 A   D "C1'" 1 
ATOM   618  N N9    . A   C 1 8  ? -0.697  3.470   -13.629 1.00 42.10 ? 108 A   D N9    1 
ATOM   619  C C8    . A   C 1 8  ? -1.751  3.240   -14.484 1.00 41.96 ? 108 A   D C8    1 
ATOM   620  N N7    . A   C 1 8  ? -1.392  2.803   -15.665 1.00 40.35 ? 108 A   D N7    1 
ATOM   621  C C5    . A   C 1 8  ? -0.007  2.753   -15.599 1.00 38.26 ? 108 A   D C5    1 
ATOM   622  C C6    . A   C 1 8  ? 0.966   2.387   -16.550 1.00 38.66 ? 108 A   D C6    1 
ATOM   623  N N6    . A   C 1 8  ? 0.663   2.002   -17.794 1.00 38.76 ? 108 A   D N6    1 
ATOM   624  N N1    . A   C 1 8  ? 2.269   2.447   -16.182 1.00 37.41 ? 108 A   D N1    1 
ATOM   625  C C2    . A   C 1 8  ? 2.559   2.875   -14.942 1.00 39.14 ? 108 A   D C2    1 
ATOM   626  N N3    . A   C 1 8  ? 1.729   3.263   -13.960 1.00 41.41 ? 108 A   D N3    1 
ATOM   627  C C4    . A   C 1 8  ? 0.442   3.174   -14.355 1.00 41.08 ? 108 A   D C4    1 
ATOM   628  P P     . C   C 1 9  ? -0.016  5.544   -8.023  1.00 50.00 ? 109 C   D P     1 
ATOM   629  O OP1   . C   C 1 9  ? 1.474   5.333   -7.960  1.00 50.00 ? 109 C   D OP1   1 
ATOM   630  O OP2   . C   C 1 9  ? -0.868  5.104   -6.867  1.00 47.75 ? 109 C   D OP2   1 
ATOM   631  O "O5'" . C   C 1 9  ? -0.280  7.104   -8.255  1.00 50.00 ? 109 C   D "O5'" 1 
ATOM   632  C "C5'" . C   C 1 9  ? 0.708   8.078   -7.857  1.00 48.66 ? 109 C   D "C5'" 1 
ATOM   633  C "C4'" . C   C 1 9  ? 0.048   9.404   -7.567  1.00 47.86 ? 109 C   D "C4'" 1 
ATOM   634  O "O4'" . C   C 1 9  ? -1.281  9.170   -7.043  1.00 46.85 ? 109 C   D "O4'" 1 
ATOM   635  C "C3'" . C   C 1 9  ? 0.756   10.186  -6.475  1.00 46.46 ? 109 C   D "C3'" 1 
ATOM   636  O "O3'" . C   C 1 9  ? 1.870   10.904  -6.946  1.00 49.98 ? 109 C   D "O3'" 1 
ATOM   637  C "C2'" . C   C 1 9  ? -0.352  11.030  -5.878  1.00 45.01 ? 109 C   D "C2'" 1 
ATOM   638  O "O2'" . C   C 1 9  ? -0.618  12.202  -6.606  1.00 46.31 ? 109 C   D "O2'" 1 
ATOM   639  C "C1'" . C   C 1 9  ? -1.539  10.073  -5.979  1.00 45.76 ? 109 C   D "C1'" 1 
ATOM   640  N N1    . C   C 1 9  ? -1.713  9.296   -4.741  1.00 40.04 ? 109 C   D N1    1 
ATOM   641  C C2    . C   C 1 9  ? -1.967  9.990   -3.558  1.00 39.04 ? 109 C   D C2    1 
ATOM   642  O O2    . C   C 1 9  ? -1.991  11.233  -3.602  1.00 37.75 ? 109 C   D O2    1 
ATOM   643  N N3    . C   C 1 9  ? -2.169  9.299   -2.406  1.00 35.91 ? 109 C   D N3    1 
ATOM   644  C C4    . C   C 1 9  ? -2.106  7.971   -2.415  1.00 31.46 ? 109 C   D C4    1 
ATOM   645  N N4    . C   C 1 9  ? -2.328  7.337   -1.286  1.00 29.15 ? 109 C   D N4    1 
ATOM   646  C C5    . C   C 1 9  ? -1.817  7.234   -3.601  1.00 35.70 ? 109 C   D C5    1 
ATOM   647  C C6    . C   C 1 9  ? -1.633  7.932   -4.735  1.00 37.67 ? 109 C   D C6    1 
ATOM   648  P P     . G   C 1 10 ? 3.318   10.510  -6.386  1.00 50.00 ? 110 G   D P     1 
ATOM   649  O OP1   . G   C 1 10 ? 4.398   11.110  -7.221  1.00 50.00 ? 110 G   D OP1   1 
ATOM   650  O OP2   . G   C 1 10 ? 3.275   9.032   -6.190  1.00 49.95 ? 110 G   D OP2   1 
ATOM   651  O "O5'" . G   C 1 10 ? 3.347   11.220  -4.966  1.00 48.64 ? 110 G   D "O5'" 1 
ATOM   652  C "C5'" . G   C 1 10 ? 3.237   12.643  -4.862  1.00 44.68 ? 110 G   D "C5'" 1 
ATOM   653  C "C4'" . G   C 1 10 ? 3.406   13.056  -3.429  1.00 40.83 ? 110 G   D "C4'" 1 
ATOM   654  O "O4'" . G   C 1 10 ? 2.197   12.765  -2.687  1.00 40.77 ? 110 G   D "O4'" 1 
ATOM   655  C "C3'" . G   C 1 10 ? 4.488   12.288  -2.701  1.00 41.30 ? 110 G   D "C3'" 1 
ATOM   656  O "O3'" . G   C 1 10 ? 5.791   12.817  -2.922  1.00 38.39 ? 110 G   D "O3'" 1 
ATOM   657  C "C2'" . G   C 1 10 ? 4.043   12.403  -1.251  1.00 43.12 ? 110 G   D "C2'" 1 
ATOM   658  O "O2'" . G   C 1 10 ? 4.382   13.664  -0.716  1.00 50.00 ? 110 G   D "O2'" 1 
ATOM   659  C "C1'" . G   C 1 10 ? 2.526   12.342  -1.381  1.00 38.81 ? 110 G   D "C1'" 1 
ATOM   660  N N9    . G   C 1 10 ? 1.982   10.999  -1.154  1.00 38.94 ? 110 G   D N9    1 
ATOM   661  C C8    . G   C 1 10 ? 1.638   10.061  -2.100  1.00 35.46 ? 110 G   D C8    1 
ATOM   662  N N7    . G   C 1 10 ? 1.171   8.954   -1.582  1.00 33.77 ? 110 G   D N7    1 
ATOM   663  C C5    . G   C 1 10 ? 1.218   9.165   -0.212  1.00 33.85 ? 110 G   D C5    1 
ATOM   664  C C6    . G   C 1 10 ? 0.864   8.304   0.872   1.00 36.73 ? 110 G   D C6    1 
ATOM   665  O O6    . G   C 1 10 ? 0.459   7.133   0.835   1.00 38.20 ? 110 G   D O6    1 
ATOM   666  N N1    . G   C 1 10 ? 1.044   8.933   2.103   1.00 37.39 ? 110 G   D N1    1 
ATOM   667  C C2    . G   C 1 10 ? 1.518   10.207  2.274   1.00 39.58 ? 110 G   D C2    1 
ATOM   668  N N2    . G   C 1 10 ? 1.583   10.638  3.532   1.00 38.46 ? 110 G   D N2    1 
ATOM   669  N N3    . G   C 1 10 ? 1.888   11.002  1.279   1.00 36.65 ? 110 G   D N3    1 
ATOM   670  C C4    . G   C 1 10 ? 1.708   10.424  0.072   1.00 35.76 ? 110 G   D C4    1 
ATOM   671  P P     . U   C 1 11 ? 7.071   11.874  -2.685  1.00 41.37 ? 111 U   D P     1 
ATOM   672  O OP1   . U   C 1 11 ? 8.290   12.686  -2.864  1.00 50.00 ? 111 U   D OP1   1 
ATOM   673  O OP2   . U   C 1 11 ? 6.915   10.599  -3.453  1.00 40.46 ? 111 U   D OP2   1 
ATOM   674  O "O5'" . U   C 1 11 ? 7.015   11.540  -1.132  1.00 44.93 ? 111 U   D "O5'" 1 
ATOM   675  C "C5'" . U   C 1 11 ? 7.299   12.544  -0.142  1.00 38.43 ? 111 U   D "C5'" 1 
ATOM   676  C "C4'" . U   C 1 11 ? 7.089   11.967  1.229   1.00 35.70 ? 111 U   D "C4'" 1 
ATOM   677  O "O4'" . U   C 1 11 ? 5.720   11.484  1.301   1.00 36.10 ? 111 U   D "O4'" 1 
ATOM   678  C "C3'" . U   C 1 11 ? 7.915   10.731  1.558   1.00 32.80 ? 111 U   D "C3'" 1 
ATOM   679  O "O3'" . U   C 1 11 ? 9.317   10.813  1.799   1.00 33.22 ? 111 U   D "O3'" 1 
ATOM   680  C "C2'" . U   C 1 11 ? 7.079   10.035  2.615   1.00 30.52 ? 111 U   D "C2'" 1 
ATOM   681  O "O2'" . U   C 1 11 ? 7.223   10.652  3.866   1.00 30.33 ? 111 U   D "O2'" 1 
ATOM   682  C "C1'" . U   C 1 11 ? 5.663   10.324  2.115   1.00 31.65 ? 111 U   D "C1'" 1 
ATOM   683  N N1    . U   C 1 11 ? 5.114   9.220   1.314   1.00 30.92 ? 111 U   D N1    1 
ATOM   684  C C2    . U   C 1 11 ? 4.663   8.084   1.975   1.00 26.31 ? 111 U   D C2    1 
ATOM   685  O O2    . U   C 1 11 ? 4.654   7.970   3.169   1.00 17.63 ? 111 U   D O2    1 
ATOM   686  N N3    . U   C 1 11 ? 4.208   7.092   1.168   1.00 27.48 ? 111 U   D N3    1 
ATOM   687  C C4    . U   C 1 11 ? 4.120   7.115   -0.191  1.00 30.05 ? 111 U   D C4    1 
ATOM   688  O O4    . U   C 1 11 ? 3.532   6.208   -0.755  1.00 27.98 ? 111 U   D O4    1 
ATOM   689  C C5    . U   C 1 11 ? 4.593   8.315   -0.802  1.00 30.95 ? 111 U   D C5    1 
ATOM   690  C C6    . U   C 1 11 ? 5.062   9.303   -0.046  1.00 31.08 ? 111 U   D C6    1 
ATOM   691  O "O5'" . G   D 1 1  ? -1.894  1.227   6.798   1.00 38.05 ? 121 G   C "O5'" 1 
ATOM   692  C "C5'" . G   D 1 1  ? -1.463  0.837   8.092   1.00 35.42 ? 121 G   C "C5'" 1 
ATOM   693  C "C4'" . G   D 1 1  ? -0.635  1.862   8.835   1.00 40.56 ? 121 G   C "C4'" 1 
ATOM   694  O "O4'" . G   D 1 1  ? 0.746   1.769   8.394   1.00 43.77 ? 121 G   C "O4'" 1 
ATOM   695  C "C3'" . G   D 1 1  ? -1.020  3.332   8.681   1.00 41.00 ? 121 G   C "C3'" 1 
ATOM   696  O "O3'" . G   D 1 1  ? -2.024  3.758   9.614   1.00 42.62 ? 121 G   C "O3'" 1 
ATOM   697  C "C2'" . G   D 1 1  ? 0.312   4.017   8.951   1.00 42.17 ? 121 G   C "C2'" 1 
ATOM   698  O "O2'" . G   D 1 1  ? 0.579   4.018   10.340  1.00 39.85 ? 121 G   C "O2'" 1 
ATOM   699  C "C1'" . G   D 1 1  ? 1.292   3.068   8.251   1.00 40.82 ? 121 G   C "C1'" 1 
ATOM   700  N N9    . G   D 1 1  ? 1.395   3.334   6.813   1.00 39.02 ? 121 G   C N9    1 
ATOM   701  C C8    . G   D 1 1  ? 0.795   2.607   5.818   1.00 38.32 ? 121 G   C C8    1 
ATOM   702  N N7    . G   D 1 1  ? 0.997   3.091   4.631   1.00 37.28 ? 121 G   C N7    1 
ATOM   703  C C5    . G   D 1 1  ? 1.787   4.211   4.845   1.00 37.78 ? 121 G   C C5    1 
ATOM   704  C C6    . G   D 1 1  ? 2.305   5.169   3.921   1.00 35.32 ? 121 G   C C6    1 
ATOM   705  O O6    . G   D 1 1  ? 2.135   5.242   2.704   1.00 32.00 ? 121 G   C O6    1 
ATOM   706  N N1    . G   D 1 1  ? 3.079   6.116   4.558   1.00 32.74 ? 121 G   C N1    1 
ATOM   707  C C2    . G   D 1 1  ? 3.326   6.163   5.888   1.00 36.76 ? 121 G   C C2    1 
ATOM   708  N N2    . G   D 1 1  ? 4.147   7.142   6.271   1.00 37.44 ? 121 G   C N2    1 
ATOM   709  N N3    . G   D 1 1  ? 2.823   5.309   6.775   1.00 38.86 ? 121 G   C N3    1 
ATOM   710  C C4    . G   D 1 1  ? 2.066   4.361   6.183   1.00 38.17 ? 121 G   C C4    1 
ATOM   711  P P     . C   D 1 2  ? -3.178  4.786   9.141   1.00 44.20 ? 122 C   C P     1 
ATOM   712  O OP1   . C   D 1 2  ? -4.211  4.837   10.203  1.00 50.00 ? 122 C   C OP1   1 
ATOM   713  O OP2   . C   D 1 2  ? -3.584  4.467   7.746   1.00 43.81 ? 122 C   C OP2   1 
ATOM   714  O "O5'" . C   D 1 2  ? -2.459  6.201   9.145   1.00 42.43 ? 122 C   C "O5'" 1 
ATOM   715  C "C5'" . C   D 1 2  ? -1.651  6.604   10.257  1.00 40.25 ? 122 C   C "C5'" 1 
ATOM   716  C "C4'" . C   D 1 2  ? -0.802  7.783   9.871   1.00 41.28 ? 122 C   C "C4'" 1 
ATOM   717  O "O4'" . C   D 1 2  ? 0.296   7.350   9.018   1.00 41.77 ? 122 C   C "O4'" 1 
ATOM   718  C "C3'" . C   D 1 2  ? -1.530  8.839   9.052   1.00 39.76 ? 122 C   C "C3'" 1 
ATOM   719  O "O3'" . C   D 1 2  ? -2.224  9.764   9.858   1.00 37.88 ? 122 C   C "O3'" 1 
ATOM   720  C "C2'" . C   D 1 2  ? -0.392  9.510   8.313   1.00 39.48 ? 122 C   C "C2'" 1 
ATOM   721  O "O2'" . C   D 1 2  ? 0.261   10.444  9.152   1.00 46.30 ? 122 C   C "O2'" 1 
ATOM   722  C "C1'" . C   D 1 2  ? 0.526   8.323   8.017   1.00 35.96 ? 122 C   C "C1'" 1 
ATOM   723  N N1    . C   D 1 2  ? 0.157   7.733   6.723   1.00 37.44 ? 122 C   C N1    1 
ATOM   724  C C2    . C   D 1 2  ? 0.642   8.316   5.531   1.00 34.75 ? 122 C   C C2    1 
ATOM   725  O O2    . C   D 1 2  ? 1.433   9.251   5.601   1.00 34.48 ? 122 C   C O2    1 
ATOM   726  N N3    . C   D 1 2  ? 0.229   7.836   4.341   1.00 37.95 ? 122 C   C N3    1 
ATOM   727  C C4    . C   D 1 2  ? -0.625  6.810   4.300   1.00 37.30 ? 122 C   C C4    1 
ATOM   728  N N4    . C   D 1 2  ? -1.052  6.402   3.101   1.00 34.22 ? 122 C   C N4    1 
ATOM   729  C C5    . C   D 1 2  ? -1.093  6.164   5.493   1.00 39.78 ? 122 C   C C5    1 
ATOM   730  C C6    . C   D 1 2  ? -0.676  6.654   6.669   1.00 36.94 ? 122 C   C C6    1 
ATOM   731  P P     . G   D 1 3  ? -3.123  10.884  9.165   1.00 40.41 ? 123 G   C P     1 
ATOM   732  O OP1   . G   D 1 3  ? -3.334  11.935  10.190  1.00 44.23 ? 123 G   C OP1   1 
ATOM   733  O OP2   . G   D 1 3  ? -4.297  10.308  8.476   1.00 46.14 ? 123 G   C OP2   1 
ATOM   734  O "O5'" . G   D 1 3  ? -2.186  11.425  8.009   1.00 42.65 ? 123 G   C "O5'" 1 
ATOM   735  C "C5'" . G   D 1 3  ? -1.456  12.636  8.146   1.00 43.86 ? 123 G   C "C5'" 1 
ATOM   736  C "C4'" . G   D 1 3  ? -1.314  13.283  6.802   1.00 40.41 ? 123 G   C "C4'" 1 
ATOM   737  O "O4'" . G   D 1 3  ? -0.569  12.427  5.896   1.00 42.57 ? 123 G   C "O4'" 1 
ATOM   738  C "C3'" . G   D 1 3  ? -2.635  13.474  6.107   1.00 38.38 ? 123 G   C "C3'" 1 
ATOM   739  O "O3'" . G   D 1 3  ? -3.197  14.685  6.481   1.00 37.06 ? 123 G   C "O3'" 1 
ATOM   740  C "C2'" . G   D 1 3  ? -2.249  13.547  4.645   1.00 40.36 ? 123 G   C "C2'" 1 
ATOM   741  O "O2'" . G   D 1 3  ? -1.852  14.835  4.267   1.00 43.44 ? 123 G   C "O2'" 1 
ATOM   742  C "C1'" . G   D 1 3  ? -1.065  12.592  4.578   1.00 41.28 ? 123 G   C "C1'" 1 
ATOM   743  N N9    . G   D 1 3  ? -1.512  11.300  4.083   1.00 42.80 ? 123 G   C N9    1 
ATOM   744  C C8    . G   D 1 3  ? -1.861  10.218  4.844   1.00 42.55 ? 123 G   C C8    1 
ATOM   745  N N7    . G   D 1 3  ? -2.236  9.193   4.134   1.00 42.85 ? 123 G   C N7    1 
ATOM   746  C C5    . G   D 1 3  ? -2.124  9.626   2.819   1.00 42.60 ? 123 G   C C5    1 
ATOM   747  C C6    . G   D 1 3  ? -2.388  8.945   1.620   1.00 41.65 ? 123 G   C C6    1 
ATOM   748  O O6    . G   D 1 3  ? -2.744  7.775   1.473   1.00 44.61 ? 123 G   C O6    1 
ATOM   749  N N1    . G   D 1 3  ? -2.175  9.755   0.509   1.00 38.96 ? 123 G   C N1    1 
ATOM   750  C C2    . G   D 1 3  ? -1.731  11.049  0.555   1.00 38.95 ? 123 G   C C2    1 
ATOM   751  N N2    . G   D 1 3  ? -1.553  11.651  -0.626  1.00 34.44 ? 123 G   C N2    1 
ATOM   752  N N3    . G   D 1 3  ? -1.467  11.698  1.680   1.00 40.90 ? 123 G   C N3    1 
ATOM   753  C C4    . G   D 1 3  ? -1.685  10.927  2.768   1.00 41.82 ? 123 G   C C4    1 
ATOM   754  P P     . DA  D 1 4  ? -4.612  15.081  5.885   1.00 43.28 ? 124 DA  C P     1 
ATOM   755  O OP1   . DA  D 1 4  ? -5.002  16.391  6.461   1.00 43.19 ? 124 DA  C OP1   1 
ATOM   756  O OP2   . DA  D 1 4  ? -5.464  13.894  6.130   1.00 42.04 ? 124 DA  C OP2   1 
ATOM   757  O "O5'" . DA  D 1 4  ? -4.355  15.260  4.316   1.00 42.85 ? 124 DA  C "O5'" 1 
ATOM   758  C "C5'" . DA  D 1 4  ? -3.950  16.534  3.771   1.00 41.93 ? 124 DA  C "C5'" 1 
ATOM   759  C "C4'" . DA  D 1 4  ? -3.790  16.456  2.268   1.00 42.32 ? 124 DA  C "C4'" 1 
ATOM   760  O "O4'" . DA  D 1 4  ? -3.225  15.177  1.917   1.00 44.61 ? 124 DA  C "O4'" 1 
ATOM   761  C "C3'" . DA  D 1 4  ? -5.065  16.551  1.436   1.00 45.04 ? 124 DA  C "C3'" 1 
ATOM   762  O "O3'" . DA  D 1 4  ? -5.377  17.905  1.120   1.00 48.13 ? 124 DA  C "O3'" 1 
ATOM   763  C "C2'" . DA  D 1 4  ? -4.701  15.816  0.162   1.00 45.09 ? 124 DA  C "C2'" 1 
ATOM   764  C "C1'" . DA  D 1 4  ? -3.738  14.750  0.651   1.00 43.22 ? 124 DA  C "C1'" 1 
ATOM   765  N N9    . DA  D 1 4  ? -4.364  13.445  0.838   1.00 41.95 ? 124 DA  C N9    1 
ATOM   766  C C8    . DA  D 1 4  ? -4.702  12.828  2.016   1.00 40.78 ? 124 DA  C C8    1 
ATOM   767  N N7    . DA  D 1 4  ? -5.190  11.623  1.857   1.00 42.08 ? 124 DA  C N7    1 
ATOM   768  C C5    . DA  D 1 4  ? -5.184  11.438  0.477   1.00 40.13 ? 124 DA  C C5    1 
ATOM   769  C C6    . DA  D 1 4  ? -5.556  10.355  -0.334  1.00 38.95 ? 124 DA  C C6    1 
ATOM   770  N N6    . DA  D 1 4  ? -6.023  9.194   0.140   1.00 38.17 ? 124 DA  C N6    1 
ATOM   771  N N1    . DA  D 1 4  ? -5.422  10.503  -1.669  1.00 41.03 ? 124 DA  C N1    1 
ATOM   772  C C2    . DA  D 1 4  ? -4.949  11.660  -2.146  1.00 40.21 ? 124 DA  C C2    1 
ATOM   773  N N3    . DA  D 1 4  ? -4.564  12.746  -1.488  1.00 41.04 ? 124 DA  C N3    1 
ATOM   774  C C4    . DA  D 1 4  ? -4.701  12.564  -0.162  1.00 40.62 ? 124 DA  C C4    1 
ATOM   775  P P     . DT  D 1 5  ? -6.908  18.316  0.904   1.00 50.00 ? 125 DT  C P     1 
ATOM   776  O OP1   . DT  D 1 5  ? -7.099  19.717  1.383   1.00 50.00 ? 125 DT  C OP1   1 
ATOM   777  O OP2   . DT  D 1 5  ? -7.705  17.210  1.523   1.00 50.00 ? 125 DT  C OP2   1 
ATOM   778  O "O5'" . DT  D 1 5  ? -7.162  18.232  -0.671  1.00 50.00 ? 125 DT  C "O5'" 1 
ATOM   779  C "C5'" . DT  D 1 5  ? -6.088  18.342  -1.619  1.00 50.00 ? 125 DT  C "C5'" 1 
ATOM   780  C "C4'" . DT  D 1 5  ? -6.419  17.558  -2.874  1.00 50.00 ? 125 DT  C "C4'" 1 
ATOM   781  O "O4'" . DT  D 1 5  ? -6.113  16.154  -2.747  1.00 50.00 ? 125 DT  C "O4'" 1 
ATOM   782  C "C3'" . DT  D 1 5  ? -7.872  17.623  -3.327  1.00 49.99 ? 125 DT  C "C3'" 1 
ATOM   783  O "O3'" . DT  D 1 5  ? -7.995  18.786  -4.163  1.00 50.00 ? 125 DT  C "O3'" 1 
ATOM   784  C "C2'" . DT  D 1 5  ? -8.040  16.330  -4.111  1.00 47.89 ? 125 DT  C "C2'" 1 
ATOM   785  C "C1'" . DT  D 1 5  ? -7.033  15.372  -3.497  1.00 47.09 ? 125 DT  C "C1'" 1 
ATOM   786  N N1    . DT  D 1 5  ? -7.565  14.347  -2.594  1.00 47.36 ? 125 DT  C N1    1 
ATOM   787  C C2    . DT  D 1 5  ? -7.719  13.053  -3.058  1.00 47.66 ? 125 DT  C C2    1 
ATOM   788  O O2    . DT  D 1 5  ? -7.486  12.718  -4.210  1.00 49.90 ? 125 DT  C O2    1 
ATOM   789  N N3    . DT  D 1 5  ? -8.156  12.159  -2.112  1.00 45.95 ? 125 DT  C N3    1 
ATOM   790  C C4    . DT  D 1 5  ? -8.449  12.424  -0.791  1.00 45.47 ? 125 DT  C C4    1 
ATOM   791  O O4    . DT  D 1 5  ? -8.812  11.521  -0.062  1.00 44.79 ? 125 DT  C O4    1 
ATOM   792  C C5    . DT  D 1 5  ? -8.284  13.802  -0.384  1.00 45.89 ? 125 DT  C C5    1 
ATOM   793  C C7    . DT  D 1 5  ? -8.570  14.182  1.031   1.00 45.97 ? 125 DT  C C7    1 
ATOM   794  C C6    . DT  D 1 5  ? -7.871  14.684  -1.295  1.00 46.47 ? 125 DT  C C6    1 
ATOM   795  P P     . DA  D 1 6  ? -9.364  19.087  -4.947  1.00 50.00 ? 126 DA  C P     1 
ATOM   796  O OP1   . DA  D 1 6  ? -9.056  20.133  -5.982  1.00 45.98 ? 126 DA  C OP1   1 
ATOM   797  O OP2   . DA  D 1 6  ? -10.421 19.352  -3.931  1.00 48.78 ? 126 DA  C OP2   1 
ATOM   798  O "O5'" . DA  D 1 6  ? -9.661  17.710  -5.691  1.00 47.65 ? 126 DA  C "O5'" 1 
ATOM   799  C "C5'" . DA  D 1 6  ? -8.751  17.185  -6.670  1.00 46.67 ? 126 DA  C "C5'" 1 
ATOM   800  C "C4'" . DA  D 1 6  ? -9.447  16.101  -7.450  1.00 45.54 ? 126 DA  C "C4'" 1 
ATOM   801  O "O4'" . DA  D 1 6  ? -9.638  14.937  -6.603  1.00 45.48 ? 126 DA  C "O4'" 1 
ATOM   802  C "C3'" . DA  D 1 6  ? -10.842 16.562  -7.867  1.00 46.09 ? 126 DA  C "C3'" 1 
ATOM   803  O "O3'" . DA  D 1 6  ? -11.154 16.092  -9.178  1.00 46.75 ? 126 DA  C "O3'" 1 
ATOM   804  C "C2'" . DA  D 1 6  ? -11.750 15.927  -6.826  1.00 46.85 ? 126 DA  C "C2'" 1 
ATOM   805  C "C1'" . DA  D 1 6  ? -11.025 14.641  -6.475  1.00 45.62 ? 126 DA  C "C1'" 1 
ATOM   806  N N9    . DA  D 1 6  ? -11.267 14.173  -5.109  1.00 46.71 ? 126 DA  C N9    1 
ATOM   807  C C8    . DA  D 1 6  ? -11.391 14.948  -3.981  1.00 47.70 ? 126 DA  C C8    1 
ATOM   808  N N7    . DA  D 1 6  ? -11.565 14.259  -2.878  1.00 47.51 ? 126 DA  C N7    1 
ATOM   809  C C5    . DA  D 1 6  ? -11.564 12.936  -3.302  1.00 43.69 ? 126 DA  C C5    1 
ATOM   810  C C6    . DA  D 1 6  ? -11.687 11.719  -2.601  1.00 40.92 ? 126 DA  C C6    1 
ATOM   811  N N6    . DA  D 1 6  ? -11.788 11.640  -1.268  1.00 37.58 ? 126 DA  C N6    1 
ATOM   812  N N1    . DA  D 1 6  ? -11.682 10.579  -3.321  1.00 38.71 ? 126 DA  C N1    1 
ATOM   813  C C2    . DA  D 1 6  ? -11.530 10.666  -4.653  1.00 40.75 ? 126 DA  C C2    1 
ATOM   814  N N3    . DA  D 1 6  ? -11.376 11.748  -5.424  1.00 41.67 ? 126 DA  C N3    1 
ATOM   815  C C4    . DA  D 1 6  ? -11.403 12.866  -4.679  1.00 44.25 ? 126 DA  C C4    1 
ATOM   816  P P     . DT  D 1 7  ? -12.685 16.117  -9.683  1.00 50.00 ? 127 DT  C P     1 
ATOM   817  O OP1   . DT  D 1 7  ? -12.691 15.758  -11.138 1.00 50.00 ? 127 DT  C OP1   1 
ATOM   818  O OP2   . DT  D 1 7  ? -13.335 17.382  -9.227  1.00 50.00 ? 127 DT  C OP2   1 
ATOM   819  O "O5'" . DT  D 1 7  ? -13.367 14.924  -8.878  1.00 49.90 ? 127 DT  C "O5'" 1 
ATOM   820  C "C5'" . DT  D 1 7  ? -13.131 13.553  -9.223  1.00 39.34 ? 127 DT  C "C5'" 1 
ATOM   821  C "C4'" . DT  D 1 7  ? -14.264 12.707  -8.696  1.00 39.86 ? 127 DT  C "C4'" 1 
ATOM   822  O "O4'" . DT  D 1 7  ? -14.092 12.381  -7.287  1.00 40.13 ? 127 DT  C "O4'" 1 
ATOM   823  C "C3'" . DT  D 1 7  ? -15.624 13.407  -8.806  1.00 39.91 ? 127 DT  C "C3'" 1 
ATOM   824  O "O3'" . DT  D 1 7  ? -16.600 12.495  -9.319  1.00 45.12 ? 127 DT  C "O3'" 1 
ATOM   825  C "C2'" . DT  D 1 7  ? -15.970 13.775  -7.368  1.00 33.34 ? 127 DT  C "C2'" 1 
ATOM   826  C "C1'" . DT  D 1 7  ? -15.343 12.602  -6.634  1.00 36.20 ? 127 DT  C "C1'" 1 
ATOM   827  N N1    . DT  D 1 7  ? -15.125 12.660  -5.149  1.00 38.81 ? 127 DT  C N1    1 
ATOM   828  C C2    . DT  D 1 7  ? -15.131 11.449  -4.465  1.00 39.49 ? 127 DT  C C2    1 
ATOM   829  O O2    . DT  D 1 7  ? -15.315 10.368  -5.012  1.00 44.44 ? 127 DT  C O2    1 
ATOM   830  N N3    . DT  D 1 7  ? -14.909 11.548  -3.118  1.00 36.68 ? 127 DT  C N3    1 
ATOM   831  C C4    . DT  D 1 7  ? -14.686 12.698  -2.393  1.00 37.87 ? 127 DT  C C4    1 
ATOM   832  O O4    . DT  D 1 7  ? -14.483 12.624  -1.176  1.00 43.92 ? 127 DT  C O4    1 
ATOM   833  C C5    . DT  D 1 7  ? -14.702 13.930  -3.163  1.00 36.23 ? 127 DT  C C5    1 
ATOM   834  C C7    . DT  D 1 7  ? -14.472 15.228  -2.456  1.00 34.00 ? 127 DT  C C7    1 
ATOM   835  C C6    . DT  D 1 7  ? -14.922 13.850  -4.483  1.00 36.15 ? 127 DT  C C6    1 
ATOM   836  P P     . A   D 1 8  ? -17.614 12.997  -10.461 1.00 50.00 ? 128 A   C P     1 
ATOM   837  O OP1   . A   D 1 8  ? -18.775 12.039  -10.593 1.00 50.00 ? 128 A   C OP1   1 
ATOM   838  O OP2   . A   D 1 8  ? -16.805 13.362  -11.675 1.00 50.00 ? 128 A   C OP2   1 
ATOM   839  O "O5'" . A   D 1 8  ? -18.162 14.363  -9.873  1.00 49.26 ? 128 A   C "O5'" 1 
ATOM   840  C "C5'" . A   D 1 8  ? -18.094 15.566  -10.655 1.00 44.38 ? 128 A   C "C5'" 1 
ATOM   841  C "C4'" . A   D 1 8  ? -18.331 16.737  -9.757  1.00 42.73 ? 128 A   C "C4'" 1 
ATOM   842  O "O4'" . A   D 1 8  ? -18.452 17.953  -10.530 1.00 40.14 ? 128 A   C "O4'" 1 
ATOM   843  C "C3'" . A   D 1 8  ? -19.628 16.641  -8.964  1.00 43.34 ? 128 A   C "C3'" 1 
ATOM   844  O "O3'" . A   D 1 8  ? -19.390 15.852  -7.787  1.00 49.94 ? 128 A   C "O3'" 1 
ATOM   845  C "C2'" . A   D 1 8  ? -19.944 18.106  -8.650  1.00 43.94 ? 128 A   C "C2'" 1 
ATOM   846  O "O2'" . A   D 1 8  ? -19.310 18.552  -7.458  1.00 43.74 ? 128 A   C "O2'" 1 
ATOM   847  C "C1'" . A   D 1 8  ? -19.325 18.838  -9.854  1.00 40.78 ? 128 A   C "C1'" 1 
ATOM   848  N N9    . A   D 1 8  ? -20.233 19.440  -10.829 1.00 41.70 ? 128 A   C N9    1 
ATOM   849  C C8    . A   D 1 8  ? -21.337 18.911  -11.464 1.00 43.09 ? 128 A   C C8    1 
ATOM   850  N N7    . A   D 1 8  ? -21.901 19.736  -12.318 1.00 40.86 ? 128 A   C N7    1 
ATOM   851  C C5    . A   D 1 8  ? -21.117 20.887  -12.240 1.00 42.21 ? 128 A   C C5    1 
ATOM   852  C C6    . A   D 1 8  ? -21.172 22.136  -12.913 1.00 43.00 ? 128 A   C C6    1 
ATOM   853  N N6    . A   D 1 8  ? -22.084 22.451  -13.847 1.00 37.46 ? 128 A   C N6    1 
ATOM   854  N N1    . A   D 1 8  ? -20.238 23.064  -12.588 1.00 45.40 ? 128 A   C N1    1 
ATOM   855  C C2    . A   D 1 8  ? -19.318 22.751  -11.654 1.00 44.54 ? 128 A   C C2    1 
ATOM   856  N N3    . A   D 1 8  ? -19.161 21.618  -10.966 1.00 43.18 ? 128 A   C N3    1 
ATOM   857  C C4    . A   D 1 8  ? -20.099 20.720  -11.312 1.00 42.13 ? 128 A   C C4    1 
ATOM   858  P P     . C   D 1 9  ? -20.598 15.031  -7.097  1.00 50.00 ? 129 C   C P     1 
ATOM   859  O OP1   . C   D 1 9  ? -21.692 14.832  -8.086  1.00 50.00 ? 129 C   C OP1   1 
ATOM   860  O OP2   . C   D 1 9  ? -20.898 15.683  -5.786  1.00 44.77 ? 129 C   C OP2   1 
ATOM   861  O "O5'" . C   D 1 9  ? -19.983 13.598  -6.761  1.00 44.55 ? 129 C   C "O5'" 1 
ATOM   862  C "C5'" . C   D 1 9  ? -20.605 12.807  -5.739  1.00 38.82 ? 129 C   C "C5'" 1 
ATOM   863  C "C4'" . C   D 1 9  ? -20.132 11.378  -5.781  1.00 32.18 ? 129 C   C "C4'" 1 
ATOM   864  O "O4'" . C   D 1 9  ? -18.772 11.297  -5.287  1.00 33.55 ? 129 C   C "O4'" 1 
ATOM   865  C "C3'" . C   D 1 9  ? -20.956 10.532  -4.829  1.00 27.47 ? 129 C   C "C3'" 1 
ATOM   866  O "O3'" . C   D 1 9  ? -22.065 10.032  -5.510  1.00 26.86 ? 129 C   C "O3'" 1 
ATOM   867  C "C2'" . C   D 1 9  ? -19.969 9.484   -4.352  1.00 30.32 ? 129 C   C "C2'" 1 
ATOM   868  O "O2'" . C   D 1 9  ? -19.775 8.451   -5.288  1.00 33.22 ? 129 C   C "O2'" 1 
ATOM   869  C "C1'" . C   D 1 9  ? -18.693 10.322  -4.252  1.00 32.11 ? 129 C   C "C1'" 1 
ATOM   870  N N1    . C   D 1 9  ? -18.568 11.068  -2.976  1.00 31.10 ? 129 C   C N1    1 
ATOM   871  C C2    . C   D 1 9  ? -18.294 10.379  -1.774  1.00 31.43 ? 129 C   C C2    1 
ATOM   872  O O2    . C   D 1 9  ? -18.272 9.146   -1.768  1.00 33.14 ? 129 C   C O2    1 
ATOM   873  N N3    . C   D 1 9  ? -18.062 11.086  -0.651  1.00 33.93 ? 129 C   C N3    1 
ATOM   874  C C4    . C   D 1 9  ? -18.101 12.423  -0.685  1.00 35.62 ? 129 C   C C4    1 
ATOM   875  N N4    . C   D 1 9  ? -17.765 13.095  0.433   1.00 36.36 ? 129 C   C N4    1 
ATOM   876  C C5    . C   D 1 9  ? -18.458 13.142  -1.871  1.00 33.95 ? 129 C   C C5    1 
ATOM   877  C C6    . C   D 1 9  ? -18.682 12.433  -2.976  1.00 29.56 ? 129 C   C C6    1 
ATOM   878  P P     . G   D 1 10 ? -23.515 10.586  -5.146  1.00 31.37 ? 130 G   C P     1 
ATOM   879  O OP1   . G   D 1 10 ? -24.393 10.289  -6.308  1.00 32.62 ? 130 G   C OP1   1 
ATOM   880  O OP2   . G   D 1 10 ? -23.392 11.980  -4.687  1.00 28.77 ? 130 G   C OP2   1 
ATOM   881  O "O5'" . G   D 1 10 ? -23.914 9.585   -3.981  1.00 29.84 ? 130 G   C "O5'" 1 
ATOM   882  C "C5'" . G   D 1 10 ? -23.648 8.194   -4.179  1.00 28.12 ? 130 G   C "C5'" 1 
ATOM   883  C "C4'" . G   D 1 10 ? -23.645 7.449   -2.881  1.00 28.94 ? 130 G   C "C4'" 1 
ATOM   884  O "O4'" . G   D 1 10 ? -22.382 7.582   -2.187  1.00 32.60 ? 130 G   C "O4'" 1 
ATOM   885  C "C3'" . G   D 1 10 ? -24.704 7.842   -1.867  1.00 33.08 ? 130 G   C "C3'" 1 
ATOM   886  O "O3'" . G   D 1 10 ? -25.955 7.271   -2.204  1.00 21.19 ? 130 G   C "O3'" 1 
ATOM   887  C "C2'" . G   D 1 10 ? -24.110 7.282   -0.568  1.00 34.34 ? 130 G   C "C2'" 1 
ATOM   888  O "O2'" . G   D 1 10 ? -24.367 5.912   -0.328  1.00 42.38 ? 130 G   C "O2'" 1 
ATOM   889  C "C1'" . G   D 1 10 ? -22.606 7.497   -0.789  1.00 31.88 ? 130 G   C "C1'" 1 
ATOM   890  N N9    . G   D 1 10 ? -22.207 8.767   -0.203  1.00 29.90 ? 130 G   C N9    1 
ATOM   891  C C8    . G   D 1 10 ? -22.009 9.937   -0.878  1.00 28.11 ? 130 G   C C8    1 
ATOM   892  N N7    . G   D 1 10 ? -21.675 10.923  -0.100  1.00 30.72 ? 130 G   C N7    1 
ATOM   893  C C5    . G   D 1 10 ? -21.640 10.369  1.171   1.00 29.25 ? 130 G   C C5    1 
ATOM   894  C C6    . G   D 1 10 ? -21.326 10.959  2.422   1.00 26.23 ? 130 G   C C6    1 
ATOM   895  O O6    . G   D 1 10 ? -20.975 12.109  2.653   1.00 25.83 ? 130 G   C O6    1 
ATOM   896  N N1    . G   D 1 10 ? -21.452 10.053  3.463   1.00 25.61 ? 130 G   C N1    1 
ATOM   897  C C2    . G   D 1 10 ? -21.812 8.741   3.327   1.00 26.69 ? 130 G   C C2    1 
ATOM   898  N N2    . G   D 1 10 ? -21.889 8.041   4.457   1.00 25.31 ? 130 G   C N2    1 
ATOM   899  N N3    . G   D 1 10 ? -22.080 8.163   2.162   1.00 27.92 ? 130 G   C N3    1 
ATOM   900  C C4    . G   D 1 10 ? -21.977 9.038   1.128   1.00 29.32 ? 130 G   C C4    1 
ATOM   901  P P     . U   D 1 11 ? -27.308 7.981   -1.765  1.00 27.87 ? 131 U   C P     1 
ATOM   902  O OP1   . U   D 1 11 ? -28.335 6.947   -2.063  1.00 42.56 ? 131 U   C OP1   1 
ATOM   903  O OP2   . U   D 1 11 ? -27.492 9.338   -2.317  1.00 23.97 ? 131 U   C OP2   1 
ATOM   904  O "O5'" . U   D 1 11 ? -27.220 8.061   -0.171  1.00 34.44 ? 131 U   C "O5'" 1 
ATOM   905  C "C5'" . U   D 1 11 ? -27.466 6.906   0.663   1.00 28.23 ? 131 U   C "C5'" 1 
ATOM   906  C "C4'" . U   D 1 11 ? -27.252 7.246   2.126   1.00 23.04 ? 131 U   C "C4'" 1 
ATOM   907  O "O4'" . U   D 1 11 ? -25.880 7.724   2.300   1.00 25.06 ? 131 U   C "O4'" 1 
ATOM   908  C "C3'" . U   D 1 11 ? -28.103 8.370   2.688   1.00 20.33 ? 131 U   C "C3'" 1 
ATOM   909  O "O3'" . U   D 1 11 ? -29.510 8.257   2.931   1.00 23.89 ? 131 U   C "O3'" 1 
ATOM   910  C "C2'" . U   D 1 11 ? -27.265 8.898   3.836   1.00 17.20 ? 131 U   C "C2'" 1 
ATOM   911  O "O2'" . U   D 1 11 ? -27.334 8.122   5.011   1.00 29.16 ? 131 U   C "O2'" 1 
ATOM   912  C "C1'" . U   D 1 11 ? -25.854 8.746   3.285   1.00 21.78 ? 131 U   C "C1'" 1 
ATOM   913  N N1    . U   D 1 11 ? -25.380 10.000  2.682   1.00 22.02 ? 131 U   C N1    1 
ATOM   914  C C2    . U   D 1 11 ? -24.988 11.031  3.541   1.00 20.78 ? 131 U   C C2    1 
ATOM   915  O O2    . U   D 1 11 ? -24.984 10.935  4.723   1.00 9.85  ? 131 U   C O2    1 
ATOM   916  N N3    . U   D 1 11 ? -24.591 12.177  2.933   1.00 20.37 ? 131 U   C N3    1 
ATOM   917  C C4    . U   D 1 11 ? -24.527 12.422  1.596   1.00 21.36 ? 131 U   C C4    1 
ATOM   918  O O4    . U   D 1 11 ? -24.258 13.560  1.222   1.00 18.13 ? 131 U   C O4    1 
ATOM   919  C C5    . U   D 1 11 ? -24.923 11.311  0.755   1.00 22.83 ? 131 U   C C5    1 
ATOM   920  C C6    . U   D 1 11 ? -25.330 10.170  1.319   1.00 20.82 ? 131 U   C C6    1 
HETATM 921  N N1    . SPD E 2 .  ? -17.518 5.909   14.039  1.00 49.79 ? 200 SPD D N1    1 
HETATM 922  C C2    . SPD E 2 .  ? -17.733 7.086   14.916  1.00 49.90 ? 200 SPD D C2    1 
HETATM 923  C C3    . SPD E 2 .  ? -16.503 7.971   14.943  1.00 49.79 ? 200 SPD D C3    1 
HETATM 924  C C4    . SPD E 2 .  ? -16.695 9.179   15.849  1.00 50.00 ? 200 SPD D C4    1 
HETATM 925  C C5    . SPD E 2 .  ? -15.565 10.177  15.635  1.00 50.00 ? 200 SPD D C5    1 
HETATM 926  N N6    . SPD E 2 .  ? -15.654 10.793  14.309  1.00 50.00 ? 200 SPD D N6    1 
HETATM 927  C C7    . SPD E 2 .  ? -14.424 11.493  13.942  1.00 50.00 ? 200 SPD D C7    1 
HETATM 928  C C8    . SPD E 2 .  ? -14.710 12.418  12.767  1.00 49.81 ? 200 SPD D C8    1 
HETATM 929  C C9    . SPD E 2 .  ? -13.583 13.381  12.427  1.00 49.34 ? 200 SPD D C9    1 
HETATM 930  N N10   . SPD E 2 .  ? -14.024 14.343  11.366  1.00 47.34 ? 200 SPD D N10   1 
HETATM 931  O O     . HOH F 3 .  ? 21.233  -10.196 -9.827  1.00 43.89 ? 205 HOH A O     1 
HETATM 932  O O     . HOH F 3 .  ? 20.427  -20.565 -2.129  1.00 32.31 ? 208 HOH A O     1 
HETATM 933  O O     . HOH F 3 .  ? 21.806  -16.534 0.095   1.00 23.28 ? 214 HOH A O     1 
HETATM 934  O O     . HOH F 3 .  ? 9.455   -32.161 -8.287  1.00 40.85 ? 215 HOH A O     1 
HETATM 935  O O     . HOH F 3 .  ? 19.724  -18.128 -1.697  1.00 49.36 ? 219 HOH A O     1 
HETATM 936  O O     . HOH F 3 .  ? 2.570   -0.427  2.226   1.00 28.21 ? 221 HOH A O     1 
HETATM 937  O O     . HOH F 3 .  ? 19.332  -13.048 -9.494  1.00 28.22 ? 222 HOH A O     1 
HETATM 938  O O     . HOH F 3 .  ? 14.948  -11.539 4.971   1.00 35.17 ? 224 HOH A O     1 
HETATM 939  O O     . HOH F 3 .  ? 11.938  -31.017 -9.840  1.00 31.83 ? 227 HOH A O     1 
HETATM 940  O O     . HOH F 3 .  ? 12.431  7.593   -0.379  1.00 33.60 ? 231 HOH A O     1 
HETATM 941  O O     . HOH F 3 .  ? 11.144  0.784   2.033   1.00 43.00 ? 239 HOH A O     1 
HETATM 942  O O     . HOH F 3 .  ? 3.830   1.322   -0.346  1.00 30.87 ? 241 HOH A O     1 
HETATM 943  O O     . HOH F 3 .  ? 15.915  -13.160 1.952   1.00 33.15 ? 242 HOH A O     1 
HETATM 944  O O     . HOH F 3 .  ? 5.349   -27.495 -9.705  1.00 35.68 ? 246 HOH A O     1 
HETATM 945  O O     . HOH F 3 .  ? 14.889  -20.704 4.620   1.00 49.09 ? 252 HOH A O     1 
HETATM 946  O O     . HOH F 3 .  ? 13.307  -21.094 1.825   1.00 47.27 ? 253 HOH A O     1 
HETATM 947  O O     . HOH F 3 .  ? 24.227  -20.340 -0.772  1.00 41.26 ? 257 HOH A O     1 
HETATM 948  O O     . HOH F 3 .  ? 22.043  -19.712 0.882   1.00 41.55 ? 258 HOH A O     1 
HETATM 949  O O     . HOH F 3 .  ? 24.101  -19.816 -11.891 1.00 41.08 ? 260 HOH A O     1 
HETATM 950  O O     . HOH F 3 .  ? 19.496  -18.197 -12.625 1.00 35.06 ? 281 HOH A O     1 
HETATM 951  O O     . HOH G 3 .  ? 15.331  -13.546 -9.179  1.00 18.93 ? 201 HOH B O     1 
HETATM 952  O O     . HOH G 3 .  ? 0.411   -12.989 7.588   1.00 27.89 ? 207 HOH B O     1 
HETATM 953  O O     . HOH G 3 .  ? -2.218  -1.103  3.870   1.00 44.15 ? 209 HOH B O     1 
HETATM 954  O O     . HOH G 3 .  ? 6.368   -5.021  -1.231  1.00 25.54 ? 211 HOH B O     1 
HETATM 955  O O     . HOH G 3 .  ? 19.949  -0.188  -3.036  1.00 35.94 ? 216 HOH B O     1 
HETATM 956  O O     . HOH G 3 .  ? -1.713  -10.863 9.722   1.00 42.88 ? 218 HOH B O     1 
HETATM 957  O O     . HOH G 3 .  ? 27.944  -5.260  1.700   1.00 24.91 ? 229 HOH B O     1 
HETATM 958  O O     . HOH G 3 .  ? 1.496   -7.835  -1.555  1.00 34.33 ? 237 HOH B O     1 
HETATM 959  O O     . HOH G 3 .  ? 17.214  -6.191  -3.260  1.00 24.21 ? 240 HOH B O     1 
HETATM 960  O O     . HOH G 3 .  ? 2.853   -3.414  14.683  1.00 34.45 ? 243 HOH B O     1 
HETATM 961  O O     . HOH G 3 .  ? 16.295  -8.680  -1.066  1.00 31.24 ? 248 HOH B O     1 
HETATM 962  O O     . HOH G 3 .  ? 13.678  -6.617  -1.107  1.00 39.14 ? 249 HOH B O     1 
HETATM 963  O O     . HOH G 3 .  ? -1.081  -5.436  3.357   1.00 40.81 ? 259 HOH B O     1 
HETATM 964  O O     . HOH G 3 .  ? 2.976   -7.957  -4.432  1.00 41.34 ? 265 HOH B O     1 
HETATM 965  O O     . HOH G 3 .  ? 4.560   -6.665  -3.203  1.00 34.69 ? 279 HOH B O     1 
HETATM 966  O O     . HOH H 3 .  ? 0.807   4.543   -0.612  1.00 22.61 ? 202 HOH D O     1 
HETATM 967  O O     . HOH H 3 .  ? -6.320  5.148   0.180   1.00 43.37 ? 203 HOH D O     1 
HETATM 968  O O     . HOH H 3 .  ? -14.129 4.767   11.256  1.00 45.83 ? 204 HOH D O     1 
HETATM 969  O O     . HOH H 3 .  ? 3.185   16.616  -1.384  1.00 50.00 ? 206 HOH D O     1 
HETATM 970  O O     . HOH H 3 .  ? -13.547 9.627   3.825   1.00 39.70 ? 217 HOH D O     1 
HETATM 971  O O     . HOH H 3 .  ? -11.448 -1.351  -3.348  1.00 24.99 ? 228 HOH D O     1 
HETATM 972  O O     . HOH H 3 .  ? -2.848  13.426  -4.666  1.00 50.00 ? 234 HOH D O     1 
HETATM 973  O O     . HOH H 3 .  ? -11.850 1.708   7.524   1.00 46.46 ? 235 HOH D O     1 
HETATM 974  O O     . HOH H 3 .  ? -17.014 15.494  5.739   1.00 36.17 ? 238 HOH D O     1 
HETATM 975  O O     . HOH H 3 .  ? -0.903  0.415   -19.056 1.00 45.85 ? 244 HOH D O     1 
HETATM 976  O O     . HOH H 3 .  ? -20.110 3.730   2.362   1.00 43.52 ? 245 HOH D O     1 
HETATM 977  O O     . HOH H 3 .  ? -4.849  2.777   0.101   1.00 43.22 ? 247 HOH D O     1 
HETATM 978  O O     . HOH H 3 .  ? -15.497 -0.624  7.502   1.00 41.60 ? 263 HOH D O     1 
HETATM 979  O O     . HOH H 3 .  ? -12.127 -1.469  6.643   1.00 41.45 ? 264 HOH D O     1 
HETATM 980  O O     . HOH H 3 .  ? -15.864 12.484  5.851   1.00 40.59 ? 266 HOH D O     1 
HETATM 981  O O     . HOH H 3 .  ? 3.922   5.174   -12.352 1.00 40.98 ? 268 HOH D O     1 
HETATM 982  O O     . HOH H 3 .  ? 0.660   1.118   -10.437 1.00 40.95 ? 272 HOH D O     1 
HETATM 983  O O     . HOH H 3 .  ? -14.734 -0.203  3.510   1.00 34.90 ? 273 HOH D O     1 
HETATM 984  O O     . HOH H 3 .  ? -15.631 -2.512  5.457   1.00 35.00 ? 276 HOH D O     1 
HETATM 985  O O     . HOH H 3 .  ? -7.054  1.619   -8.363  1.00 34.85 ? 278 HOH D O     1 
HETATM 986  O O     . HOH I 3 .  ? -21.083 15.302  1.765   1.00 28.96 ? 210 HOH C O     1 
HETATM 987  O O     . HOH I 3 .  ? -30.965 7.937   6.235   1.00 40.57 ? 212 HOH C O     1 
HETATM 988  O O     . HOH I 3 .  ? -15.472 8.829   -7.321  1.00 50.00 ? 213 HOH C O     1 
HETATM 989  O O     . HOH I 3 .  ? -15.288 19.821  -9.420  1.00 43.24 ? 223 HOH C O     1 
HETATM 990  O O     . HOH I 3 .  ? -10.792 12.259  -8.189  1.00 41.64 ? 225 HOH C O     1 
HETATM 991  O O     . HOH I 3 .  ? -27.505 10.096  -5.624  1.00 36.57 ? 226 HOH C O     1 
HETATM 992  O O     . HOH I 3 .  ? -11.606 11.419  -11.652 1.00 43.02 ? 232 HOH C O     1 
HETATM 993  O O     . HOH I 3 .  ? -22.004 17.537  -4.067  1.00 46.38 ? 233 HOH C O     1 
HETATM 994  O O     . HOH I 3 .  ? -26.417 12.564  -2.409  1.00 35.65 ? 236 HOH C O     1 
HETATM 995  O O     . HOH I 3 .  ? -0.204  2.431   1.530   1.00 36.66 ? 250 HOH C O     1 
HETATM 996  O O     . HOH I 3 .  ? -19.505 6.357   -2.693  1.00 39.86 ? 251 HOH C O     1 
HETATM 997  O O     . HOH I 3 .  ? -20.427 8.922   -9.334  1.00 47.82 ? 254 HOH C O     1 
HETATM 998  O O     . HOH I 3 .  ? -3.012  4.063   2.758   1.00 40.95 ? 255 HOH C O     1 
HETATM 999  O O     . HOH I 3 .  ? -5.618  7.311   2.168   1.00 41.00 ? 256 HOH C O     1 
HETATM 1000 O O     . HOH I 3 .  ? -17.185 8.555   -11.871 1.00 41.18 ? 261 HOH C O     1 
HETATM 1001 O O     . HOH I 3 .  ? -16.584 9.230   -9.563  1.00 41.14 ? 262 HOH C O     1 
HETATM 1002 O O     . HOH I 3 .  ? -18.079 21.145  -5.509  1.00 41.26 ? 267 HOH C O     1 
HETATM 1003 O O     . HOH I 3 .  ? -22.204 21.872  -8.725  1.00 40.79 ? 269 HOH C O     1 
HETATM 1004 O O     . HOH I 3 .  ? -15.752 17.164  -12.673 1.00 41.10 ? 270 HOH C O     1 
HETATM 1005 O O     . HOH I 3 .  ? -12.176 14.793  -14.422 1.00 40.97 ? 271 HOH C O     1 
HETATM 1006 O O     . HOH I 3 .  ? -23.534 24.367  -14.207 1.00 34.67 ? 274 HOH C O     1 
HETATM 1007 O O     . HOH I 3 .  ? -26.514 4.340   -1.449  1.00 35.07 ? 275 HOH C O     1 
HETATM 1008 O O     . HOH I 3 .  ? -15.183 9.785   -12.534 1.00 35.03 ? 277 HOH C O     1 
HETATM 1009 O O     . HOH I 3 .  ? -21.547 5.670   -4.395  1.00 34.73 ? 280 HOH C O     1 
# 
